data_2HG6
#
_entry.id   2HG6
#
_cell.length_a   1.000
_cell.length_b   1.000
_cell.length_c   1.000
_cell.angle_alpha   90.00
_cell.angle_beta   90.00
_cell.angle_gamma   90.00
#
_symmetry.space_group_name_H-M   'P 1'
#
_entity_poly.entity_id   1
_entity_poly.type   'polypeptide(L)'
_entity_poly.pdbx_seq_one_letter_code
;MGSSHHHHHHSSGRENLYFQGHMSITSTDICQAADALKGFVGFNRKTGRYIVRFSEDSFGMDVADDSITPTSEFVWSSVR
DDVMRLGREQLQILLEQNINERLNIGEPLLVYLRRQDLPEITAQRQLR
;
_entity_poly.pdbx_strand_id   A
#
# COMPACT_ATOMS: atom_id res chain seq x y z
N MET A 23 6.86 19.33 4.39
CA MET A 23 7.67 18.09 4.41
C MET A 23 7.96 17.66 5.86
N SER A 24 7.20 18.19 6.80
CA SER A 24 7.34 17.81 8.20
C SER A 24 6.34 16.71 8.54
N ILE A 25 6.53 16.06 9.69
CA ILE A 25 5.65 14.97 10.09
C ILE A 25 4.28 15.49 10.46
N THR A 26 3.25 14.80 10.01
CA THR A 26 1.88 15.23 10.21
C THR A 26 1.27 14.62 11.46
N SER A 27 0.02 14.97 11.73
CA SER A 27 -0.72 14.46 12.87
C SER A 27 -1.29 13.07 12.57
N THR A 28 -2.14 12.58 13.49
CA THR A 28 -2.77 11.25 13.37
C THR A 28 -3.43 11.03 12.00
N ASP A 29 -3.79 12.13 11.34
CA ASP A 29 -4.36 12.07 9.98
C ASP A 29 -3.47 11.27 9.02
N ILE A 30 -2.20 11.11 9.39
CA ILE A 30 -1.27 10.28 8.62
C ILE A 30 -1.83 8.88 8.39
N CYS A 31 -2.59 8.37 9.37
CA CYS A 31 -3.20 7.06 9.27
C CYS A 31 -4.25 7.03 8.17
N GLN A 32 -4.99 8.12 8.04
CA GLN A 32 -6.07 8.21 7.06
C GLN A 32 -5.51 8.37 5.65
N ALA A 33 -4.38 9.06 5.56
CA ALA A 33 -3.74 9.30 4.27
C ALA A 33 -3.30 8.00 3.59
N ALA A 34 -3.26 6.92 4.35
CA ALA A 34 -2.90 5.62 3.80
C ALA A 34 -4.02 5.05 2.94
N ASP A 35 -5.21 5.63 3.08
CA ASP A 35 -6.37 5.21 2.29
C ASP A 35 -6.37 5.91 0.94
N ALA A 36 -5.64 7.02 0.84
CA ALA A 36 -5.59 7.82 -0.37
C ALA A 36 -4.94 7.06 -1.53
N LEU A 37 -4.04 6.15 -1.18
CA LEU A 37 -3.36 5.33 -2.18
C LEU A 37 -4.37 4.48 -2.94
N LYS A 38 -4.31 4.53 -4.25
CA LYS A 38 -5.26 3.80 -5.09
C LYS A 38 -4.54 3.04 -6.19
N GLY A 39 -5.10 1.91 -6.57
CA GLY A 39 -4.52 1.11 -7.64
C GLY A 39 -4.39 -0.35 -7.28
N PHE A 40 -4.39 -1.20 -8.28
CA PHE A 40 -4.27 -2.64 -8.06
C PHE A 40 -2.91 -3.11 -8.56
N VAL A 41 -2.10 -3.61 -7.66
CA VAL A 41 -0.75 -4.04 -8.04
C VAL A 41 -0.73 -5.55 -8.25
N GLY A 42 -0.11 -5.96 -9.36
CA GLY A 42 -0.03 -7.37 -9.71
C GLY A 42 1.28 -7.71 -10.39
N PHE A 43 1.70 -8.96 -10.25
CA PHE A 43 2.97 -9.40 -10.80
C PHE A 43 2.76 -9.93 -12.22
N ASN A 44 3.32 -9.24 -13.20
CA ASN A 44 3.16 -9.65 -14.59
C ASN A 44 4.35 -10.51 -15.01
N ARG A 45 4.06 -11.62 -15.68
CA ARG A 45 5.11 -12.55 -16.10
C ARG A 45 5.76 -12.11 -17.41
N LYS A 46 5.24 -11.04 -18.00
CA LYS A 46 5.76 -10.54 -19.26
C LYS A 46 7.08 -9.81 -19.05
N THR A 47 7.12 -8.94 -18.04
CA THR A 47 8.34 -8.22 -17.70
C THR A 47 8.96 -8.78 -16.42
N GLY A 48 8.17 -9.60 -15.71
CA GLY A 48 8.65 -10.21 -14.49
C GLY A 48 8.83 -9.21 -13.37
N ARG A 49 7.83 -8.37 -13.16
CA ARG A 49 7.88 -7.40 -12.07
C ARG A 49 6.50 -7.07 -11.53
N TYR A 50 6.47 -6.51 -10.34
CA TYR A 50 5.24 -6.17 -9.65
C TYR A 50 4.78 -4.78 -10.11
N ILE A 51 3.74 -4.74 -10.92
CA ILE A 51 3.30 -3.48 -11.53
C ILE A 51 1.89 -3.12 -11.11
N VAL A 52 1.57 -1.84 -11.16
CA VAL A 52 0.26 -1.37 -10.72
C VAL A 52 -0.63 -1.01 -11.91
N ARG A 53 -1.84 -1.56 -11.92
CA ARG A 53 -2.83 -1.25 -12.93
C ARG A 53 -4.13 -0.80 -12.27
N PHE A 54 -5.06 -0.29 -13.05
CA PHE A 54 -6.33 0.17 -12.52
C PHE A 54 -7.47 -0.69 -13.05
N SER A 55 -7.12 -1.67 -13.86
CA SER A 55 -8.09 -2.61 -14.39
C SER A 55 -7.74 -4.03 -13.99
N GLU A 56 -8.56 -4.62 -13.14
CA GLU A 56 -8.35 -6.01 -12.69
C GLU A 56 -8.58 -6.97 -13.84
N ASP A 57 -9.37 -6.53 -14.81
CA ASP A 57 -9.78 -7.36 -15.94
C ASP A 57 -8.69 -7.44 -17.00
N SER A 58 -7.57 -6.76 -16.77
CA SER A 58 -6.52 -6.67 -17.78
C SER A 58 -5.68 -7.94 -17.83
N PHE A 59 -5.68 -8.69 -16.73
CA PHE A 59 -4.84 -9.87 -16.62
C PHE A 59 -5.67 -11.14 -16.70
N GLY A 60 -5.24 -12.06 -17.56
CA GLY A 60 -5.92 -13.33 -17.68
C GLY A 60 -5.22 -14.43 -16.89
N MET A 61 -4.60 -15.36 -17.60
CA MET A 61 -3.96 -16.50 -16.96
C MET A 61 -2.47 -16.24 -16.74
N ASP A 62 -2.00 -15.09 -17.22
CA ASP A 62 -0.59 -14.74 -17.10
C ASP A 62 -0.25 -14.20 -15.72
N VAL A 63 -1.27 -13.88 -14.95
CA VAL A 63 -1.07 -13.34 -13.61
C VAL A 63 -2.00 -14.02 -12.62
N ALA A 64 -1.44 -14.46 -11.50
CA ALA A 64 -2.24 -15.04 -10.43
C ALA A 64 -3.09 -13.97 -9.77
N ASP A 65 -4.39 -14.19 -9.69
CA ASP A 65 -5.31 -13.18 -9.17
C ASP A 65 -5.06 -12.92 -7.69
N ASP A 66 -4.46 -13.90 -7.02
CA ASP A 66 -4.10 -13.77 -5.60
C ASP A 66 -2.97 -12.75 -5.44
N SER A 67 -2.21 -12.52 -6.50
CA SER A 67 -1.09 -11.59 -6.45
C SER A 67 -1.54 -10.19 -6.82
N ILE A 68 -2.80 -10.04 -7.19
CA ILE A 68 -3.37 -8.73 -7.49
C ILE A 68 -4.04 -8.18 -6.24
N THR A 69 -3.53 -7.08 -5.73
CA THR A 69 -4.04 -6.50 -4.50
C THR A 69 -4.05 -4.98 -4.58
N PRO A 70 -5.16 -4.35 -4.15
CA PRO A 70 -5.23 -2.90 -4.02
C PRO A 70 -4.17 -2.37 -3.07
N THR A 71 -3.35 -1.45 -3.56
CA THR A 71 -2.25 -0.89 -2.77
C THR A 71 -2.78 -0.19 -1.51
N SER A 72 -4.07 0.14 -1.51
CA SER A 72 -4.71 0.76 -0.37
C SER A 72 -4.61 -0.13 0.88
N GLU A 73 -4.77 -1.43 0.68
CA GLU A 73 -4.77 -2.37 1.79
C GLU A 73 -3.47 -3.19 1.77
N PHE A 74 -2.69 -3.03 0.71
CA PHE A 74 -1.45 -3.76 0.55
C PHE A 74 -0.43 -3.36 1.62
N VAL A 75 -0.50 -2.10 2.04
CA VAL A 75 0.43 -1.57 3.03
C VAL A 75 0.09 -2.04 4.45
N TRP A 76 -1.08 -2.64 4.61
CA TRP A 76 -1.51 -3.11 5.90
C TRP A 76 -1.20 -4.59 6.07
N SER A 77 -0.45 -4.92 7.10
CA SER A 77 -0.10 -6.30 7.39
C SER A 77 -0.81 -6.76 8.67
N SER A 78 -1.80 -7.61 8.51
CA SER A 78 -2.56 -8.12 9.64
C SER A 78 -1.74 -9.14 10.43
N VAL A 79 -1.47 -8.82 11.68
CA VAL A 79 -0.71 -9.71 12.55
C VAL A 79 -1.66 -10.48 13.46
N ARG A 80 -2.84 -9.91 13.66
CA ARG A 80 -3.94 -10.60 14.32
C ARG A 80 -5.13 -10.61 13.37
N ASP A 81 -6.30 -10.97 13.86
CA ASP A 81 -7.49 -10.98 13.01
C ASP A 81 -7.84 -9.58 12.54
N ASP A 82 -8.15 -8.70 13.47
CA ASP A 82 -8.57 -7.35 13.12
C ASP A 82 -7.49 -6.32 13.41
N VAL A 83 -6.30 -6.79 13.76
CA VAL A 83 -5.20 -5.90 14.09
C VAL A 83 -4.18 -5.88 12.96
N MET A 84 -4.13 -4.76 12.24
CA MET A 84 -3.19 -4.61 11.14
C MET A 84 -2.09 -3.61 11.49
N ARG A 85 -0.88 -3.91 11.04
CA ARG A 85 0.25 -3.01 11.22
C ARG A 85 0.67 -2.45 9.87
N LEU A 86 0.94 -1.15 9.84
CA LEU A 86 1.38 -0.50 8.61
C LEU A 86 2.84 -0.83 8.34
N GLY A 87 3.09 -1.56 7.27
CA GLY A 87 4.45 -1.84 6.87
C GLY A 87 4.93 -0.83 5.85
N ARG A 88 5.68 0.16 6.30
CA ARG A 88 6.11 1.23 5.41
C ARG A 88 7.10 0.75 4.36
N GLU A 89 7.67 -0.43 4.57
CA GLU A 89 8.56 -1.04 3.57
C GLU A 89 7.78 -1.34 2.28
N GLN A 90 6.47 -1.48 2.38
CA GLN A 90 5.61 -1.72 1.22
C GLN A 90 5.74 -0.55 0.24
N LEU A 91 5.98 0.64 0.78
CA LEU A 91 6.11 1.84 -0.03
C LEU A 91 7.29 1.73 -0.99
N GLN A 92 8.30 0.95 -0.61
CA GLN A 92 9.46 0.75 -1.47
C GLN A 92 9.07 0.00 -2.74
N ILE A 93 8.05 -0.84 -2.63
CA ILE A 93 7.53 -1.55 -3.79
C ILE A 93 6.84 -0.57 -4.73
N LEU A 94 6.24 0.46 -4.15
CA LEU A 94 5.62 1.54 -4.92
C LEU A 94 6.71 2.44 -5.49
N LEU A 95 7.81 2.55 -4.74
CA LEU A 95 8.98 3.30 -5.16
C LEU A 95 9.55 2.70 -6.45
N GLU A 96 9.41 1.39 -6.60
CA GLU A 96 9.82 0.70 -7.82
C GLU A 96 9.03 1.24 -9.02
N GLN A 97 7.77 1.58 -8.79
CA GLN A 97 6.90 2.11 -9.83
C GLN A 97 7.24 3.59 -10.08
N ASN A 98 7.61 4.30 -9.02
CA ASN A 98 8.12 5.68 -9.12
C ASN A 98 7.01 6.65 -9.56
N ILE A 99 5.76 6.21 -9.45
CA ILE A 99 4.63 7.06 -9.83
C ILE A 99 3.81 7.47 -8.61
N ASN A 100 4.24 8.57 -7.98
CA ASN A 100 3.66 9.03 -6.73
C ASN A 100 2.26 9.59 -6.92
N GLU A 101 2.05 10.31 -8.01
CA GLU A 101 0.77 10.96 -8.27
C GLU A 101 -0.24 9.96 -8.82
N ARG A 102 0.27 8.96 -9.52
CA ARG A 102 -0.57 7.93 -10.12
C ARG A 102 -1.23 7.09 -9.03
N LEU A 103 -0.42 6.66 -8.07
CA LEU A 103 -0.92 5.89 -6.92
C LEU A 103 -1.58 6.81 -5.90
N ASN A 104 -1.26 8.10 -5.97
CA ASN A 104 -1.75 9.10 -5.03
C ASN A 104 -1.22 8.81 -3.62
N ILE A 105 0.09 8.87 -3.48
CA ILE A 105 0.72 8.73 -2.18
C ILE A 105 0.63 10.04 -1.42
N GLY A 106 -0.04 10.00 -0.28
CA GLY A 106 -0.21 11.19 0.52
C GLY A 106 1.10 11.75 1.04
N GLU A 107 1.12 13.03 1.33
CA GLU A 107 2.31 13.68 1.87
C GLU A 107 2.70 13.11 3.24
N PRO A 108 1.73 12.88 4.15
CA PRO A 108 2.00 12.15 5.41
C PRO A 108 2.68 10.80 5.16
N LEU A 109 2.42 10.22 4.00
CA LEU A 109 3.02 8.95 3.62
C LEU A 109 4.46 9.15 3.18
N LEU A 110 4.70 10.26 2.48
CA LEU A 110 6.05 10.61 2.03
C LEU A 110 6.98 10.83 3.21
N VAL A 111 6.48 11.50 4.24
CA VAL A 111 7.27 11.76 5.43
C VAL A 111 7.40 10.50 6.27
N TYR A 112 6.37 9.65 6.25
CA TYR A 112 6.35 8.40 7.01
C TYR A 112 7.45 7.45 6.54
N LEU A 113 7.85 7.62 5.29
CA LEU A 113 8.94 6.83 4.72
C LEU A 113 10.24 7.16 5.46
N ARG A 114 10.30 8.35 6.03
CA ARG A 114 11.48 8.81 6.74
C ARG A 114 11.29 8.66 8.25
N ARG A 115 10.42 9.49 8.81
CA ARG A 115 10.13 9.43 10.25
C ARG A 115 8.63 9.29 10.46
N GLN A 116 8.20 9.33 11.71
CA GLN A 116 6.79 9.06 12.02
C GLN A 116 6.34 9.76 13.30
N ASP A 117 5.03 9.95 13.40
CA ASP A 117 4.39 10.38 14.64
C ASP A 117 4.02 9.13 15.43
N LEU A 118 3.20 8.29 14.81
CA LEU A 118 2.97 6.94 15.30
C LEU A 118 4.06 6.03 14.73
N PRO A 119 4.85 5.37 15.60
CA PRO A 119 5.96 4.50 15.17
C PRO A 119 5.53 3.55 14.07
N GLU A 120 4.51 2.77 14.37
CA GLU A 120 3.87 1.92 13.40
C GLU A 120 2.38 2.19 13.43
N ILE A 121 1.82 2.52 12.29
CA ILE A 121 0.40 2.83 12.22
C ILE A 121 -0.39 1.55 12.39
N THR A 122 -1.07 1.44 13.52
CA THR A 122 -1.79 0.24 13.86
C THR A 122 -3.30 0.48 13.83
N ALA A 123 -4.01 -0.39 13.14
CA ALA A 123 -5.45 -0.30 13.05
C ALA A 123 -6.10 -1.59 13.50
N GLN A 124 -6.93 -1.50 14.52
CA GLN A 124 -7.65 -2.66 15.01
C GLN A 124 -9.05 -2.26 15.43
N ARG A 125 -10.01 -3.13 15.14
CA ARG A 125 -11.40 -2.87 15.49
C ARG A 125 -12.00 -4.07 16.21
N GLN A 126 -12.61 -3.82 17.35
CA GLN A 126 -13.22 -4.87 18.13
C GLN A 126 -14.67 -4.53 18.47
N LEU A 127 -15.47 -5.55 18.70
CA LEU A 127 -16.89 -5.37 18.97
C LEU A 127 -17.29 -6.10 20.23
N ARG A 128 -16.29 -6.38 21.07
CA ARG A 128 -16.53 -7.04 22.34
C ARG A 128 -16.97 -6.03 23.39
N MET A 23 7.90 19.15 5.54
CA MET A 23 8.40 17.76 5.61
C MET A 23 8.11 17.13 6.98
N SER A 24 7.33 17.83 7.80
CA SER A 24 6.96 17.32 9.11
C SER A 24 6.02 16.13 8.96
N ILE A 25 5.83 15.37 10.03
CA ILE A 25 4.92 14.25 10.00
C ILE A 25 3.52 14.73 10.37
N THR A 26 2.51 14.10 9.79
CA THR A 26 1.15 14.57 9.93
C THR A 26 0.44 13.90 11.11
N SER A 27 -0.82 14.24 11.28
CA SER A 27 -1.65 13.68 12.33
C SER A 27 -2.17 12.31 11.90
N THR A 28 -3.12 11.76 12.65
CA THR A 28 -3.74 10.47 12.36
C THR A 28 -4.23 10.39 10.90
N ASP A 29 -4.44 11.56 10.29
CA ASP A 29 -4.81 11.66 8.88
C ASP A 29 -3.86 10.84 8.00
N ILE A 30 -2.65 10.61 8.48
CA ILE A 30 -1.67 9.80 7.76
C ILE A 30 -2.21 8.38 7.53
N CYS A 31 -2.89 7.84 8.54
CA CYS A 31 -3.47 6.51 8.46
C CYS A 31 -4.72 6.54 7.58
N GLN A 32 -5.38 7.69 7.56
CA GLN A 32 -6.58 7.89 6.76
C GLN A 32 -6.21 7.99 5.28
N ALA A 33 -5.07 8.63 5.01
CA ALA A 33 -4.62 8.87 3.65
C ALA A 33 -4.19 7.58 2.95
N ALA A 34 -3.98 6.53 3.74
CA ALA A 34 -3.62 5.22 3.18
C ALA A 34 -4.79 4.63 2.40
N ASP A 35 -5.98 5.17 2.62
CA ASP A 35 -7.17 4.74 1.89
C ASP A 35 -7.21 5.37 0.50
N ALA A 36 -6.43 6.44 0.33
CA ALA A 36 -6.41 7.16 -0.95
C ALA A 36 -5.70 6.34 -2.03
N LEU A 37 -4.87 5.40 -1.61
CA LEU A 37 -4.14 4.55 -2.54
C LEU A 37 -5.11 3.69 -3.35
N LYS A 38 -5.14 3.90 -4.66
CA LYS A 38 -6.06 3.20 -5.53
C LYS A 38 -5.32 2.47 -6.63
N GLY A 39 -5.83 1.31 -7.03
CA GLY A 39 -5.21 0.52 -8.06
C GLY A 39 -5.01 -0.92 -7.63
N PHE A 40 -4.86 -1.80 -8.61
CA PHE A 40 -4.68 -3.22 -8.33
C PHE A 40 -3.27 -3.65 -8.69
N VAL A 41 -2.53 -4.11 -7.68
CA VAL A 41 -1.16 -4.50 -7.86
C VAL A 41 -1.06 -6.00 -8.08
N GLY A 42 -0.25 -6.41 -9.04
CA GLY A 42 -0.08 -7.82 -9.30
C GLY A 42 1.34 -8.12 -9.75
N PHE A 43 1.82 -9.31 -9.42
CA PHE A 43 3.16 -9.70 -9.82
C PHE A 43 3.13 -10.29 -11.22
N ASN A 44 3.94 -9.74 -12.10
CA ASN A 44 3.99 -10.20 -13.47
C ASN A 44 5.28 -10.97 -13.72
N ARG A 45 5.13 -12.27 -13.97
CA ARG A 45 6.27 -13.18 -14.14
C ARG A 45 7.21 -12.74 -15.26
N LYS A 46 6.66 -12.19 -16.34
CA LYS A 46 7.47 -11.87 -17.52
C LYS A 46 8.29 -10.60 -17.31
N THR A 47 7.93 -9.79 -16.31
CA THR A 47 8.71 -8.61 -15.99
C THR A 47 9.56 -8.85 -14.75
N GLY A 48 9.10 -9.75 -13.90
CA GLY A 48 9.83 -10.07 -12.68
C GLY A 48 9.63 -9.02 -11.62
N ARG A 49 8.56 -8.25 -11.75
CA ARG A 49 8.29 -7.16 -10.82
C ARG A 49 6.81 -7.07 -10.50
N TYR A 50 6.50 -6.27 -9.49
CA TYR A 50 5.13 -5.96 -9.15
C TYR A 50 4.65 -4.79 -10.02
N ILE A 51 3.55 -4.99 -10.72
CA ILE A 51 2.99 -3.95 -11.57
C ILE A 51 1.61 -3.57 -11.07
N VAL A 52 1.19 -2.34 -11.35
CA VAL A 52 -0.10 -1.87 -10.90
C VAL A 52 -0.98 -1.51 -12.09
N ARG A 53 -2.21 -1.97 -12.07
CA ARG A 53 -3.16 -1.66 -13.12
C ARG A 53 -4.42 -1.05 -12.52
N PHE A 54 -5.13 -0.29 -13.34
CA PHE A 54 -6.32 0.41 -12.87
C PHE A 54 -7.51 -0.54 -12.86
N SER A 55 -7.53 -1.45 -13.82
CA SER A 55 -8.58 -2.45 -13.90
C SER A 55 -8.03 -3.82 -13.51
N GLU A 56 -8.68 -4.43 -12.52
CA GLU A 56 -8.30 -5.77 -12.08
C GLU A 56 -8.68 -6.81 -13.14
N ASP A 57 -9.54 -6.40 -14.06
CA ASP A 57 -10.02 -7.25 -15.14
C ASP A 57 -8.96 -7.40 -16.24
N SER A 58 -7.89 -6.63 -16.11
CA SER A 58 -6.86 -6.61 -17.14
C SER A 58 -5.81 -7.70 -16.92
N PHE A 59 -5.88 -8.36 -15.78
CA PHE A 59 -4.93 -9.43 -15.47
C PHE A 59 -5.34 -10.71 -16.16
N GLY A 60 -4.41 -11.31 -16.88
CA GLY A 60 -4.73 -12.52 -17.63
C GLY A 60 -4.45 -13.78 -16.84
N MET A 61 -4.62 -14.92 -17.50
CA MET A 61 -4.43 -16.22 -16.86
C MET A 61 -2.95 -16.46 -16.55
N ASP A 62 -2.10 -15.63 -17.13
CA ASP A 62 -0.66 -15.71 -16.93
C ASP A 62 -0.28 -15.04 -15.62
N VAL A 63 -1.25 -14.37 -15.01
CA VAL A 63 -1.06 -13.74 -13.71
C VAL A 63 -1.90 -14.46 -12.66
N ALA A 64 -1.34 -14.66 -11.48
CA ALA A 64 -2.04 -15.35 -10.40
C ALA A 64 -3.14 -14.48 -9.82
N ASP A 65 -4.30 -15.08 -9.57
CA ASP A 65 -5.45 -14.36 -9.06
C ASP A 65 -5.17 -13.76 -7.67
N ASP A 66 -4.55 -14.56 -6.81
CA ASP A 66 -4.22 -14.12 -5.45
C ASP A 66 -3.12 -13.08 -5.44
N SER A 67 -2.50 -12.86 -6.60
CA SER A 67 -1.46 -11.85 -6.71
C SER A 67 -2.11 -10.47 -6.81
N ILE A 68 -3.31 -10.42 -7.38
CA ILE A 68 -4.03 -9.17 -7.54
C ILE A 68 -4.43 -8.62 -6.17
N THR A 69 -3.77 -7.56 -5.76
CA THR A 69 -4.02 -6.96 -4.46
C THR A 69 -4.11 -5.44 -4.58
N PRO A 70 -5.22 -4.84 -4.12
CA PRO A 70 -5.36 -3.39 -4.09
C PRO A 70 -4.19 -2.73 -3.35
N THR A 71 -3.62 -1.69 -3.97
CA THR A 71 -2.42 -1.06 -3.42
C THR A 71 -2.67 -0.43 -2.06
N SER A 72 -3.94 -0.21 -1.72
CA SER A 72 -4.30 0.29 -0.40
C SER A 72 -4.09 -0.80 0.65
N GLU A 73 -4.63 -1.99 0.38
CA GLU A 73 -4.52 -3.12 1.30
C GLU A 73 -3.09 -3.67 1.29
N PHE A 74 -2.38 -3.43 0.21
CA PHE A 74 -1.03 -3.94 0.01
C PHE A 74 -0.10 -3.52 1.15
N VAL A 75 -0.28 -2.28 1.63
CA VAL A 75 0.61 -1.75 2.66
C VAL A 75 0.24 -2.24 4.05
N TRP A 76 -0.98 -2.73 4.19
CA TRP A 76 -1.45 -3.23 5.48
C TRP A 76 -0.91 -4.62 5.74
N SER A 77 -0.16 -4.76 6.82
CA SER A 77 0.44 -6.03 7.16
C SER A 77 -0.22 -6.60 8.41
N SER A 78 -1.08 -7.60 8.21
CA SER A 78 -1.82 -8.20 9.30
C SER A 78 -0.92 -9.12 10.13
N VAL A 79 -0.69 -8.75 11.38
CA VAL A 79 0.15 -9.54 12.26
C VAL A 79 -0.68 -10.25 13.30
N ARG A 80 -2.00 -10.09 13.21
CA ARG A 80 -2.94 -10.71 14.12
C ARG A 80 -4.32 -10.71 13.45
N ASP A 81 -5.34 -11.15 14.19
CA ASP A 81 -6.72 -11.22 13.70
C ASP A 81 -7.14 -9.90 13.04
N ASP A 82 -7.16 -8.84 13.84
CA ASP A 82 -7.56 -7.52 13.34
C ASP A 82 -6.40 -6.55 13.41
N VAL A 83 -5.38 -6.90 14.18
CA VAL A 83 -4.22 -6.03 14.34
C VAL A 83 -3.37 -6.01 13.07
N MET A 84 -3.42 -4.88 12.38
CA MET A 84 -2.61 -4.70 11.18
C MET A 84 -1.64 -3.55 11.39
N ARG A 85 -0.45 -3.68 10.81
CA ARG A 85 0.54 -2.62 10.86
C ARG A 85 0.76 -2.05 9.47
N LEU A 86 0.99 -0.75 9.40
CA LEU A 86 1.34 -0.10 8.15
C LEU A 86 2.77 -0.46 7.79
N GLY A 87 2.92 -1.26 6.75
CA GLY A 87 4.23 -1.71 6.35
C GLY A 87 4.94 -0.72 5.47
N ARG A 88 5.92 -0.03 6.04
CA ARG A 88 6.71 0.90 5.27
C ARG A 88 7.61 0.19 4.26
N GLU A 89 7.94 -1.07 4.55
CA GLU A 89 8.74 -1.89 3.66
C GLU A 89 7.97 -2.19 2.38
N GLN A 90 6.65 -2.09 2.48
CA GLN A 90 5.76 -2.32 1.34
C GLN A 90 5.88 -1.16 0.35
N LEU A 91 6.12 0.02 0.90
CA LEU A 91 6.25 1.24 0.10
C LEU A 91 7.48 1.16 -0.81
N GLN A 92 8.47 0.40 -0.37
CA GLN A 92 9.70 0.19 -1.14
C GLN A 92 9.38 -0.37 -2.52
N ILE A 93 8.36 -1.22 -2.59
CA ILE A 93 7.93 -1.81 -3.85
C ILE A 93 7.18 -0.79 -4.70
N LEU A 94 6.42 0.07 -4.02
CA LEU A 94 5.57 1.05 -4.71
C LEU A 94 6.39 2.21 -5.27
N LEU A 95 7.49 2.53 -4.62
CA LEU A 95 8.31 3.66 -5.06
C LEU A 95 8.95 3.38 -6.42
N GLU A 96 9.13 2.10 -6.74
CA GLU A 96 9.74 1.71 -8.02
C GLU A 96 8.79 1.96 -9.18
N GLN A 97 7.57 2.41 -8.89
CA GLN A 97 6.65 2.83 -9.94
C GLN A 97 6.96 4.27 -10.32
N ASN A 98 7.51 5.02 -9.35
CA ASN A 98 7.96 6.41 -9.53
C ASN A 98 6.78 7.38 -9.65
N ILE A 99 5.70 6.93 -10.27
CA ILE A 99 4.51 7.73 -10.48
C ILE A 99 3.63 7.79 -9.21
N ASN A 100 4.26 8.03 -8.08
CA ASN A 100 3.56 8.07 -6.79
C ASN A 100 2.34 8.99 -6.83
N GLU A 101 2.49 10.14 -7.50
CA GLU A 101 1.40 11.09 -7.65
C GLU A 101 0.27 10.52 -8.50
N ARG A 102 0.64 9.89 -9.61
CA ARG A 102 -0.33 9.33 -10.55
C ARG A 102 -1.06 8.15 -9.93
N LEU A 103 -0.30 7.34 -9.22
CA LEU A 103 -0.85 6.17 -8.53
C LEU A 103 -1.69 6.58 -7.33
N ASN A 104 -1.62 7.88 -7.01
CA ASN A 104 -2.47 8.50 -5.99
C ASN A 104 -2.09 8.02 -4.58
N ILE A 105 -0.80 7.89 -4.35
CA ILE A 105 -0.29 7.60 -3.02
C ILE A 105 -0.34 8.88 -2.18
N GLY A 106 -0.93 8.78 -0.99
CA GLY A 106 -1.08 9.93 -0.13
C GLY A 106 0.24 10.59 0.23
N GLU A 107 0.24 11.90 0.31
CA GLU A 107 1.43 12.66 0.64
C GLU A 107 2.00 12.28 2.02
N PRO A 108 1.16 12.17 3.07
CA PRO A 108 1.61 11.70 4.39
C PRO A 108 2.25 10.30 4.33
N LEU A 109 1.98 9.59 3.24
CA LEU A 109 2.56 8.26 3.05
C LEU A 109 4.02 8.38 2.64
N LEU A 110 4.34 9.46 1.94
CA LEU A 110 5.71 9.74 1.54
C LEU A 110 6.55 10.12 2.74
N VAL A 111 6.01 10.98 3.59
CA VAL A 111 6.73 11.44 4.78
C VAL A 111 6.93 10.28 5.76
N TYR A 112 5.96 9.36 5.80
CA TYR A 112 6.06 8.15 6.62
C TYR A 112 7.30 7.36 6.24
N LEU A 113 7.57 7.27 4.94
CA LEU A 113 8.73 6.57 4.43
C LEU A 113 10.00 7.33 4.81
N ARG A 114 9.95 8.65 4.68
CA ARG A 114 11.09 9.50 4.98
C ARG A 114 11.41 9.49 6.47
N ARG A 115 10.37 9.60 7.29
CA ARG A 115 10.52 9.60 8.73
C ARG A 115 9.28 9.00 9.39
N GLN A 116 9.45 7.85 10.03
CA GLN A 116 8.33 7.19 10.68
C GLN A 116 8.18 7.69 12.11
N ASP A 117 7.28 8.65 12.29
CA ASP A 117 6.93 9.15 13.62
C ASP A 117 6.50 8.00 14.50
N LEU A 118 5.61 7.18 13.96
CA LEU A 118 5.28 5.91 14.54
C LEU A 118 5.99 4.83 13.77
N PRO A 119 6.83 4.02 14.43
CA PRO A 119 7.58 2.94 13.77
C PRO A 119 6.70 2.06 12.90
N GLU A 120 5.50 1.80 13.41
CA GLU A 120 4.50 1.05 12.68
C GLU A 120 3.11 1.50 13.10
N ILE A 121 2.34 1.99 12.14
CA ILE A 121 0.96 2.37 12.41
C ILE A 121 0.10 1.12 12.60
N THR A 122 -0.27 0.86 13.84
CA THR A 122 -1.07 -0.32 14.15
C THR A 122 -2.53 0.05 14.35
N ALA A 123 -3.39 -0.73 13.74
CA ALA A 123 -4.82 -0.51 13.83
C ALA A 123 -5.55 -1.82 14.14
N GLN A 124 -6.42 -1.77 15.13
CA GLN A 124 -7.28 -2.90 15.45
C GLN A 124 -8.62 -2.38 15.96
N ARG A 125 -9.66 -3.15 15.73
CA ARG A 125 -11.00 -2.75 16.15
C ARG A 125 -11.46 -3.61 17.32
N GLN A 126 -12.10 -2.97 18.28
CA GLN A 126 -12.53 -3.65 19.50
C GLN A 126 -13.60 -4.70 19.21
N LEU A 127 -13.20 -5.97 19.27
CA LEU A 127 -14.15 -7.06 19.21
C LEU A 127 -14.59 -7.38 20.63
N ARG A 128 -13.82 -6.88 21.58
CA ARG A 128 -14.10 -7.03 22.98
C ARG A 128 -13.81 -5.71 23.68
N MET A 23 5.74 18.86 4.09
CA MET A 23 6.50 17.61 4.29
C MET A 23 6.57 17.24 5.75
N SER A 24 5.81 17.93 6.59
CA SER A 24 5.75 17.64 8.00
C SER A 24 4.82 16.47 8.28
N ILE A 25 5.01 15.81 9.41
CA ILE A 25 4.23 14.64 9.78
C ILE A 25 2.79 15.03 10.07
N THR A 26 1.87 14.24 9.54
CA THR A 26 0.45 14.50 9.70
C THR A 26 -0.12 13.74 10.89
N SER A 27 -1.40 13.94 11.14
CA SER A 27 -2.09 13.27 12.23
C SER A 27 -2.52 11.87 11.80
N THR A 28 -3.35 11.22 12.64
CA THR A 28 -3.85 9.86 12.38
C THR A 28 -4.43 9.70 10.97
N ASP A 29 -4.84 10.83 10.38
CA ASP A 29 -5.37 10.86 9.01
C ASP A 29 -4.41 10.19 8.02
N ILE A 30 -3.13 10.10 8.40
CA ILE A 30 -2.11 9.46 7.58
C ILE A 30 -2.50 8.03 7.20
N CYS A 31 -3.06 7.29 8.16
CA CYS A 31 -3.47 5.91 7.93
C CYS A 31 -4.68 5.87 7.01
N GLN A 32 -5.54 6.86 7.15
CA GLN A 32 -6.76 6.95 6.35
C GLN A 32 -6.44 7.39 4.93
N ALA A 33 -5.40 8.23 4.79
CA ALA A 33 -4.96 8.71 3.48
C ALA A 33 -4.45 7.55 2.63
N ALA A 34 -3.98 6.49 3.28
CA ALA A 34 -3.53 5.30 2.59
C ALA A 34 -4.70 4.56 1.94
N ASP A 35 -5.91 4.87 2.42
CA ASP A 35 -7.11 4.25 1.89
C ASP A 35 -7.60 5.03 0.66
N ALA A 36 -6.93 6.13 0.37
CA ALA A 36 -7.26 6.95 -0.77
C ALA A 36 -6.45 6.54 -1.99
N LEU A 37 -5.55 5.57 -1.78
CA LEU A 37 -4.75 5.02 -2.87
C LEU A 37 -5.64 4.25 -3.83
N LYS A 38 -5.37 4.37 -5.12
CA LYS A 38 -6.21 3.73 -6.13
C LYS A 38 -5.36 2.86 -7.05
N GLY A 39 -5.92 1.75 -7.49
CA GLY A 39 -5.21 0.86 -8.38
C GLY A 39 -4.83 -0.44 -7.71
N PHE A 40 -4.54 -1.44 -8.53
CA PHE A 40 -4.13 -2.74 -8.03
C PHE A 40 -2.67 -2.98 -8.36
N VAL A 41 -2.02 -3.85 -7.62
CA VAL A 41 -0.64 -4.21 -7.90
C VAL A 41 -0.55 -5.71 -8.17
N GLY A 42 0.18 -6.09 -9.22
CA GLY A 42 0.29 -7.48 -9.57
C GLY A 42 1.63 -7.80 -10.21
N PHE A 43 2.09 -9.03 -10.07
CA PHE A 43 3.38 -9.42 -10.61
C PHE A 43 3.24 -9.84 -12.07
N ASN A 44 3.94 -9.15 -12.95
CA ASN A 44 3.93 -9.48 -14.36
C ASN A 44 5.28 -10.07 -14.76
N ARG A 45 5.24 -11.22 -15.40
CA ARG A 45 6.46 -11.95 -15.75
C ARG A 45 7.27 -11.25 -16.83
N LYS A 46 6.62 -10.44 -17.64
CA LYS A 46 7.30 -9.76 -18.74
C LYS A 46 8.10 -8.58 -18.21
N THR A 47 7.53 -7.87 -17.24
CA THR A 47 8.24 -6.77 -16.60
C THR A 47 9.19 -7.30 -15.55
N GLY A 48 8.86 -8.48 -15.01
CA GLY A 48 9.70 -9.11 -14.02
C GLY A 48 9.60 -8.45 -12.66
N ARG A 49 8.64 -7.55 -12.52
CA ARG A 49 8.49 -6.78 -11.29
C ARG A 49 7.04 -6.84 -10.80
N TYR A 50 6.85 -6.55 -9.52
CA TYR A 50 5.54 -6.37 -8.95
C TYR A 50 5.05 -4.98 -9.32
N ILE A 51 4.18 -4.89 -10.32
CA ILE A 51 3.85 -3.61 -10.93
C ILE A 51 2.39 -3.25 -10.74
N VAL A 52 2.10 -1.96 -10.87
CA VAL A 52 0.74 -1.47 -10.69
C VAL A 52 -0.07 -1.63 -11.98
N ARG A 53 -1.36 -1.85 -11.81
CA ARG A 53 -2.26 -2.04 -12.93
C ARG A 53 -3.62 -1.46 -12.57
N PHE A 54 -4.19 -0.69 -13.47
CA PHE A 54 -5.47 -0.04 -13.22
C PHE A 54 -6.58 -0.77 -13.96
N SER A 55 -6.28 -1.98 -14.39
CA SER A 55 -7.24 -2.80 -15.13
C SER A 55 -7.25 -4.22 -14.58
N GLU A 56 -8.38 -4.62 -14.02
CA GLU A 56 -8.52 -5.97 -13.47
C GLU A 56 -8.47 -7.00 -14.60
N ASP A 57 -9.08 -6.64 -15.73
CA ASP A 57 -9.16 -7.53 -16.89
C ASP A 57 -7.79 -7.68 -17.57
N SER A 58 -6.79 -7.00 -17.04
CA SER A 58 -5.44 -7.07 -17.58
C SER A 58 -4.83 -8.43 -17.28
N PHE A 59 -5.33 -9.10 -16.24
CA PHE A 59 -4.84 -10.41 -15.86
C PHE A 59 -5.98 -11.37 -15.58
N GLY A 60 -6.29 -12.22 -16.54
CA GLY A 60 -7.35 -13.19 -16.38
C GLY A 60 -6.80 -14.58 -16.13
N MET A 61 -7.00 -15.47 -17.09
CA MET A 61 -6.51 -16.84 -16.98
C MET A 61 -5.02 -16.90 -17.32
N ASP A 62 -4.20 -16.43 -16.39
CA ASP A 62 -2.76 -16.34 -16.60
C ASP A 62 -2.08 -15.95 -15.29
N VAL A 63 -2.69 -14.99 -14.59
CA VAL A 63 -2.20 -14.55 -13.30
C VAL A 63 -3.34 -14.59 -12.28
N ALA A 64 -3.02 -15.08 -11.08
CA ALA A 64 -4.02 -15.23 -10.03
C ALA A 64 -4.47 -13.87 -9.50
N ASP A 65 -5.78 -13.70 -9.39
CA ASP A 65 -6.37 -12.49 -8.84
C ASP A 65 -6.06 -12.38 -7.35
N ASP A 66 -5.70 -13.51 -6.74
CA ASP A 66 -5.27 -13.53 -5.35
C ASP A 66 -3.92 -12.83 -5.19
N SER A 67 -3.14 -12.80 -6.26
CA SER A 67 -1.85 -12.13 -6.25
C SER A 67 -2.05 -10.64 -6.44
N ILE A 68 -3.01 -10.28 -7.27
CA ILE A 68 -3.35 -8.88 -7.52
C ILE A 68 -3.91 -8.25 -6.24
N THR A 69 -3.21 -7.28 -5.69
CA THR A 69 -3.62 -6.67 -4.44
C THR A 69 -3.80 -5.16 -4.60
N PRO A 70 -4.96 -4.62 -4.20
CA PRO A 70 -5.21 -3.17 -4.22
C PRO A 70 -4.20 -2.42 -3.35
N THR A 71 -3.63 -1.35 -3.90
CA THR A 71 -2.55 -0.64 -3.22
C THR A 71 -3.03 0.02 -1.93
N SER A 72 -4.33 0.20 -1.79
CA SER A 72 -4.89 0.82 -0.60
C SER A 72 -5.05 -0.20 0.54
N GLU A 73 -4.89 -1.47 0.21
CA GLU A 73 -5.03 -2.53 1.20
C GLU A 73 -3.70 -3.26 1.40
N PHE A 74 -2.85 -3.19 0.39
CA PHE A 74 -1.56 -3.86 0.40
C PHE A 74 -0.64 -3.28 1.48
N VAL A 75 -0.96 -2.08 1.95
CA VAL A 75 -0.12 -1.39 2.91
C VAL A 75 -0.40 -1.85 4.34
N TRP A 76 -1.44 -2.67 4.52
CA TRP A 76 -1.82 -3.13 5.84
C TRP A 76 -1.42 -4.59 6.04
N SER A 77 -0.64 -4.85 7.07
CA SER A 77 -0.29 -6.21 7.44
C SER A 77 -0.98 -6.58 8.76
N SER A 78 -1.72 -7.68 8.74
CA SER A 78 -2.44 -8.14 9.92
C SER A 78 -1.49 -8.81 10.92
N VAL A 79 -1.33 -8.21 12.08
CA VAL A 79 -0.46 -8.76 13.11
C VAL A 79 -1.30 -9.37 14.23
N ARG A 80 -2.60 -9.38 14.02
CA ARG A 80 -3.57 -9.94 14.95
C ARG A 80 -4.93 -9.99 14.25
N ASP A 81 -5.94 -10.58 14.90
CA ASP A 81 -7.29 -10.70 14.35
C ASP A 81 -7.72 -9.44 13.60
N ASP A 82 -7.84 -8.33 14.32
CA ASP A 82 -8.27 -7.08 13.71
C ASP A 82 -7.25 -5.96 13.92
N VAL A 83 -6.00 -6.34 14.14
CA VAL A 83 -4.94 -5.35 14.31
C VAL A 83 -4.05 -5.32 13.07
N MET A 84 -4.15 -4.26 12.30
CA MET A 84 -3.33 -4.11 11.10
C MET A 84 -2.29 -3.03 11.31
N ARG A 85 -1.06 -3.30 10.90
CA ARG A 85 0.00 -2.32 11.00
C ARG A 85 0.28 -1.71 9.64
N LEU A 86 0.63 -0.44 9.62
CA LEU A 86 1.06 0.22 8.40
C LEU A 86 2.51 -0.19 8.14
N GLY A 87 2.75 -0.83 7.01
CA GLY A 87 4.08 -1.30 6.70
C GLY A 87 4.81 -0.38 5.75
N ARG A 88 5.93 0.17 6.19
CA ARG A 88 6.74 1.04 5.32
C ARG A 88 7.33 0.27 4.15
N GLU A 89 7.28 -1.06 4.23
CA GLU A 89 7.75 -1.92 3.15
C GLU A 89 7.01 -1.63 1.84
N GLN A 90 5.76 -1.19 1.92
CA GLN A 90 4.98 -0.86 0.72
C GLN A 90 5.61 0.33 -0.01
N LEU A 91 6.23 1.22 0.75
CA LEU A 91 6.91 2.38 0.19
C LEU A 91 8.11 1.94 -0.64
N GLN A 92 8.84 0.96 -0.12
CA GLN A 92 10.02 0.44 -0.80
C GLN A 92 9.63 -0.21 -2.13
N ILE A 93 8.46 -0.81 -2.18
CA ILE A 93 7.96 -1.43 -3.39
C ILE A 93 7.44 -0.37 -4.36
N LEU A 94 6.67 0.58 -3.85
CA LEU A 94 6.04 1.59 -4.71
C LEU A 94 7.07 2.53 -5.34
N LEU A 95 8.23 2.69 -4.70
CA LEU A 95 9.26 3.56 -5.23
C LEU A 95 9.82 3.01 -6.54
N GLU A 96 9.74 1.69 -6.73
CA GLU A 96 10.12 1.08 -7.99
C GLU A 96 9.22 1.58 -9.12
N GLN A 97 7.94 1.74 -8.81
CA GLN A 97 6.98 2.27 -9.76
C GLN A 97 7.22 3.77 -9.93
N ASN A 98 7.31 4.47 -8.80
CA ASN A 98 7.69 5.88 -8.75
C ASN A 98 6.56 6.81 -9.22
N ILE A 99 5.53 6.22 -9.82
CA ILE A 99 4.42 7.00 -10.36
C ILE A 99 3.45 7.45 -9.26
N ASN A 100 3.92 8.35 -8.42
CA ASN A 100 3.12 8.87 -7.31
C ASN A 100 1.91 9.64 -7.84
N GLU A 101 2.07 10.22 -9.01
CA GLU A 101 1.01 10.99 -9.65
C GLU A 101 -0.09 10.07 -10.17
N ARG A 102 0.32 8.89 -10.62
CA ARG A 102 -0.60 7.95 -11.25
C ARG A 102 -1.32 7.12 -10.21
N LEU A 103 -0.56 6.54 -9.29
CA LEU A 103 -1.12 5.67 -8.25
C LEU A 103 -1.72 6.50 -7.12
N ASN A 104 -1.42 7.80 -7.14
CA ASN A 104 -1.97 8.76 -6.16
C ASN A 104 -1.43 8.51 -4.76
N ILE A 105 -0.12 8.27 -4.65
CA ILE A 105 0.50 8.11 -3.33
C ILE A 105 0.28 9.38 -2.50
N GLY A 106 -0.33 9.20 -1.35
CA GLY A 106 -0.70 10.32 -0.51
C GLY A 106 0.48 11.06 0.04
N GLU A 107 0.25 12.31 0.39
CA GLU A 107 1.28 13.18 0.95
C GLU A 107 1.72 12.70 2.35
N PRO A 108 0.76 12.36 3.24
CA PRO A 108 1.10 11.71 4.52
C PRO A 108 1.89 10.42 4.32
N LEU A 109 1.68 9.79 3.17
CA LEU A 109 2.39 8.56 2.83
C LEU A 109 3.84 8.87 2.49
N LEU A 110 4.05 10.05 1.91
CA LEU A 110 5.39 10.52 1.58
C LEU A 110 6.17 10.85 2.84
N VAL A 111 5.49 11.46 3.81
CA VAL A 111 6.13 11.83 5.07
C VAL A 111 6.43 10.59 5.91
N TYR A 112 5.58 9.57 5.78
CA TYR A 112 5.79 8.30 6.45
C TYR A 112 7.18 7.75 6.11
N LEU A 113 7.56 7.85 4.84
CA LEU A 113 8.85 7.37 4.37
C LEU A 113 9.99 8.18 5.00
N ARG A 114 9.73 9.46 5.23
CA ARG A 114 10.73 10.36 5.80
C ARG A 114 11.10 9.92 7.22
N ARG A 115 10.09 9.84 8.08
CA ARG A 115 10.30 9.44 9.47
C ARG A 115 8.97 9.34 10.19
N GLN A 116 8.75 8.21 10.84
CA GLN A 116 7.60 8.03 11.71
C GLN A 116 8.08 7.76 13.12
N ASP A 117 7.33 8.28 14.10
CA ASP A 117 7.69 8.11 15.49
C ASP A 117 7.61 6.63 15.88
N LEU A 118 6.56 5.96 15.43
CA LEU A 118 6.38 4.55 15.68
C LEU A 118 6.71 3.76 14.41
N PRO A 119 7.58 2.74 14.52
CA PRO A 119 7.95 1.90 13.39
C PRO A 119 6.75 1.11 12.86
N GLU A 120 5.94 0.61 13.77
CA GLU A 120 4.72 -0.09 13.42
C GLU A 120 3.52 0.72 13.91
N ILE A 121 2.88 1.44 13.02
CA ILE A 121 1.65 2.13 13.37
C ILE A 121 0.48 1.16 13.25
N THR A 122 0.00 0.72 14.39
CA THR A 122 -1.05 -0.29 14.43
C THR A 122 -2.42 0.32 14.61
N ALA A 123 -3.35 -0.09 13.77
CA ALA A 123 -4.74 0.31 13.88
C ALA A 123 -5.60 -0.92 14.00
N GLN A 124 -6.35 -1.03 15.08
CA GLN A 124 -7.14 -2.21 15.32
C GLN A 124 -8.62 -1.91 15.38
N ARG A 125 -9.42 -2.79 14.79
CA ARG A 125 -10.86 -2.65 14.77
C ARG A 125 -11.47 -3.35 15.97
N GLN A 126 -10.65 -4.15 16.64
CA GLN A 126 -11.08 -4.85 17.84
C GLN A 126 -10.68 -4.05 19.07
N LEU A 127 -11.42 -4.22 20.16
CA LEU A 127 -11.21 -3.41 21.36
C LEU A 127 -10.35 -4.15 22.37
N ARG A 128 -9.58 -5.11 21.89
CA ARG A 128 -8.70 -5.89 22.74
C ARG A 128 -7.27 -5.38 22.61
N MET A 23 4.80 18.24 5.16
CA MET A 23 6.15 17.63 5.05
C MET A 23 6.57 17.00 6.38
N SER A 24 5.97 17.48 7.48
CA SER A 24 6.25 16.92 8.78
C SER A 24 5.21 15.85 9.13
N ILE A 25 5.34 15.23 10.30
CA ILE A 25 4.47 14.12 10.66
C ILE A 25 3.03 14.59 10.87
N THR A 26 2.11 13.84 10.31
CA THR A 26 0.71 14.19 10.36
C THR A 26 0.00 13.54 11.54
N SER A 27 -1.31 13.73 11.61
CA SER A 27 -2.13 13.14 12.64
C SER A 27 -2.56 11.72 12.24
N THR A 28 -3.48 11.14 13.01
CA THR A 28 -4.01 9.79 12.75
C THR A 28 -4.48 9.62 11.31
N ASP A 29 -4.77 10.73 10.64
CA ASP A 29 -5.17 10.73 9.23
C ASP A 29 -4.18 9.95 8.36
N ILE A 30 -2.94 9.79 8.84
CA ILE A 30 -1.94 9.02 8.10
C ILE A 30 -2.40 7.58 7.90
N CYS A 31 -3.09 7.03 8.90
CA CYS A 31 -3.63 5.68 8.82
C CYS A 31 -4.86 5.67 7.92
N GLN A 32 -5.62 6.77 7.96
CA GLN A 32 -6.87 6.85 7.22
C GLN A 32 -6.61 6.99 5.73
N ALA A 33 -5.64 7.83 5.37
CA ALA A 33 -5.31 8.07 3.97
C ALA A 33 -4.78 6.80 3.31
N ALA A 34 -4.11 5.95 4.09
CA ALA A 34 -3.57 4.70 3.59
C ALA A 34 -4.68 3.70 3.27
N ASP A 35 -5.87 3.98 3.76
CA ASP A 35 -7.04 3.13 3.49
C ASP A 35 -7.74 3.57 2.21
N ALA A 36 -7.54 4.83 1.84
CA ALA A 36 -8.20 5.41 0.68
C ALA A 36 -7.41 5.15 -0.60
N LEU A 37 -6.34 4.38 -0.49
CA LEU A 37 -5.52 4.04 -1.63
C LEU A 37 -6.26 3.04 -2.52
N LYS A 38 -6.32 3.34 -3.81
CA LYS A 38 -7.05 2.50 -4.75
C LYS A 38 -6.20 2.20 -5.98
N GLY A 39 -6.31 0.97 -6.46
CA GLY A 39 -5.50 0.51 -7.57
C GLY A 39 -4.98 -0.88 -7.31
N PHE A 40 -4.74 -1.65 -8.35
CA PHE A 40 -4.33 -3.04 -8.18
C PHE A 40 -2.92 -3.26 -8.73
N VAL A 41 -2.00 -3.63 -7.85
CA VAL A 41 -0.63 -3.84 -8.22
C VAL A 41 -0.30 -5.34 -8.20
N GLY A 42 0.24 -5.84 -9.30
CA GLY A 42 0.47 -7.26 -9.43
C GLY A 42 1.79 -7.59 -10.07
N PHE A 43 2.17 -8.85 -10.04
CA PHE A 43 3.44 -9.29 -10.59
C PHE A 43 3.28 -9.73 -12.04
N ASN A 44 3.90 -8.96 -12.93
CA ASN A 44 3.91 -9.30 -14.35
C ASN A 44 5.15 -10.13 -14.65
N ARG A 45 4.98 -11.44 -14.76
CA ARG A 45 6.11 -12.35 -14.85
C ARG A 45 6.74 -12.29 -16.24
N LYS A 46 6.01 -11.71 -17.19
CA LYS A 46 6.53 -11.51 -18.54
C LYS A 46 7.75 -10.59 -18.51
N THR A 47 7.71 -9.59 -17.64
CA THR A 47 8.84 -8.68 -17.47
C THR A 47 9.64 -9.05 -16.23
N GLY A 48 8.98 -9.67 -15.28
CA GLY A 48 9.64 -10.08 -14.06
C GLY A 48 9.62 -9.00 -13.01
N ARG A 49 8.64 -8.10 -13.11
CA ARG A 49 8.54 -6.98 -12.19
C ARG A 49 7.16 -6.90 -11.58
N TYR A 50 7.05 -6.17 -10.48
CA TYR A 50 5.79 -5.96 -9.80
C TYR A 50 5.27 -4.57 -10.18
N ILE A 51 4.18 -4.54 -10.93
CA ILE A 51 3.70 -3.29 -11.53
C ILE A 51 2.23 -3.04 -11.19
N VAL A 52 1.81 -1.78 -11.30
CA VAL A 52 0.46 -1.40 -10.89
C VAL A 52 -0.44 -1.15 -12.10
N ARG A 53 -1.70 -1.53 -11.96
CA ARG A 53 -2.71 -1.26 -12.96
C ARG A 53 -3.93 -0.68 -12.26
N PHE A 54 -4.81 -0.03 -12.99
CA PHE A 54 -5.99 0.57 -12.37
C PHE A 54 -7.05 -0.49 -12.12
N SER A 55 -7.21 -1.39 -13.07
CA SER A 55 -8.18 -2.47 -12.93
C SER A 55 -7.46 -3.80 -12.74
N GLU A 56 -7.99 -4.63 -11.85
CA GLU A 56 -7.40 -5.95 -11.59
C GLU A 56 -7.62 -6.89 -12.77
N ASP A 57 -8.80 -6.79 -13.38
CA ASP A 57 -9.20 -7.72 -14.43
C ASP A 57 -8.69 -7.31 -15.80
N SER A 58 -7.69 -6.44 -15.83
CA SER A 58 -7.05 -6.08 -17.09
C SER A 58 -5.77 -6.90 -17.26
N PHE A 59 -5.36 -7.56 -16.19
CA PHE A 59 -4.21 -8.44 -16.23
C PHE A 59 -4.55 -9.70 -17.02
N GLY A 60 -3.58 -10.22 -17.75
CA GLY A 60 -3.82 -11.40 -18.55
C GLY A 60 -3.41 -12.66 -17.82
N MET A 61 -3.36 -13.76 -18.55
CA MET A 61 -3.00 -15.06 -17.98
C MET A 61 -1.52 -15.09 -17.56
N ASP A 62 -0.80 -14.02 -17.84
CA ASP A 62 0.59 -13.91 -17.43
C ASP A 62 0.67 -13.60 -15.94
N VAL A 63 -0.14 -12.65 -15.50
CA VAL A 63 -0.17 -12.26 -14.11
C VAL A 63 -1.05 -13.22 -13.32
N ALA A 64 -0.52 -13.72 -12.21
CA ALA A 64 -1.26 -14.67 -11.38
C ALA A 64 -2.27 -13.93 -10.51
N ASP A 65 -3.42 -14.55 -10.29
CA ASP A 65 -4.46 -13.99 -9.43
C ASP A 65 -3.93 -13.79 -8.02
N ASP A 66 -3.10 -14.72 -7.59
CA ASP A 66 -2.49 -14.67 -6.26
C ASP A 66 -1.50 -13.51 -6.18
N SER A 67 -1.01 -13.07 -7.33
CA SER A 67 -0.02 -12.01 -7.38
C SER A 67 -0.67 -10.64 -7.53
N ILE A 68 -2.01 -10.61 -7.52
CA ILE A 68 -2.74 -9.36 -7.62
C ILE A 68 -3.14 -8.86 -6.24
N THR A 69 -2.74 -7.65 -5.91
CA THR A 69 -3.05 -7.07 -4.61
C THR A 69 -3.34 -5.57 -4.74
N PRO A 70 -4.45 -5.08 -4.17
CA PRO A 70 -4.75 -3.65 -4.12
C PRO A 70 -3.64 -2.88 -3.41
N THR A 71 -3.30 -1.70 -3.93
CA THR A 71 -2.18 -0.93 -3.41
C THR A 71 -2.39 -0.53 -1.95
N SER A 72 -3.64 -0.45 -1.51
CA SER A 72 -3.93 -0.15 -0.12
C SER A 72 -3.54 -1.34 0.76
N GLU A 73 -3.89 -2.55 0.31
CA GLU A 73 -3.57 -3.75 1.07
C GLU A 73 -2.11 -4.14 0.83
N PHE A 74 -1.44 -3.43 -0.07
CA PHE A 74 -0.04 -3.68 -0.34
C PHE A 74 0.82 -2.99 0.71
N VAL A 75 0.33 -1.88 1.25
CA VAL A 75 1.07 -1.15 2.27
C VAL A 75 0.70 -1.67 3.66
N TRP A 76 -0.49 -2.24 3.78
CA TRP A 76 -0.89 -2.87 5.03
C TRP A 76 -0.55 -4.34 4.99
N SER A 77 0.36 -4.75 5.85
CA SER A 77 0.74 -6.14 5.92
C SER A 77 -0.14 -6.84 6.93
N SER A 78 -1.03 -7.69 6.44
CA SER A 78 -1.92 -8.42 7.32
C SER A 78 -1.16 -9.56 7.99
N VAL A 79 -1.01 -9.46 9.30
CA VAL A 79 -0.32 -10.48 10.05
C VAL A 79 -1.33 -11.39 10.75
N ARG A 80 -2.56 -10.92 10.76
CA ARG A 80 -3.67 -11.64 11.35
C ARG A 80 -4.95 -11.20 10.65
N ASP A 81 -6.04 -11.92 10.86
CA ASP A 81 -7.33 -11.59 10.24
C ASP A 81 -7.75 -10.17 10.60
N ASP A 82 -7.62 -9.82 11.87
CA ASP A 82 -8.07 -8.53 12.36
C ASP A 82 -6.90 -7.58 12.62
N VAL A 83 -5.68 -8.10 12.53
CA VAL A 83 -4.50 -7.30 12.83
C VAL A 83 -3.61 -7.11 11.60
N MET A 84 -3.46 -5.87 11.19
CA MET A 84 -2.56 -5.52 10.09
C MET A 84 -1.59 -4.45 10.55
N ARG A 85 -0.50 -4.26 9.82
CA ARG A 85 0.46 -3.21 10.16
C ARG A 85 0.93 -2.49 8.91
N LEU A 86 1.32 -1.24 9.07
CA LEU A 86 1.80 -0.43 7.96
C LEU A 86 3.30 -0.64 7.77
N GLY A 87 3.71 -0.97 6.55
CA GLY A 87 5.12 -1.13 6.26
C GLY A 87 5.61 -0.08 5.30
N ARG A 88 6.71 0.58 5.65
CA ARG A 88 7.26 1.61 4.76
C ARG A 88 7.90 0.99 3.53
N GLU A 89 8.45 -0.21 3.69
CA GLU A 89 9.15 -0.89 2.60
C GLU A 89 8.20 -1.19 1.44
N GLN A 90 6.93 -1.24 1.77
CA GLN A 90 5.88 -1.46 0.78
C GLN A 90 5.86 -0.29 -0.20
N LEU A 91 6.01 0.92 0.35
CA LEU A 91 6.03 2.13 -0.44
C LEU A 91 7.36 2.26 -1.18
N GLN A 92 8.42 1.69 -0.61
CA GLN A 92 9.73 1.69 -1.25
C GLN A 92 9.68 0.95 -2.58
N ILE A 93 8.77 -0.02 -2.68
CA ILE A 93 8.54 -0.73 -3.92
C ILE A 93 7.77 0.14 -4.91
N LEU A 94 6.81 0.89 -4.39
CA LEU A 94 5.91 1.68 -5.22
C LEU A 94 6.60 2.90 -5.83
N LEU A 95 7.67 3.36 -5.19
CA LEU A 95 8.42 4.51 -5.70
C LEU A 95 9.08 4.18 -7.04
N GLU A 96 9.29 2.89 -7.30
CA GLU A 96 9.85 2.43 -8.58
C GLU A 96 9.03 2.97 -9.75
N GLN A 97 7.71 3.04 -9.57
CA GLN A 97 6.82 3.55 -10.60
C GLN A 97 6.77 5.07 -10.55
N ASN A 98 6.88 5.63 -9.34
CA ASN A 98 6.88 7.08 -9.10
C ASN A 98 5.52 7.72 -9.33
N ILE A 99 4.52 6.90 -9.66
CA ILE A 99 3.19 7.42 -9.92
C ILE A 99 2.34 7.47 -8.66
N ASN A 100 2.80 8.24 -7.68
CA ASN A 100 2.09 8.40 -6.42
C ASN A 100 0.71 9.00 -6.68
N GLU A 101 0.63 9.76 -7.75
CA GLU A 101 -0.61 10.39 -8.18
C GLU A 101 -1.62 9.35 -8.62
N ARG A 102 -1.12 8.30 -9.26
CA ARG A 102 -1.96 7.23 -9.78
C ARG A 102 -2.38 6.30 -8.66
N LEU A 103 -1.42 5.99 -7.79
CA LEU A 103 -1.66 5.16 -6.63
C LEU A 103 -2.54 5.88 -5.61
N ASN A 104 -2.57 7.22 -5.72
CA ASN A 104 -3.34 8.09 -4.82
C ASN A 104 -2.73 8.12 -3.42
N ILE A 105 -1.43 7.81 -3.34
CA ILE A 105 -0.69 7.90 -2.09
C ILE A 105 -0.76 9.33 -1.56
N GLY A 106 -1.20 9.46 -0.32
CA GLY A 106 -1.48 10.77 0.24
C GLY A 106 -0.26 11.48 0.79
N GLU A 107 -0.47 12.70 1.25
CA GLU A 107 0.59 13.51 1.84
C GLU A 107 1.17 12.85 3.11
N PRO A 108 0.31 12.41 4.06
CA PRO A 108 0.78 11.66 5.23
C PRO A 108 1.57 10.41 4.83
N LEU A 109 1.34 9.95 3.62
CA LEU A 109 2.03 8.79 3.08
C LEU A 109 3.43 9.17 2.61
N LEU A 110 3.56 10.39 2.08
CA LEU A 110 4.86 10.93 1.69
C LEU A 110 5.71 11.23 2.91
N VAL A 111 5.09 11.82 3.93
CA VAL A 111 5.81 12.20 5.14
C VAL A 111 6.25 10.96 5.91
N TYR A 112 5.45 9.89 5.82
CA TYR A 112 5.80 8.63 6.45
C TYR A 112 7.13 8.10 5.90
N LEU A 113 7.36 8.31 4.61
CA LEU A 113 8.61 7.92 3.98
C LEU A 113 9.77 8.76 4.52
N ARG A 114 9.47 10.02 4.82
CA ARG A 114 10.44 10.91 5.43
C ARG A 114 10.84 10.40 6.80
N ARG A 115 9.84 10.26 7.67
CA ARG A 115 10.06 9.77 9.02
C ARG A 115 8.73 9.30 9.59
N GLN A 116 8.74 8.70 10.78
CA GLN A 116 7.50 8.32 11.43
C GLN A 116 7.57 8.57 12.93
N ASP A 117 6.52 9.19 13.47
CA ASP A 117 6.45 9.47 14.89
C ASP A 117 5.98 8.24 15.66
N LEU A 118 4.98 7.57 15.11
CA LEU A 118 4.46 6.35 15.71
C LEU A 118 5.32 5.17 15.27
N PRO A 119 5.95 4.48 16.23
CA PRO A 119 6.77 3.31 15.93
C PRO A 119 5.96 2.17 15.34
N GLU A 120 4.89 1.80 16.03
CA GLU A 120 4.00 0.75 15.57
C GLU A 120 2.69 1.33 15.06
N ILE A 121 2.58 1.43 13.75
CA ILE A 121 1.32 1.82 13.14
C ILE A 121 0.60 0.58 12.63
N THR A 122 -0.42 0.18 13.36
CA THR A 122 -1.16 -1.02 13.05
C THR A 122 -2.64 -0.73 12.88
N ALA A 123 -3.35 -1.63 12.24
CA ALA A 123 -4.78 -1.52 12.08
C ALA A 123 -5.45 -2.79 12.56
N GLN A 124 -6.31 -2.64 13.55
CA GLN A 124 -7.02 -3.77 14.10
C GLN A 124 -8.42 -3.34 14.52
N ARG A 125 -9.42 -4.13 14.16
CA ARG A 125 -10.80 -3.78 14.47
C ARG A 125 -11.15 -4.20 15.88
N GLN A 126 -10.82 -3.32 16.82
CA GLN A 126 -11.16 -3.54 18.22
C GLN A 126 -12.50 -2.91 18.53
N LEU A 127 -12.89 -2.89 19.80
CA LEU A 127 -14.17 -2.38 20.18
C LEU A 127 -14.13 -0.86 20.28
N ARG A 128 -13.05 -0.33 20.85
CA ARG A 128 -12.92 1.10 21.04
C ARG A 128 -12.14 1.75 19.89
N MET A 23 6.48 20.18 5.14
CA MET A 23 6.23 18.73 5.13
C MET A 23 6.94 18.04 6.29
N SER A 24 6.29 18.04 7.45
CA SER A 24 6.81 17.33 8.61
C SER A 24 6.05 16.02 8.79
N ILE A 25 6.51 15.20 9.72
CA ILE A 25 5.86 13.93 10.00
C ILE A 25 4.50 14.18 10.64
N THR A 26 3.49 13.48 10.16
CA THR A 26 2.14 13.68 10.63
C THR A 26 1.83 12.78 11.81
N SER A 27 0.67 12.97 12.41
CA SER A 27 0.25 12.16 13.53
C SER A 27 -0.19 10.78 13.05
N THR A 28 -0.77 9.99 13.96
CA THR A 28 -1.20 8.62 13.66
C THR A 28 -2.14 8.56 12.45
N ASP A 29 -2.78 9.70 12.15
CA ASP A 29 -3.68 9.82 10.98
C ASP A 29 -2.99 9.36 9.70
N ILE A 30 -1.66 9.32 9.72
CA ILE A 30 -0.86 8.88 8.60
C ILE A 30 -1.31 7.49 8.09
N CYS A 31 -1.75 6.63 9.00
CA CYS A 31 -2.19 5.29 8.63
C CYS A 31 -3.56 5.34 7.97
N GLN A 32 -4.37 6.33 8.34
CA GLN A 32 -5.72 6.47 7.81
C GLN A 32 -5.69 6.86 6.34
N ALA A 33 -4.70 7.67 5.98
CA ALA A 33 -4.57 8.15 4.62
C ALA A 33 -4.15 7.04 3.66
N ALA A 34 -3.67 5.93 4.22
CA ALA A 34 -3.26 4.78 3.43
C ALA A 34 -4.46 4.05 2.82
N ASP A 35 -5.64 4.32 3.36
CA ASP A 35 -6.86 3.70 2.85
C ASP A 35 -7.41 4.47 1.65
N ALA A 36 -6.78 5.59 1.33
CA ALA A 36 -7.21 6.42 0.21
C ALA A 36 -6.57 5.94 -1.09
N LEU A 37 -5.72 4.93 -0.99
CA LEU A 37 -5.07 4.35 -2.16
C LEU A 37 -5.99 3.34 -2.82
N LYS A 38 -6.28 3.55 -4.09
CA LYS A 38 -7.13 2.64 -4.84
C LYS A 38 -6.39 2.07 -6.03
N GLY A 39 -6.57 0.78 -6.26
CA GLY A 39 -5.89 0.11 -7.33
C GLY A 39 -5.47 -1.28 -6.93
N PHE A 40 -5.09 -2.10 -7.90
CA PHE A 40 -4.72 -3.47 -7.65
C PHE A 40 -3.30 -3.72 -8.15
N VAL A 41 -2.42 -4.07 -7.23
CA VAL A 41 -1.03 -4.32 -7.58
C VAL A 41 -0.80 -5.81 -7.78
N GLY A 42 -0.18 -6.17 -8.87
CA GLY A 42 0.05 -7.57 -9.17
C GLY A 42 1.46 -7.82 -9.63
N PHE A 43 1.90 -9.06 -9.52
CA PHE A 43 3.23 -9.43 -9.96
C PHE A 43 3.19 -9.96 -11.38
N ASN A 44 3.78 -9.21 -12.32
CA ASN A 44 3.87 -9.66 -13.69
C ASN A 44 5.07 -10.59 -13.84
N ARG A 45 4.79 -11.87 -13.92
CA ARG A 45 5.84 -12.89 -13.94
C ARG A 45 6.64 -12.86 -15.23
N LYS A 46 6.01 -12.43 -16.33
CA LYS A 46 6.69 -12.35 -17.62
C LYS A 46 7.85 -11.35 -17.56
N THR A 47 7.58 -10.14 -17.08
CA THR A 47 8.61 -9.13 -16.94
C THR A 47 9.44 -9.37 -15.68
N GLY A 48 8.84 -10.07 -14.73
CA GLY A 48 9.54 -10.43 -13.51
C GLY A 48 9.54 -9.31 -12.49
N ARG A 49 8.51 -8.49 -12.50
CA ARG A 49 8.42 -7.37 -11.58
C ARG A 49 6.97 -6.97 -11.30
N TYR A 50 6.77 -6.16 -10.27
CA TYR A 50 5.44 -5.73 -9.87
C TYR A 50 4.88 -4.67 -10.79
N ILE A 51 3.61 -4.81 -11.13
CA ILE A 51 2.93 -3.84 -11.97
C ILE A 51 1.65 -3.36 -11.29
N VAL A 52 1.22 -2.15 -11.63
CA VAL A 52 0.04 -1.57 -11.02
C VAL A 52 -1.12 -1.58 -12.01
N ARG A 53 -2.20 -2.26 -11.63
CA ARG A 53 -3.41 -2.28 -12.43
C ARG A 53 -4.49 -1.49 -11.72
N PHE A 54 -5.15 -0.61 -12.43
CA PHE A 54 -6.21 0.19 -11.84
C PHE A 54 -7.53 -0.56 -11.91
N SER A 55 -7.54 -1.61 -12.72
CA SER A 55 -8.65 -2.53 -12.79
C SER A 55 -8.10 -3.95 -12.66
N GLU A 56 -8.67 -4.73 -11.76
CA GLU A 56 -8.20 -6.10 -11.53
C GLU A 56 -8.54 -6.98 -12.72
N ASP A 57 -9.41 -6.48 -13.59
CA ASP A 57 -9.84 -7.22 -14.77
C ASP A 57 -8.87 -7.00 -15.93
N SER A 58 -7.90 -6.15 -15.72
CA SER A 58 -6.92 -5.82 -16.76
C SER A 58 -5.71 -6.76 -16.68
N PHE A 59 -5.94 -7.96 -16.17
CA PHE A 59 -4.89 -8.98 -16.08
C PHE A 59 -4.90 -9.85 -17.33
N GLY A 60 -4.15 -10.94 -17.31
CA GLY A 60 -4.08 -11.81 -18.46
C GLY A 60 -3.80 -13.25 -18.07
N MET A 61 -3.35 -14.04 -19.04
CA MET A 61 -3.02 -15.43 -18.77
C MET A 61 -1.67 -15.51 -18.05
N ASP A 62 -0.91 -14.44 -18.14
CA ASP A 62 0.38 -14.36 -17.45
C ASP A 62 0.16 -13.91 -16.02
N VAL A 63 -0.43 -12.74 -15.86
CA VAL A 63 -0.75 -12.21 -14.54
C VAL A 63 -1.98 -12.92 -13.98
N ALA A 64 -1.75 -13.84 -13.06
CA ALA A 64 -2.85 -14.54 -12.40
C ALA A 64 -3.59 -13.59 -11.47
N ASP A 65 -4.92 -13.71 -11.42
CA ASP A 65 -5.73 -12.84 -10.58
C ASP A 65 -5.58 -13.21 -9.12
N ASP A 66 -4.89 -14.30 -8.86
CA ASP A 66 -4.56 -14.72 -7.50
C ASP A 66 -3.28 -14.03 -7.04
N SER A 67 -2.58 -13.44 -7.99
CA SER A 67 -1.33 -12.74 -7.72
C SER A 67 -1.56 -11.23 -7.66
N ILE A 68 -2.84 -10.86 -7.51
CA ILE A 68 -3.22 -9.45 -7.49
C ILE A 68 -3.73 -9.06 -6.09
N THR A 69 -3.28 -7.91 -5.61
CA THR A 69 -3.69 -7.43 -4.30
C THR A 69 -3.91 -5.92 -4.34
N PRO A 70 -5.07 -5.44 -3.83
CA PRO A 70 -5.36 -4.01 -3.73
C PRO A 70 -4.23 -3.24 -3.04
N THR A 71 -3.82 -2.13 -3.62
CA THR A 71 -2.65 -1.40 -3.15
C THR A 71 -2.84 -0.85 -1.74
N SER A 72 -4.08 -0.58 -1.37
CA SER A 72 -4.36 -0.10 -0.02
C SER A 72 -4.09 -1.21 0.99
N GLU A 73 -4.55 -2.42 0.68
CA GLU A 73 -4.36 -3.57 1.55
C GLU A 73 -2.93 -4.08 1.44
N PHE A 74 -2.23 -3.64 0.40
CA PHE A 74 -0.86 -4.03 0.17
C PHE A 74 0.07 -3.32 1.16
N VAL A 75 -0.32 -2.12 1.59
CA VAL A 75 0.48 -1.37 2.53
C VAL A 75 0.22 -1.84 3.96
N TRP A 76 -0.90 -2.53 4.14
CA TRP A 76 -1.25 -3.08 5.43
C TRP A 76 -0.65 -4.47 5.59
N SER A 77 0.07 -4.67 6.67
CA SER A 77 0.67 -5.95 6.97
C SER A 77 -0.08 -6.62 8.12
N SER A 78 -0.94 -7.57 7.78
CA SER A 78 -1.67 -8.32 8.80
C SER A 78 -0.72 -9.30 9.48
N VAL A 79 -0.48 -9.07 10.77
CA VAL A 79 0.48 -9.88 11.50
C VAL A 79 -0.15 -10.51 12.73
N ARG A 80 -1.43 -10.25 12.94
CA ARG A 80 -2.13 -10.76 14.10
C ARG A 80 -3.63 -10.80 13.83
N ASP A 81 -4.34 -11.57 14.65
CA ASP A 81 -5.79 -11.72 14.52
C ASP A 81 -6.49 -10.37 14.60
N ASP A 82 -6.09 -9.59 15.59
CA ASP A 82 -6.73 -8.31 15.86
C ASP A 82 -5.86 -7.16 15.39
N VAL A 83 -4.54 -7.35 15.46
CA VAL A 83 -3.60 -6.28 15.23
C VAL A 83 -2.96 -6.36 13.85
N MET A 84 -3.04 -5.27 13.10
CA MET A 84 -2.34 -5.16 11.83
C MET A 84 -1.47 -3.91 11.86
N ARG A 85 -0.40 -3.90 11.10
CA ARG A 85 0.50 -2.75 11.09
C ARG A 85 0.74 -2.24 9.68
N LEU A 86 1.31 -1.06 9.57
CA LEU A 86 1.66 -0.49 8.28
C LEU A 86 3.03 -1.00 7.87
N GLY A 87 3.13 -1.53 6.66
CA GLY A 87 4.39 -2.08 6.19
C GLY A 87 5.20 -1.08 5.43
N ARG A 88 6.49 -0.97 5.75
CA ARG A 88 7.40 -0.12 5.01
C ARG A 88 7.66 -0.70 3.61
N GLU A 89 7.40 -1.99 3.47
CA GLU A 89 7.71 -2.74 2.25
C GLU A 89 7.11 -2.08 1.00
N GLN A 90 5.84 -1.70 1.11
CA GLN A 90 5.12 -1.07 0.00
C GLN A 90 5.87 0.11 -0.59
N LEU A 91 6.59 0.85 0.25
CA LEU A 91 7.31 2.04 -0.19
C LEU A 91 8.32 1.70 -1.27
N GLN A 92 8.94 0.55 -1.14
CA GLN A 92 10.04 0.16 -2.03
C GLN A 92 9.54 0.01 -3.46
N ILE A 93 8.38 -0.61 -3.61
CA ILE A 93 7.78 -0.80 -4.91
C ILE A 93 7.15 0.50 -5.42
N LEU A 94 6.57 1.28 -4.50
CA LEU A 94 5.86 2.50 -4.86
C LEU A 94 6.83 3.62 -5.27
N LEU A 95 8.02 3.63 -4.68
CA LEU A 95 8.99 4.68 -4.98
C LEU A 95 9.44 4.64 -6.44
N GLU A 96 9.31 3.48 -7.07
CA GLU A 96 9.66 3.33 -8.48
C GLU A 96 8.68 4.08 -9.37
N GLN A 97 7.48 4.33 -8.85
CA GLN A 97 6.44 5.04 -9.59
C GLN A 97 6.08 6.34 -8.88
N ASN A 98 6.65 7.44 -9.34
CA ASN A 98 6.46 8.73 -8.68
C ASN A 98 5.25 9.46 -9.25
N ILE A 99 4.47 8.77 -10.07
CA ILE A 99 3.23 9.34 -10.60
C ILE A 99 2.14 9.37 -9.53
N ASN A 100 2.35 10.22 -8.54
CA ASN A 100 1.49 10.31 -7.37
C ASN A 100 0.06 10.68 -7.76
N GLU A 101 -0.08 11.57 -8.72
CA GLU A 101 -1.39 12.02 -9.19
C GLU A 101 -2.23 10.85 -9.70
N ARG A 102 -1.56 9.82 -10.20
CA ARG A 102 -2.22 8.64 -10.72
C ARG A 102 -2.32 7.57 -9.64
N LEU A 103 -1.20 7.34 -8.98
CA LEU A 103 -1.06 6.23 -8.02
C LEU A 103 -1.86 6.48 -6.74
N ASN A 104 -2.19 7.75 -6.47
CA ASN A 104 -3.07 8.13 -5.35
C ASN A 104 -2.43 7.90 -3.99
N ILE A 105 -1.11 8.02 -3.91
CA ILE A 105 -0.42 7.93 -2.62
C ILE A 105 -0.69 9.19 -1.82
N GLY A 106 -1.10 9.01 -0.56
CA GLY A 106 -1.43 10.14 0.28
C GLY A 106 -0.23 10.98 0.66
N GLU A 107 -0.48 12.23 1.03
CA GLU A 107 0.57 13.16 1.43
C GLU A 107 1.35 12.65 2.65
N PRO A 108 0.66 12.20 3.74
CA PRO A 108 1.34 11.61 4.91
C PRO A 108 2.12 10.36 4.54
N LEU A 109 1.79 9.76 3.41
CA LEU A 109 2.47 8.56 2.95
C LEU A 109 3.84 8.93 2.36
N LEU A 110 3.96 10.18 1.93
CA LEU A 110 5.22 10.69 1.40
C LEU A 110 6.22 10.92 2.53
N VAL A 111 5.73 11.46 3.65
CA VAL A 111 6.58 11.71 4.81
C VAL A 111 6.98 10.40 5.49
N TYR A 112 6.08 9.40 5.39
CA TYR A 112 6.34 8.06 5.91
C TYR A 112 7.69 7.51 5.42
N LEU A 113 8.11 7.96 4.24
CA LEU A 113 9.42 7.60 3.69
C LEU A 113 10.55 8.12 4.58
N ARG A 114 10.32 9.26 5.20
CA ARG A 114 11.33 9.90 6.03
C ARG A 114 11.26 9.38 7.47
N ARG A 115 10.05 9.27 7.99
CA ARG A 115 9.83 8.73 9.33
C ARG A 115 8.35 8.45 9.54
N GLN A 116 8.06 7.61 10.51
CA GLN A 116 6.67 7.31 10.87
C GLN A 116 6.35 7.87 12.25
N ASP A 117 5.06 8.11 12.51
CA ASP A 117 4.61 8.67 13.78
C ASP A 117 4.97 7.75 14.94
N LEU A 118 4.26 6.64 15.03
CA LEU A 118 4.51 5.65 16.07
C LEU A 118 5.69 4.77 15.67
N PRO A 119 6.47 4.28 16.64
CA PRO A 119 7.55 3.32 16.38
C PRO A 119 7.03 2.10 15.64
N GLU A 120 5.83 1.66 16.03
CA GLU A 120 5.11 0.62 15.33
C GLU A 120 3.69 1.10 15.07
N ILE A 121 3.42 1.51 13.83
CA ILE A 121 2.11 2.03 13.48
C ILE A 121 1.15 0.88 13.20
N THR A 122 0.18 0.71 14.09
CA THR A 122 -0.76 -0.38 13.99
C THR A 122 -2.20 0.11 13.93
N ALA A 123 -3.03 -0.70 13.31
CA ALA A 123 -4.46 -0.49 13.30
C ALA A 123 -5.14 -1.81 13.64
N GLN A 124 -5.90 -1.82 14.71
CA GLN A 124 -6.50 -3.05 15.20
C GLN A 124 -8.00 -3.05 14.99
N ARG A 125 -8.55 -4.26 14.84
CA ARG A 125 -9.98 -4.46 14.60
C ARG A 125 -10.84 -3.61 15.52
N GLN A 126 -11.60 -2.70 14.93
CA GLN A 126 -12.48 -1.83 15.67
C GLN A 126 -13.80 -2.52 15.96
N LEU A 127 -13.90 -3.09 17.15
CA LEU A 127 -15.08 -3.84 17.56
C LEU A 127 -15.93 -3.03 18.53
N ARG A 128 -15.77 -1.71 18.50
CA ARG A 128 -16.52 -0.84 19.39
C ARG A 128 -17.81 -0.40 18.71
N MET A 23 10.54 18.48 10.75
CA MET A 23 9.78 17.45 10.01
C MET A 23 9.35 16.35 10.96
N SER A 24 8.06 16.30 11.24
CA SER A 24 7.50 15.30 12.14
C SER A 24 6.46 14.46 11.41
N ILE A 25 5.95 13.44 12.08
CA ILE A 25 4.92 12.59 11.52
C ILE A 25 3.55 13.19 11.83
N THR A 26 2.56 12.84 11.02
CA THR A 26 1.25 13.45 11.12
C THR A 26 0.34 12.66 12.06
N SER A 27 -0.92 13.08 12.15
CA SER A 27 -1.90 12.44 13.02
C SER A 27 -2.46 11.19 12.33
N THR A 28 -3.51 10.63 12.92
CA THR A 28 -4.14 9.37 12.44
C THR A 28 -4.47 9.43 10.94
N ASP A 29 -4.59 10.64 10.40
CA ASP A 29 -4.82 10.86 8.99
C ASP A 29 -3.79 10.13 8.13
N ILE A 30 -2.60 9.89 8.67
CA ILE A 30 -1.57 9.14 7.95
C ILE A 30 -2.03 7.70 7.69
N CYS A 31 -2.65 7.10 8.70
CA CYS A 31 -3.17 5.75 8.58
C CYS A 31 -4.44 5.76 7.74
N GLN A 32 -5.21 6.83 7.85
CA GLN A 32 -6.44 6.98 7.11
C GLN A 32 -6.18 7.08 5.62
N ALA A 33 -5.18 7.88 5.25
CA ALA A 33 -4.84 8.07 3.86
C ALA A 33 -4.26 6.79 3.26
N ALA A 34 -3.53 6.03 4.07
CA ALA A 34 -2.97 4.76 3.62
C ALA A 34 -4.07 3.75 3.31
N ASP A 35 -5.19 3.86 4.02
CA ASP A 35 -6.32 2.97 3.81
C ASP A 35 -7.23 3.51 2.73
N ALA A 36 -7.05 4.77 2.38
CA ALA A 36 -7.87 5.43 1.38
C ALA A 36 -7.17 5.43 0.02
N LEU A 37 -6.05 4.74 -0.07
CA LEU A 37 -5.31 4.62 -1.32
C LEU A 37 -6.14 3.85 -2.35
N LYS A 38 -6.36 4.47 -3.50
CA LYS A 38 -7.17 3.85 -4.54
C LYS A 38 -6.29 3.28 -5.64
N GLY A 39 -6.72 2.17 -6.22
CA GLY A 39 -5.95 1.55 -7.27
C GLY A 39 -5.46 0.17 -6.87
N PHE A 40 -4.96 -0.58 -7.83
CA PHE A 40 -4.48 -1.92 -7.58
C PHE A 40 -2.99 -2.03 -7.88
N VAL A 41 -2.37 -3.10 -7.41
CA VAL A 41 -0.97 -3.35 -7.65
C VAL A 41 -0.75 -4.85 -7.77
N GLY A 42 0.16 -5.26 -8.64
CA GLY A 42 0.40 -6.67 -8.85
C GLY A 42 1.84 -6.96 -9.25
N PHE A 43 2.19 -8.22 -9.32
CA PHE A 43 3.55 -8.61 -9.65
C PHE A 43 3.62 -9.13 -11.08
N ASN A 44 4.39 -8.46 -11.91
CA ASN A 44 4.62 -8.93 -13.26
C ASN A 44 5.73 -9.96 -13.26
N ARG A 45 5.33 -11.21 -13.24
CA ARG A 45 6.25 -12.35 -13.11
C ARG A 45 7.22 -12.45 -14.29
N LYS A 46 6.89 -11.81 -15.40
CA LYS A 46 7.69 -11.93 -16.60
C LYS A 46 8.77 -10.87 -16.65
N THR A 47 8.52 -9.73 -16.03
CA THR A 47 9.53 -8.68 -15.95
C THR A 47 10.29 -8.76 -14.63
N GLY A 48 9.63 -9.30 -13.62
CA GLY A 48 10.26 -9.49 -12.33
C GLY A 48 10.15 -8.27 -11.45
N ARG A 49 9.14 -7.45 -11.69
CA ARG A 49 8.94 -6.24 -10.92
C ARG A 49 7.49 -6.11 -10.45
N TYR A 50 7.32 -5.37 -9.37
CA TYR A 50 6.01 -5.20 -8.77
C TYR A 50 5.44 -3.85 -9.21
N ILE A 51 4.35 -3.88 -9.95
CA ILE A 51 3.84 -2.68 -10.60
C ILE A 51 2.39 -2.40 -10.25
N VAL A 52 2.02 -1.13 -10.26
CA VAL A 52 0.66 -0.71 -9.97
C VAL A 52 -0.19 -0.74 -11.25
N ARG A 53 -1.47 -0.98 -11.07
CA ARG A 53 -2.39 -1.07 -12.19
C ARG A 53 -3.69 -0.37 -11.84
N PHE A 54 -4.17 0.49 -12.74
CA PHE A 54 -5.39 1.25 -12.48
C PHE A 54 -6.60 0.44 -12.92
N SER A 55 -6.45 -0.28 -14.03
CA SER A 55 -7.50 -1.13 -14.53
C SER A 55 -7.30 -2.57 -14.05
N GLU A 56 -8.18 -3.01 -13.15
CA GLU A 56 -8.09 -4.35 -12.56
C GLU A 56 -8.22 -5.44 -13.64
N ASP A 57 -8.85 -5.07 -14.75
CA ASP A 57 -9.11 -6.02 -15.84
C ASP A 57 -7.85 -6.33 -16.65
N SER A 58 -6.78 -5.59 -16.42
CA SER A 58 -5.56 -5.73 -17.19
C SER A 58 -4.74 -6.96 -16.72
N PHE A 59 -5.36 -8.12 -16.78
CA PHE A 59 -4.70 -9.37 -16.46
C PHE A 59 -5.21 -10.46 -17.39
N GLY A 60 -4.55 -11.61 -17.39
CA GLY A 60 -4.96 -12.68 -18.26
C GLY A 60 -5.03 -14.02 -17.55
N MET A 61 -4.70 -15.08 -18.28
CA MET A 61 -4.72 -16.43 -17.73
C MET A 61 -3.37 -16.73 -17.10
N ASP A 62 -2.36 -15.99 -17.52
CA ASP A 62 -1.01 -16.14 -16.98
C ASP A 62 -0.91 -15.52 -15.59
N VAL A 63 -1.54 -14.36 -15.46
CA VAL A 63 -1.52 -13.62 -14.20
C VAL A 63 -2.63 -14.12 -13.28
N ALA A 64 -2.25 -14.44 -12.05
CA ALA A 64 -3.21 -14.94 -11.07
C ALA A 64 -4.04 -13.81 -10.49
N ASP A 65 -5.30 -14.11 -10.19
CA ASP A 65 -6.22 -13.12 -9.63
C ASP A 65 -5.72 -12.65 -8.28
N ASP A 66 -5.11 -13.58 -7.56
CA ASP A 66 -4.64 -13.33 -6.20
C ASP A 66 -3.44 -12.38 -6.19
N SER A 67 -2.84 -12.16 -7.35
CA SER A 67 -1.71 -11.26 -7.45
C SER A 67 -2.19 -9.82 -7.40
N ILE A 68 -3.38 -9.58 -7.94
CA ILE A 68 -3.95 -8.25 -7.98
C ILE A 68 -4.43 -7.83 -6.60
N THR A 69 -3.70 -6.91 -5.98
CA THR A 69 -4.03 -6.46 -4.65
C THR A 69 -4.25 -4.95 -4.64
N PRO A 70 -5.34 -4.49 -4.04
CA PRO A 70 -5.56 -3.06 -3.83
C PRO A 70 -4.39 -2.43 -3.07
N THR A 71 -3.91 -1.29 -3.54
CA THR A 71 -2.74 -0.65 -2.94
C THR A 71 -2.98 -0.33 -1.46
N SER A 72 -4.22 -0.03 -1.09
CA SER A 72 -4.56 0.26 0.28
C SER A 72 -4.57 -1.01 1.13
N GLU A 73 -4.80 -2.14 0.48
CA GLU A 73 -4.82 -3.42 1.16
C GLU A 73 -3.41 -4.00 1.24
N PHE A 74 -2.54 -3.54 0.36
CA PHE A 74 -1.17 -4.02 0.29
C PHE A 74 -0.32 -3.43 1.42
N VAL A 75 -0.67 -2.22 1.86
CA VAL A 75 0.12 -1.54 2.87
C VAL A 75 -0.18 -2.07 4.27
N TRP A 76 -1.28 -2.80 4.40
CA TRP A 76 -1.65 -3.39 5.67
C TRP A 76 -1.31 -4.87 5.69
N SER A 77 -0.42 -5.24 6.57
CA SER A 77 0.01 -6.62 6.71
C SER A 77 -0.92 -7.36 7.68
N SER A 78 -1.42 -8.50 7.24
CA SER A 78 -2.33 -9.28 8.06
C SER A 78 -1.56 -10.20 9.01
N VAL A 79 -1.79 -10.05 10.30
CA VAL A 79 -1.01 -10.76 11.31
C VAL A 79 -1.89 -11.48 12.33
N ARG A 80 -3.19 -11.60 12.06
CA ARG A 80 -4.08 -12.31 12.96
C ARG A 80 -5.44 -12.56 12.30
N ASP A 81 -6.27 -11.52 12.27
CA ASP A 81 -7.64 -11.63 11.74
C ASP A 81 -8.19 -10.25 11.39
N ASP A 82 -8.40 -9.44 12.40
CA ASP A 82 -8.81 -8.06 12.22
C ASP A 82 -7.62 -7.15 12.49
N VAL A 83 -6.70 -7.67 13.28
CA VAL A 83 -5.48 -6.95 13.63
C VAL A 83 -4.54 -6.84 12.44
N MET A 84 -4.38 -5.63 11.93
CA MET A 84 -3.48 -5.37 10.82
C MET A 84 -2.34 -4.47 11.29
N ARG A 85 -1.26 -4.44 10.53
CA ARG A 85 -0.16 -3.54 10.85
C ARG A 85 0.42 -2.96 9.57
N LEU A 86 0.82 -1.70 9.63
CA LEU A 86 1.37 -1.01 8.47
C LEU A 86 2.72 -1.63 8.11
N GLY A 87 2.79 -2.22 6.93
CA GLY A 87 4.02 -2.84 6.49
C GLY A 87 4.93 -1.84 5.82
N ARG A 88 6.04 -1.52 6.46
CA ARG A 88 6.96 -0.51 5.94
C ARG A 88 7.54 -0.91 4.57
N GLU A 89 7.40 -2.18 4.21
CA GLU A 89 7.92 -2.67 2.95
C GLU A 89 7.19 -2.09 1.75
N GLN A 90 5.94 -1.65 1.93
CA GLN A 90 5.19 -1.03 0.84
C GLN A 90 5.86 0.26 0.41
N LEU A 91 6.50 0.94 1.35
CA LEU A 91 7.20 2.18 1.07
C LEU A 91 8.33 1.96 0.07
N GLN A 92 9.07 0.88 0.28
CA GLN A 92 10.23 0.58 -0.56
C GLN A 92 9.82 0.29 -2.00
N ILE A 93 8.66 -0.31 -2.17
CA ILE A 93 8.14 -0.59 -3.49
C ILE A 93 7.60 0.68 -4.13
N LEU A 94 6.84 1.46 -3.36
CA LEU A 94 6.20 2.67 -3.88
C LEU A 94 7.23 3.75 -4.22
N LEU A 95 8.34 3.79 -3.50
CA LEU A 95 9.37 4.82 -3.73
C LEU A 95 9.95 4.69 -5.14
N GLU A 96 9.87 3.49 -5.70
CA GLU A 96 10.35 3.23 -7.07
C GLU A 96 9.52 4.03 -8.08
N GLN A 97 8.33 4.43 -7.68
CA GLN A 97 7.44 5.21 -8.53
C GLN A 97 7.43 6.67 -8.09
N ASN A 98 8.00 7.53 -8.91
CA ASN A 98 8.13 8.95 -8.58
C ASN A 98 6.89 9.72 -8.98
N ILE A 99 5.91 9.01 -9.51
CA ILE A 99 4.67 9.64 -9.96
C ILE A 99 3.56 9.49 -8.93
N ASN A 100 3.65 10.26 -7.86
CA ASN A 100 2.73 10.14 -6.72
C ASN A 100 1.27 10.29 -7.16
N GLU A 101 1.04 11.15 -8.15
CA GLU A 101 -0.32 11.38 -8.65
C GLU A 101 -0.89 10.13 -9.31
N ARG A 102 -0.10 9.47 -10.15
CA ARG A 102 -0.56 8.28 -10.86
C ARG A 102 -0.46 7.06 -9.96
N LEU A 103 0.42 7.16 -8.98
CA LEU A 103 0.59 6.12 -7.98
C LEU A 103 -0.58 6.14 -7.00
N ASN A 104 -1.22 7.31 -6.87
CA ASN A 104 -2.39 7.51 -6.01
C ASN A 104 -2.02 7.44 -4.53
N ILE A 105 -0.76 7.71 -4.23
CA ILE A 105 -0.27 7.65 -2.86
C ILE A 105 -0.51 8.97 -2.14
N GLY A 106 -0.92 8.88 -0.87
CA GLY A 106 -1.23 10.06 -0.09
C GLY A 106 0.00 10.85 0.32
N GLU A 107 -0.21 12.13 0.61
CA GLU A 107 0.87 13.02 0.99
C GLU A 107 1.52 12.64 2.33
N PRO A 108 0.74 12.35 3.39
CA PRO A 108 1.29 11.89 4.68
C PRO A 108 2.10 10.60 4.52
N LEU A 109 1.84 9.88 3.45
CA LEU A 109 2.55 8.64 3.15
C LEU A 109 4.01 8.94 2.79
N LEU A 110 4.23 10.07 2.12
CA LEU A 110 5.58 10.52 1.82
C LEU A 110 6.30 10.93 3.10
N VAL A 111 5.54 11.47 4.04
CA VAL A 111 6.07 11.91 5.32
C VAL A 111 6.61 10.72 6.12
N TYR A 112 5.87 9.62 6.09
CA TYR A 112 6.26 8.41 6.80
C TYR A 112 7.53 7.82 6.21
N LEU A 113 7.70 8.01 4.90
CA LEU A 113 8.87 7.52 4.20
C LEU A 113 10.11 8.32 4.58
N ARG A 114 9.90 9.56 5.01
CA ARG A 114 10.99 10.44 5.39
C ARG A 114 11.67 9.96 6.67
N ARG A 115 10.85 9.63 7.66
CA ARG A 115 11.35 9.18 8.95
C ARG A 115 10.25 8.46 9.72
N GLN A 116 10.64 7.61 10.65
CA GLN A 116 9.67 6.86 11.44
C GLN A 116 9.39 7.57 12.76
N ASP A 117 8.32 7.18 13.42
CA ASP A 117 7.99 7.70 14.74
C ASP A 117 7.35 6.61 15.58
N LEU A 118 6.24 6.08 15.07
CA LEU A 118 5.59 4.95 15.71
C LEU A 118 6.31 3.67 15.31
N PRO A 119 6.82 2.91 16.29
CA PRO A 119 7.58 1.68 16.04
C PRO A 119 6.76 0.65 15.27
N GLU A 120 5.51 0.46 15.68
CA GLU A 120 4.61 -0.44 14.99
C GLU A 120 3.23 0.18 14.86
N ILE A 121 2.85 0.56 13.65
CA ILE A 121 1.51 1.09 13.41
C ILE A 121 0.52 -0.05 13.24
N THR A 122 -0.30 -0.27 14.25
CA THR A 122 -1.28 -1.34 14.22
C THR A 122 -2.70 -0.79 14.10
N ALA A 123 -3.51 -1.51 13.36
CA ALA A 123 -4.91 -1.14 13.19
C ALA A 123 -5.79 -2.33 13.51
N GLN A 124 -6.67 -2.18 14.49
CA GLN A 124 -7.48 -3.29 14.96
C GLN A 124 -8.77 -2.77 15.59
N ARG A 125 -9.90 -3.10 14.98
CA ARG A 125 -11.19 -2.62 15.43
C ARG A 125 -11.77 -3.62 16.42
N GLN A 126 -11.02 -3.87 17.48
CA GLN A 126 -11.37 -4.90 18.46
C GLN A 126 -11.55 -4.29 19.84
N LEU A 127 -10.49 -3.64 20.33
CA LEU A 127 -10.46 -3.08 21.68
C LEU A 127 -10.58 -4.19 22.71
N ARG A 128 -10.00 -5.33 22.39
CA ARG A 128 -9.95 -6.47 23.30
C ARG A 128 -8.53 -7.00 23.37
N MET A 23 11.73 18.10 9.09
CA MET A 23 10.64 17.24 8.58
C MET A 23 9.93 16.57 9.74
N SER A 24 8.64 16.85 9.86
CA SER A 24 7.85 16.32 10.97
C SER A 24 6.86 15.29 10.47
N ILE A 25 6.88 14.11 11.09
CA ILE A 25 5.89 13.09 10.80
C ILE A 25 4.55 13.51 11.36
N THR A 26 3.48 13.26 10.64
CA THR A 26 2.17 13.80 10.98
C THR A 26 1.39 12.87 11.90
N SER A 27 0.23 13.34 12.34
CA SER A 27 -0.62 12.59 13.25
C SER A 27 -1.34 11.46 12.51
N THR A 28 -2.32 10.84 13.18
CA THR A 28 -3.06 9.70 12.65
C THR A 28 -3.59 9.94 11.23
N ASP A 29 -3.75 11.21 10.87
CA ASP A 29 -4.16 11.60 9.52
C ASP A 29 -3.28 10.96 8.45
N ILE A 30 -2.04 10.66 8.81
CA ILE A 30 -1.08 10.07 7.88
C ILE A 30 -1.56 8.71 7.35
N CYS A 31 -2.01 7.85 8.27
CA CYS A 31 -2.51 6.53 7.87
C CYS A 31 -3.92 6.65 7.27
N GLN A 32 -4.64 7.69 7.68
CA GLN A 32 -5.96 7.94 7.14
C GLN A 32 -5.90 8.34 5.67
N ALA A 33 -4.84 9.07 5.32
CA ALA A 33 -4.65 9.51 3.94
C ALA A 33 -4.29 8.35 3.03
N ALA A 34 -3.85 7.24 3.61
CA ALA A 34 -3.52 6.04 2.85
C ALA A 34 -4.78 5.42 2.25
N ASP A 35 -5.92 5.81 2.80
CA ASP A 35 -7.21 5.34 2.32
C ASP A 35 -7.59 6.01 1.01
N ALA A 36 -6.91 7.12 0.70
CA ALA A 36 -7.21 7.90 -0.50
C ALA A 36 -6.42 7.43 -1.70
N LEU A 37 -5.70 6.32 -1.54
CA LEU A 37 -4.97 5.72 -2.65
C LEU A 37 -5.90 4.90 -3.52
N LYS A 38 -5.66 4.90 -4.82
CA LYS A 38 -6.55 4.22 -5.76
C LYS A 38 -5.79 3.18 -6.57
N GLY A 39 -6.38 2.02 -6.75
CA GLY A 39 -5.77 1.00 -7.57
C GLY A 39 -5.38 -0.23 -6.78
N PHE A 40 -4.80 -1.19 -7.46
CA PHE A 40 -4.40 -2.45 -6.85
C PHE A 40 -2.92 -2.72 -7.11
N VAL A 41 -2.33 -3.57 -6.29
CA VAL A 41 -0.93 -3.94 -6.47
C VAL A 41 -0.79 -5.46 -6.37
N GLY A 42 -0.15 -6.05 -7.36
CA GLY A 42 -0.03 -7.50 -7.39
C GLY A 42 1.27 -7.94 -8.05
N PHE A 43 1.56 -9.22 -7.99
CA PHE A 43 2.80 -9.73 -8.56
C PHE A 43 2.59 -10.15 -10.02
N ASN A 44 3.48 -9.68 -10.88
CA ASN A 44 3.42 -10.03 -12.29
C ASN A 44 4.59 -10.95 -12.64
N ARG A 45 4.29 -12.23 -12.78
CA ARG A 45 5.32 -13.24 -13.02
C ARG A 45 5.90 -13.16 -14.43
N LYS A 46 5.16 -12.55 -15.35
CA LYS A 46 5.60 -12.46 -16.73
C LYS A 46 6.83 -11.56 -16.84
N THR A 47 6.79 -10.45 -16.12
CA THR A 47 7.93 -9.53 -16.09
C THR A 47 8.83 -9.83 -14.88
N GLY A 48 8.31 -10.61 -13.94
CA GLY A 48 9.10 -11.05 -12.81
C GLY A 48 9.28 -9.98 -11.74
N ARG A 49 8.23 -9.22 -11.47
CA ARG A 49 8.29 -8.20 -10.43
C ARG A 49 6.91 -7.92 -9.86
N TYR A 50 6.88 -7.18 -8.77
CA TYR A 50 5.63 -6.74 -8.17
C TYR A 50 5.21 -5.42 -8.81
N ILE A 51 3.99 -5.36 -9.31
CA ILE A 51 3.54 -4.21 -10.08
C ILE A 51 2.23 -3.66 -9.55
N VAL A 52 1.89 -2.46 -9.99
CA VAL A 52 0.59 -1.88 -9.71
C VAL A 52 -0.34 -2.10 -10.90
N ARG A 53 -1.62 -2.20 -10.63
CA ARG A 53 -2.61 -2.37 -11.68
C ARG A 53 -3.88 -1.64 -11.28
N PHE A 54 -4.43 -0.86 -12.19
CA PHE A 54 -5.56 0.00 -11.89
C PHE A 54 -6.83 -0.82 -11.62
N SER A 55 -6.93 -1.97 -12.27
CA SER A 55 -8.08 -2.84 -12.11
C SER A 55 -7.63 -4.29 -11.97
N GLU A 56 -8.38 -5.06 -11.18
CA GLU A 56 -8.10 -6.48 -11.00
C GLU A 56 -8.42 -7.23 -12.29
N ASP A 57 -9.35 -6.70 -13.06
CA ASP A 57 -9.77 -7.34 -14.31
C ASP A 57 -8.71 -7.23 -15.39
N SER A 58 -7.75 -6.33 -15.16
CA SER A 58 -6.73 -6.04 -16.16
C SER A 58 -5.66 -7.13 -16.24
N PHE A 59 -5.84 -8.22 -15.52
CA PHE A 59 -4.88 -9.32 -15.54
C PHE A 59 -5.21 -10.31 -16.66
N GLY A 60 -4.44 -11.39 -16.74
CA GLY A 60 -4.74 -12.44 -17.68
C GLY A 60 -4.74 -13.80 -17.02
N MET A 61 -3.90 -14.69 -17.52
CA MET A 61 -3.71 -15.99 -16.88
C MET A 61 -2.38 -15.98 -16.13
N ASP A 62 -1.83 -14.79 -16.00
CA ASP A 62 -0.57 -14.57 -15.33
C ASP A 62 -0.76 -14.48 -13.82
N VAL A 63 -1.41 -13.41 -13.37
CA VAL A 63 -1.65 -13.21 -11.95
C VAL A 63 -3.10 -13.53 -11.60
N ALA A 64 -3.30 -14.18 -10.47
CA ALA A 64 -4.65 -14.48 -10.00
C ALA A 64 -5.14 -13.38 -9.08
N ASP A 65 -6.46 -13.28 -8.92
CA ASP A 65 -7.07 -12.24 -8.11
C ASP A 65 -6.59 -12.29 -6.66
N ASP A 66 -6.27 -13.49 -6.20
CA ASP A 66 -5.79 -13.68 -4.83
C ASP A 66 -4.39 -13.10 -4.67
N SER A 67 -3.70 -12.93 -5.78
CA SER A 67 -2.33 -12.41 -5.76
C SER A 67 -2.36 -10.90 -6.00
N ILE A 68 -3.55 -10.31 -5.89
CA ILE A 68 -3.73 -8.88 -6.06
C ILE A 68 -4.30 -8.27 -4.77
N THR A 69 -3.79 -7.12 -4.39
CA THR A 69 -4.24 -6.45 -3.19
C THR A 69 -4.45 -4.95 -3.44
N PRO A 70 -5.61 -4.39 -3.07
CA PRO A 70 -5.88 -2.96 -3.23
C PRO A 70 -4.87 -2.12 -2.46
N THR A 71 -4.33 -1.09 -3.12
CA THR A 71 -3.23 -0.32 -2.56
C THR A 71 -3.61 0.38 -1.26
N SER A 72 -4.91 0.65 -1.08
CA SER A 72 -5.39 1.30 0.12
C SER A 72 -5.21 0.41 1.34
N GLU A 73 -5.36 -0.91 1.14
CA GLU A 73 -5.28 -1.87 2.23
C GLU A 73 -3.93 -2.60 2.19
N PHE A 74 -3.23 -2.42 1.09
CA PHE A 74 -1.95 -3.09 0.86
C PHE A 74 -0.89 -2.59 1.84
N VAL A 75 -1.03 -1.36 2.29
CA VAL A 75 -0.05 -0.75 3.18
C VAL A 75 -0.17 -1.26 4.61
N TRP A 76 -1.19 -2.08 4.86
CA TRP A 76 -1.41 -2.64 6.18
C TRP A 76 -0.94 -4.09 6.22
N SER A 77 0.07 -4.36 7.04
CA SER A 77 0.60 -5.70 7.17
C SER A 77 0.26 -6.28 8.55
N SER A 78 -0.08 -7.55 8.59
CA SER A 78 -0.49 -8.21 9.83
C SER A 78 0.71 -8.47 10.73
N VAL A 79 0.72 -7.83 11.90
CA VAL A 79 1.84 -7.98 12.83
C VAL A 79 1.35 -8.47 14.19
N ARG A 80 0.04 -8.61 14.34
CA ARG A 80 -0.55 -9.08 15.58
C ARG A 80 -1.66 -10.08 15.27
N ASP A 81 -2.53 -10.35 16.25
CA ASP A 81 -3.65 -11.28 16.07
C ASP A 81 -4.53 -10.85 14.89
N ASP A 82 -5.27 -9.76 15.06
CA ASP A 82 -6.02 -9.16 13.97
C ASP A 82 -5.65 -7.69 13.84
N VAL A 83 -4.51 -7.34 14.39
CA VAL A 83 -4.00 -5.98 14.33
C VAL A 83 -2.94 -5.87 13.24
N MET A 84 -3.12 -4.91 12.35
CA MET A 84 -2.17 -4.67 11.27
C MET A 84 -1.42 -3.38 11.52
N ARG A 85 -0.27 -3.22 10.88
CA ARG A 85 0.48 -1.98 11.03
C ARG A 85 0.66 -1.30 9.68
N LEU A 86 0.77 0.02 9.71
CA LEU A 86 1.09 0.78 8.52
C LEU A 86 2.56 0.54 8.20
N GLY A 87 2.80 -0.18 7.11
CA GLY A 87 4.15 -0.51 6.75
C GLY A 87 4.61 0.26 5.54
N ARG A 88 5.58 1.15 5.73
CA ARG A 88 6.11 1.93 4.62
C ARG A 88 6.87 1.06 3.64
N GLU A 89 7.22 -0.15 4.05
CA GLU A 89 7.88 -1.12 3.19
C GLU A 89 7.04 -1.38 1.95
N GLN A 90 5.73 -1.23 2.11
CA GLN A 90 4.77 -1.39 1.01
C GLN A 90 4.90 -0.21 0.06
N LEU A 91 5.01 0.98 0.64
CA LEU A 91 5.11 2.23 -0.10
C LEU A 91 6.42 2.30 -0.88
N GLN A 92 7.46 1.64 -0.36
CA GLN A 92 8.76 1.60 -1.03
C GLN A 92 8.60 0.96 -2.41
N ILE A 93 7.74 -0.04 -2.50
CA ILE A 93 7.46 -0.71 -3.76
C ILE A 93 6.70 0.23 -4.68
N LEU A 94 5.83 1.05 -4.09
CA LEU A 94 4.99 1.96 -4.85
C LEU A 94 5.81 3.12 -5.43
N LEU A 95 6.78 3.61 -4.66
CA LEU A 95 7.64 4.68 -5.14
C LEU A 95 8.58 4.14 -6.22
N GLU A 96 8.87 2.85 -6.16
CA GLU A 96 9.66 2.20 -7.19
C GLU A 96 8.89 2.18 -8.51
N GLN A 97 7.56 2.19 -8.43
CA GLN A 97 6.72 2.25 -9.61
C GLN A 97 6.85 3.64 -10.24
N ASN A 98 7.06 4.64 -9.40
CA ASN A 98 7.33 6.02 -9.84
C ASN A 98 6.10 6.68 -10.45
N ILE A 99 4.95 6.05 -10.25
CA ILE A 99 3.70 6.58 -10.78
C ILE A 99 2.76 7.03 -9.64
N ASN A 100 3.28 7.88 -8.76
CA ASN A 100 2.50 8.38 -7.63
C ASN A 100 1.27 9.14 -8.13
N GLU A 101 1.38 9.71 -9.31
CA GLU A 101 0.29 10.46 -9.93
C GLU A 101 -0.80 9.50 -10.42
N ARG A 102 -0.42 8.28 -10.76
CA ARG A 102 -1.36 7.28 -11.22
C ARG A 102 -2.11 6.64 -10.04
N LEU A 103 -1.33 6.13 -9.10
CA LEU A 103 -1.88 5.38 -7.97
C LEU A 103 -2.43 6.32 -6.90
N ASN A 104 -1.99 7.57 -6.94
CA ASN A 104 -2.43 8.61 -6.00
C ASN A 104 -1.96 8.33 -4.59
N ILE A 105 -0.66 8.34 -4.39
CA ILE A 105 -0.09 8.19 -3.05
C ILE A 105 -0.21 9.52 -2.31
N GLY A 106 -0.75 9.46 -1.10
CA GLY A 106 -1.04 10.65 -0.33
C GLY A 106 0.20 11.46 0.02
N GLU A 107 -0.02 12.73 0.36
CA GLU A 107 1.06 13.66 0.66
C GLU A 107 1.85 13.23 1.91
N PRO A 108 1.17 12.99 3.06
CA PRO A 108 1.85 12.54 4.29
C PRO A 108 2.51 11.17 4.10
N LEU A 109 2.09 10.45 3.07
CA LEU A 109 2.67 9.15 2.77
C LEU A 109 4.08 9.32 2.24
N LEU A 110 4.31 10.39 1.47
CA LEU A 110 5.65 10.73 1.00
C LEU A 110 6.53 11.15 2.17
N VAL A 111 5.91 11.75 3.17
CA VAL A 111 6.62 12.12 4.40
C VAL A 111 7.03 10.86 5.15
N TYR A 112 6.15 9.87 5.13
CA TYR A 112 6.43 8.58 5.75
C TYR A 112 7.51 7.83 4.97
N LEU A 113 7.66 8.18 3.69
CA LEU A 113 8.72 7.64 2.85
C LEU A 113 10.07 8.20 3.27
N ARG A 114 10.06 9.34 3.93
CA ARG A 114 11.27 9.95 4.45
C ARG A 114 11.69 9.24 5.73
N ARG A 115 10.82 9.31 6.74
CA ARG A 115 11.07 8.68 8.02
C ARG A 115 9.78 8.19 8.65
N GLN A 116 9.91 7.51 9.77
CA GLN A 116 8.76 7.12 10.57
C GLN A 116 8.98 7.57 12.01
N ASP A 117 7.94 8.06 12.65
CA ASP A 117 8.03 8.50 14.04
C ASP A 117 7.67 7.36 14.97
N LEU A 118 6.74 6.54 14.53
CA LEU A 118 6.33 5.36 15.30
C LEU A 118 6.97 4.12 14.70
N PRO A 119 7.44 3.20 15.56
CA PRO A 119 8.04 1.94 15.12
C PRO A 119 7.06 1.08 14.33
N GLU A 120 5.78 1.37 14.53
CA GLU A 120 4.71 0.69 13.82
C GLU A 120 3.37 1.33 14.17
N ILE A 121 2.64 1.76 13.15
CA ILE A 121 1.31 2.32 13.37
C ILE A 121 0.28 1.21 13.29
N THR A 122 -0.23 0.79 14.42
CA THR A 122 -1.08 -0.39 14.49
C THR A 122 -2.56 -0.05 14.55
N ALA A 123 -3.35 -0.80 13.80
CA ALA A 123 -4.79 -0.68 13.80
C ALA A 123 -5.42 -2.06 13.66
N GLN A 124 -6.33 -2.39 14.56
CA GLN A 124 -6.98 -3.69 14.53
C GLN A 124 -8.17 -3.67 13.58
N ARG A 125 -8.33 -4.74 12.81
CA ARG A 125 -9.45 -4.84 11.88
C ARG A 125 -10.56 -5.65 12.51
N GLN A 126 -11.78 -5.43 12.06
CA GLN A 126 -12.93 -6.15 12.58
C GLN A 126 -13.01 -7.53 11.97
N LEU A 127 -13.08 -8.55 12.83
CA LEU A 127 -13.25 -9.92 12.38
C LEU A 127 -14.70 -10.19 12.00
N ARG A 128 -15.54 -9.19 12.24
CA ARG A 128 -16.95 -9.28 11.90
C ARG A 128 -17.24 -8.43 10.68
N MET A 23 9.63 18.21 7.07
CA MET A 23 8.19 18.43 7.28
C MET A 23 7.70 17.60 8.46
N SER A 24 6.75 18.16 9.21
CA SER A 24 6.23 17.51 10.39
C SER A 24 5.39 16.29 10.03
N ILE A 25 5.21 15.39 10.98
CA ILE A 25 4.41 14.20 10.77
C ILE A 25 3.01 14.44 11.32
N THR A 26 2.03 13.76 10.75
CA THR A 26 0.65 13.96 11.15
C THR A 26 0.24 12.99 12.24
N SER A 27 -1.03 13.03 12.62
CA SER A 27 -1.56 12.18 13.67
C SER A 27 -1.99 10.82 13.11
N THR A 28 -2.69 10.04 13.94
CA THR A 28 -3.06 8.66 13.61
C THR A 28 -3.72 8.51 12.23
N ASP A 29 -4.31 9.60 11.74
CA ASP A 29 -4.95 9.61 10.41
C ASP A 29 -3.97 9.16 9.32
N ILE A 30 -2.68 9.23 9.62
CA ILE A 30 -1.63 8.84 8.68
C ILE A 30 -1.84 7.42 8.13
N CYS A 31 -2.21 6.48 8.98
CA CYS A 31 -2.44 5.11 8.55
C CYS A 31 -3.77 4.99 7.80
N GLN A 32 -4.73 5.85 8.17
CA GLN A 32 -6.05 5.83 7.56
C GLN A 32 -5.97 6.27 6.10
N ALA A 33 -5.07 7.20 5.83
CA ALA A 33 -4.87 7.69 4.47
C ALA A 33 -4.28 6.60 3.58
N ALA A 34 -3.53 5.69 4.17
CA ALA A 34 -2.94 4.58 3.44
C ALA A 34 -4.01 3.58 3.01
N ASP A 35 -5.07 3.50 3.79
CA ASP A 35 -6.19 2.61 3.48
C ASP A 35 -7.06 3.20 2.37
N ALA A 36 -6.92 4.50 2.17
CA ALA A 36 -7.75 5.22 1.19
C ALA A 36 -7.06 5.29 -0.17
N LEU A 37 -5.96 4.56 -0.33
CA LEU A 37 -5.25 4.55 -1.60
C LEU A 37 -6.06 3.80 -2.66
N LYS A 38 -5.84 4.15 -3.92
CA LYS A 38 -6.59 3.56 -5.02
C LYS A 38 -5.69 2.72 -5.90
N GLY A 39 -6.28 1.79 -6.64
CA GLY A 39 -5.53 1.00 -7.59
C GLY A 39 -5.12 -0.36 -7.03
N PHE A 40 -4.93 -1.31 -7.93
CA PHE A 40 -4.50 -2.64 -7.56
C PHE A 40 -3.09 -2.88 -8.06
N VAL A 41 -2.37 -3.77 -7.43
CA VAL A 41 -1.05 -4.13 -7.88
C VAL A 41 -1.02 -5.62 -8.19
N GLY A 42 -0.48 -5.98 -9.35
CA GLY A 42 -0.49 -7.36 -9.77
C GLY A 42 0.86 -7.84 -10.22
N PHE A 43 1.20 -9.06 -9.85
CA PHE A 43 2.47 -9.66 -10.24
C PHE A 43 2.38 -10.20 -11.67
N ASN A 44 2.95 -9.47 -12.60
CA ASN A 44 2.92 -9.85 -14.00
C ASN A 44 4.17 -10.63 -14.37
N ARG A 45 3.98 -11.80 -14.99
CA ARG A 45 5.09 -12.69 -15.27
C ARG A 45 5.77 -12.37 -16.60
N LYS A 46 5.19 -11.45 -17.35
CA LYS A 46 5.80 -11.01 -18.60
C LYS A 46 6.89 -9.99 -18.31
N THR A 47 6.73 -9.28 -17.21
CA THR A 47 7.73 -8.33 -16.76
C THR A 47 8.48 -8.89 -15.55
N GLY A 48 7.90 -9.91 -14.93
CA GLY A 48 8.53 -10.57 -13.80
C GLY A 48 8.60 -9.68 -12.58
N ARG A 49 7.58 -8.85 -12.40
CA ARG A 49 7.58 -7.87 -11.32
C ARG A 49 6.17 -7.49 -10.89
N TYR A 50 6.10 -6.76 -9.78
CA TYR A 50 4.84 -6.34 -9.21
C TYR A 50 4.46 -4.96 -9.75
N ILE A 51 3.49 -4.91 -10.65
CA ILE A 51 3.13 -3.66 -11.32
C ILE A 51 1.70 -3.24 -11.01
N VAL A 52 1.42 -1.96 -11.15
CA VAL A 52 0.12 -1.41 -10.78
C VAL A 52 -0.86 -1.41 -11.95
N ARG A 53 -2.10 -1.77 -11.65
CA ARG A 53 -3.20 -1.76 -12.61
C ARG A 53 -4.50 -1.47 -11.88
N PHE A 54 -5.29 -0.55 -12.42
CA PHE A 54 -6.58 -0.25 -11.82
C PHE A 54 -7.59 -1.30 -12.25
N SER A 55 -7.51 -1.69 -13.51
CA SER A 55 -8.36 -2.74 -14.04
C SER A 55 -7.66 -4.08 -13.95
N GLU A 56 -8.06 -4.89 -12.98
CA GLU A 56 -7.49 -6.23 -12.82
C GLU A 56 -7.97 -7.16 -13.94
N ASP A 57 -9.02 -6.74 -14.64
CA ASP A 57 -9.59 -7.53 -15.73
C ASP A 57 -8.76 -7.39 -17.02
N SER A 58 -7.65 -6.66 -16.93
CA SER A 58 -6.80 -6.44 -18.09
C SER A 58 -5.84 -7.60 -18.28
N PHE A 59 -5.84 -8.52 -17.33
CA PHE A 59 -5.00 -9.71 -17.41
C PHE A 59 -5.85 -10.93 -17.70
N GLY A 60 -5.20 -12.06 -17.95
CA GLY A 60 -5.93 -13.28 -18.20
C GLY A 60 -5.34 -14.46 -17.45
N MET A 61 -4.46 -15.19 -18.12
CA MET A 61 -3.82 -16.35 -17.53
C MET A 61 -2.34 -16.06 -17.29
N ASP A 62 -1.97 -14.80 -17.52
CA ASP A 62 -0.60 -14.35 -17.35
C ASP A 62 -0.39 -13.83 -15.93
N VAL A 63 -1.48 -13.61 -15.21
CA VAL A 63 -1.42 -13.13 -13.85
C VAL A 63 -2.46 -13.83 -12.99
N ALA A 64 -1.99 -14.48 -11.93
CA ALA A 64 -2.88 -15.16 -10.99
C ALA A 64 -3.69 -14.15 -10.20
N ASP A 65 -4.90 -14.54 -9.81
CA ASP A 65 -5.81 -13.64 -9.10
C ASP A 65 -5.26 -13.27 -7.74
N ASP A 66 -4.64 -14.24 -7.06
CA ASP A 66 -4.06 -14.02 -5.74
C ASP A 66 -2.81 -13.15 -5.84
N SER A 67 -2.34 -12.95 -7.06
CA SER A 67 -1.18 -12.11 -7.31
C SER A 67 -1.60 -10.68 -7.58
N ILE A 68 -2.90 -10.42 -7.49
CA ILE A 68 -3.44 -9.08 -7.64
C ILE A 68 -4.02 -8.61 -6.31
N THR A 69 -3.46 -7.53 -5.77
CA THR A 69 -3.90 -7.01 -4.48
C THR A 69 -3.91 -5.49 -4.49
N PRO A 70 -5.01 -4.88 -4.00
CA PRO A 70 -5.13 -3.41 -3.91
C PRO A 70 -3.99 -2.81 -3.10
N THR A 71 -3.43 -1.70 -3.59
CA THR A 71 -2.29 -1.08 -2.94
C THR A 71 -2.67 -0.58 -1.55
N SER A 72 -3.94 -0.22 -1.37
CA SER A 72 -4.44 0.27 -0.10
C SER A 72 -4.51 -0.85 0.94
N GLU A 73 -4.39 -2.09 0.49
CA GLU A 73 -4.34 -3.23 1.39
C GLU A 73 -2.90 -3.72 1.50
N PHE A 74 -2.15 -3.55 0.42
CA PHE A 74 -0.75 -3.97 0.37
C PHE A 74 0.08 -3.19 1.38
N VAL A 75 -0.36 -1.97 1.69
CA VAL A 75 0.33 -1.13 2.66
C VAL A 75 0.08 -1.64 4.08
N TRP A 76 -0.85 -2.59 4.22
CA TRP A 76 -1.13 -3.19 5.51
C TRP A 76 -0.54 -4.59 5.56
N SER A 77 0.00 -4.95 6.70
CA SER A 77 0.44 -6.31 6.93
C SER A 77 -0.58 -7.00 7.83
N SER A 78 -1.48 -7.74 7.21
CA SER A 78 -2.53 -8.44 7.94
C SER A 78 -1.92 -9.50 8.84
N VAL A 79 -2.06 -9.34 10.14
CA VAL A 79 -1.48 -10.28 11.10
C VAL A 79 -2.57 -11.02 11.87
N ARG A 80 -3.74 -10.40 11.97
CA ARG A 80 -4.84 -10.97 12.72
C ARG A 80 -6.16 -10.49 12.16
N ASP A 81 -7.27 -10.98 12.72
CA ASP A 81 -8.59 -10.69 12.17
C ASP A 81 -8.97 -9.22 12.32
N ASP A 82 -8.57 -8.62 13.43
CA ASP A 82 -8.88 -7.22 13.70
C ASP A 82 -7.61 -6.39 13.77
N VAL A 83 -6.49 -7.07 13.90
CA VAL A 83 -5.22 -6.41 14.08
C VAL A 83 -4.46 -6.30 12.76
N MET A 84 -4.37 -5.08 12.25
CA MET A 84 -3.59 -4.82 11.05
C MET A 84 -2.48 -3.83 11.37
N ARG A 85 -1.27 -4.13 10.91
CA ARG A 85 -0.15 -3.26 11.13
C ARG A 85 0.24 -2.57 9.83
N LEU A 86 0.64 -1.31 9.92
CA LEU A 86 1.07 -0.57 8.75
C LEU A 86 2.42 -1.10 8.28
N GLY A 87 2.44 -1.64 7.07
CA GLY A 87 3.65 -2.21 6.55
C GLY A 87 4.54 -1.16 5.94
N ARG A 88 5.47 -0.64 6.74
CA ARG A 88 6.36 0.42 6.30
C ARG A 88 7.24 -0.02 5.11
N GLU A 89 7.30 -1.32 4.85
CA GLU A 89 8.03 -1.84 3.70
C GLU A 89 7.38 -1.42 2.37
N GLN A 90 6.08 -1.12 2.39
CA GLN A 90 5.35 -0.72 1.19
C GLN A 90 6.00 0.50 0.54
N LEU A 91 6.56 1.36 1.37
CA LEU A 91 7.14 2.63 0.93
C LEU A 91 8.23 2.39 -0.10
N GLN A 92 9.07 1.39 0.17
CA GLN A 92 10.21 1.09 -0.70
C GLN A 92 9.75 0.64 -2.08
N ILE A 93 8.69 -0.13 -2.13
CA ILE A 93 8.19 -0.67 -3.39
C ILE A 93 7.50 0.42 -4.20
N LEU A 94 6.83 1.34 -3.51
CA LEU A 94 6.11 2.42 -4.19
C LEU A 94 7.07 3.47 -4.72
N LEU A 95 8.11 3.78 -3.95
CA LEU A 95 9.05 4.85 -4.33
C LEU A 95 9.87 4.45 -5.57
N GLU A 96 10.04 3.16 -5.79
CA GLU A 96 10.78 2.69 -6.95
C GLU A 96 9.92 2.69 -8.21
N GLN A 97 8.61 2.91 -8.04
CA GLN A 97 7.70 2.98 -9.17
C GLN A 97 7.76 4.34 -9.85
N ASN A 98 8.05 5.37 -9.05
CA ASN A 98 8.27 6.74 -9.53
C ASN A 98 6.95 7.44 -9.87
N ILE A 99 5.97 6.67 -10.31
CA ILE A 99 4.75 7.23 -10.85
C ILE A 99 3.71 7.55 -9.77
N ASN A 100 4.06 8.48 -8.89
CA ASN A 100 3.17 8.92 -7.82
C ASN A 100 1.88 9.50 -8.41
N GLU A 101 1.99 10.16 -9.55
CA GLU A 101 0.84 10.73 -10.25
C GLU A 101 -0.13 9.63 -10.66
N ARG A 102 0.41 8.44 -10.89
CA ARG A 102 -0.37 7.33 -11.40
C ARG A 102 -1.05 6.52 -10.29
N LEU A 103 -0.33 6.29 -9.21
CA LEU A 103 -0.85 5.47 -8.12
C LEU A 103 -1.48 6.33 -7.03
N ASN A 104 -0.97 7.56 -6.90
CA ASN A 104 -1.42 8.51 -5.88
C ASN A 104 -1.11 8.00 -4.47
N ILE A 105 0.09 8.30 -4.01
CA ILE A 105 0.51 7.96 -2.66
C ILE A 105 0.03 9.04 -1.69
N GLY A 106 -0.56 8.61 -0.58
CA GLY A 106 -1.12 9.54 0.38
C GLY A 106 -0.12 10.56 0.89
N GLU A 107 -0.63 11.73 1.25
CA GLU A 107 0.22 12.82 1.73
C GLU A 107 0.91 12.46 3.05
N PRO A 108 0.18 11.93 4.06
CA PRO A 108 0.79 11.47 5.31
C PRO A 108 1.74 10.30 5.08
N LEU A 109 1.60 9.66 3.92
CA LEU A 109 2.47 8.55 3.54
C LEU A 109 3.79 9.09 3.01
N LEU A 110 3.71 10.24 2.33
CA LEU A 110 4.89 10.90 1.81
C LEU A 110 5.82 11.34 2.93
N VAL A 111 5.23 11.82 4.02
CA VAL A 111 6.01 12.27 5.17
C VAL A 111 6.53 11.08 5.97
N TYR A 112 5.73 10.01 6.02
CA TYR A 112 6.13 8.78 6.70
C TYR A 112 7.35 8.16 6.02
N LEU A 113 7.39 8.27 4.70
CA LEU A 113 8.50 7.78 3.91
C LEU A 113 9.77 8.57 4.24
N ARG A 114 9.60 9.84 4.56
CA ARG A 114 10.73 10.70 4.87
C ARG A 114 11.31 10.38 6.25
N ARG A 115 10.43 10.32 7.25
CA ARG A 115 10.85 9.97 8.60
C ARG A 115 9.70 9.32 9.35
N GLN A 116 9.98 8.21 10.00
CA GLN A 116 8.96 7.46 10.73
C GLN A 116 8.80 7.99 12.14
N ASP A 117 7.75 8.78 12.36
CA ASP A 117 7.45 9.34 13.67
C ASP A 117 6.87 8.25 14.57
N LEU A 118 6.15 7.32 13.97
CA LEU A 118 5.63 6.17 14.67
C LEU A 118 6.28 4.91 14.12
N PRO A 119 7.08 4.22 14.94
CA PRO A 119 7.84 3.04 14.51
C PRO A 119 6.97 1.97 13.85
N GLU A 120 5.97 1.51 14.58
CA GLU A 120 5.07 0.48 14.07
C GLU A 120 3.63 0.86 14.35
N ILE A 121 2.95 1.37 13.33
CA ILE A 121 1.57 1.80 13.47
C ILE A 121 0.62 0.61 13.40
N THR A 122 -0.07 0.34 14.49
CA THR A 122 -1.04 -0.74 14.53
C THR A 122 -2.46 -0.20 14.59
N ALA A 123 -3.33 -0.76 13.76
CA ALA A 123 -4.71 -0.34 13.72
C ALA A 123 -5.64 -1.53 14.00
N GLN A 124 -6.68 -1.28 14.77
CA GLN A 124 -7.64 -2.31 15.11
C GLN A 124 -8.99 -1.66 15.42
N ARG A 125 -10.07 -2.36 15.15
CA ARG A 125 -11.41 -1.77 15.28
C ARG A 125 -12.16 -2.34 16.47
N GLN A 126 -11.72 -3.51 16.94
CA GLN A 126 -12.35 -4.24 18.05
C GLN A 126 -13.74 -4.74 17.68
N LEU A 127 -14.11 -5.90 18.21
CA LEU A 127 -15.44 -6.45 17.96
C LEU A 127 -16.14 -6.70 19.28
N ARG A 128 -15.60 -6.11 20.34
CA ARG A 128 -16.18 -6.25 21.66
C ARG A 128 -17.23 -5.17 21.88
N MET A 23 4.90 20.14 7.64
CA MET A 23 6.19 19.62 7.10
C MET A 23 6.65 18.39 7.90
N SER A 24 6.28 18.34 9.17
CA SER A 24 6.56 17.17 10.00
C SER A 24 5.53 16.07 9.71
N ILE A 25 5.65 14.95 10.41
CA ILE A 25 4.72 13.84 10.22
C ILE A 25 3.33 14.24 10.73
N THR A 26 2.29 13.72 10.10
CA THR A 26 0.93 14.11 10.41
C THR A 26 0.32 13.20 11.48
N SER A 27 -0.95 13.42 11.76
CA SER A 27 -1.68 12.64 12.74
C SER A 27 -2.07 11.26 12.19
N THR A 28 -2.91 10.57 12.93
CA THR A 28 -3.36 9.22 12.61
C THR A 28 -3.90 9.11 11.17
N ASP A 29 -4.30 10.25 10.59
CA ASP A 29 -4.76 10.31 9.20
C ASP A 29 -3.75 9.67 8.24
N ILE A 30 -2.50 9.58 8.67
CA ILE A 30 -1.46 8.95 7.87
C ILE A 30 -1.84 7.51 7.52
N CYS A 31 -2.44 6.82 8.47
CA CYS A 31 -2.90 5.45 8.24
C CYS A 31 -4.18 5.45 7.42
N GLN A 32 -4.97 6.50 7.56
CA GLN A 32 -6.26 6.61 6.87
C GLN A 32 -6.05 6.90 5.38
N ALA A 33 -5.12 7.79 5.08
CA ALA A 33 -4.83 8.15 3.70
C ALA A 33 -4.31 6.95 2.91
N ALA A 34 -3.67 6.02 3.62
CA ALA A 34 -3.15 4.81 3.01
C ALA A 34 -4.27 3.93 2.47
N ASP A 35 -5.47 4.14 2.99
CA ASP A 35 -6.64 3.37 2.56
C ASP A 35 -7.20 3.95 1.26
N ALA A 36 -6.89 5.21 0.99
CA ALA A 36 -7.42 5.91 -0.18
C ALA A 36 -6.68 5.53 -1.45
N LEU A 37 -5.57 4.81 -1.30
CA LEU A 37 -4.81 4.33 -2.44
C LEU A 37 -5.60 3.28 -3.21
N LYS A 38 -5.87 3.55 -4.47
CA LYS A 38 -6.57 2.60 -5.32
C LYS A 38 -5.69 2.13 -6.47
N GLY A 39 -5.93 0.92 -6.93
CA GLY A 39 -5.09 0.32 -7.93
C GLY A 39 -4.63 -1.05 -7.50
N PHE A 40 -4.45 -1.95 -8.46
CA PHE A 40 -4.08 -3.32 -8.15
C PHE A 40 -2.66 -3.59 -8.61
N VAL A 41 -1.81 -4.07 -7.72
CA VAL A 41 -0.43 -4.30 -8.05
C VAL A 41 -0.23 -5.75 -8.46
N GLY A 42 0.33 -5.95 -9.65
CA GLY A 42 0.50 -7.29 -10.17
C GLY A 42 1.81 -7.43 -10.92
N PHE A 43 2.40 -8.61 -10.87
CA PHE A 43 3.66 -8.86 -11.55
C PHE A 43 3.41 -9.23 -13.01
N ASN A 44 3.92 -8.42 -13.92
CA ASN A 44 3.72 -8.68 -15.34
C ASN A 44 4.89 -9.48 -15.90
N ARG A 45 4.57 -10.63 -16.47
CA ARG A 45 5.57 -11.57 -16.97
C ARG A 45 6.40 -11.00 -18.12
N LYS A 46 5.79 -10.14 -18.94
CA LYS A 46 6.47 -9.67 -20.15
C LYS A 46 7.33 -8.45 -19.89
N THR A 47 7.11 -7.78 -18.77
CA THR A 47 7.93 -6.64 -18.40
C THR A 47 8.89 -7.00 -17.28
N GLY A 48 8.51 -8.00 -16.48
CA GLY A 48 9.35 -8.46 -15.41
C GLY A 48 9.30 -7.54 -14.20
N ARG A 49 8.25 -6.75 -14.11
CA ARG A 49 8.11 -5.80 -13.02
C ARG A 49 6.82 -6.03 -12.24
N TYR A 50 6.86 -5.71 -10.96
CA TYR A 50 5.66 -5.70 -10.13
C TYR A 50 5.03 -4.32 -10.24
N ILE A 51 4.04 -4.19 -11.12
CA ILE A 51 3.55 -2.88 -11.53
C ILE A 51 2.08 -2.69 -11.15
N VAL A 52 1.56 -1.51 -11.47
CA VAL A 52 0.21 -1.15 -11.10
C VAL A 52 -0.75 -1.31 -12.29
N ARG A 53 -1.85 -1.98 -12.04
CA ARG A 53 -2.91 -2.15 -13.01
C ARG A 53 -4.22 -1.67 -12.43
N PHE A 54 -4.99 -0.93 -13.21
CA PHE A 54 -6.29 -0.46 -12.76
C PHE A 54 -7.38 -1.47 -13.12
N SER A 55 -6.94 -2.59 -13.67
CA SER A 55 -7.85 -3.63 -14.09
C SER A 55 -7.37 -5.00 -13.59
N GLU A 56 -8.21 -5.67 -12.83
CA GLU A 56 -7.89 -6.98 -12.27
C GLU A 56 -7.84 -8.03 -13.38
N ASP A 57 -8.79 -7.93 -14.30
CA ASP A 57 -8.97 -8.94 -15.34
C ASP A 57 -8.06 -8.64 -16.53
N SER A 58 -6.99 -7.89 -16.31
CA SER A 58 -6.03 -7.62 -17.37
C SER A 58 -5.12 -8.83 -17.58
N PHE A 59 -5.20 -9.77 -16.65
CA PHE A 59 -4.49 -11.02 -16.75
C PHE A 59 -5.48 -12.16 -16.57
N GLY A 60 -5.31 -13.23 -17.35
CA GLY A 60 -6.22 -14.35 -17.26
C GLY A 60 -5.66 -15.44 -16.36
N MET A 61 -4.98 -16.39 -16.96
CA MET A 61 -4.30 -17.42 -16.20
C MET A 61 -2.81 -17.09 -16.15
N ASP A 62 -2.48 -15.88 -16.57
CA ASP A 62 -1.11 -15.40 -16.62
C ASP A 62 -0.54 -15.28 -15.21
N VAL A 63 -1.17 -14.44 -14.40
CA VAL A 63 -0.68 -14.14 -13.07
C VAL A 63 -1.65 -14.65 -12.02
N ALA A 64 -1.12 -15.29 -10.99
CA ALA A 64 -1.92 -15.77 -9.87
C ALA A 64 -2.54 -14.59 -9.14
N ASP A 65 -3.83 -14.70 -8.80
CA ASP A 65 -4.56 -13.61 -8.18
C ASP A 65 -4.05 -13.34 -6.77
N ASP A 66 -3.29 -14.27 -6.22
CA ASP A 66 -2.65 -14.08 -4.92
C ASP A 66 -1.57 -13.01 -5.00
N SER A 67 -0.97 -12.89 -6.18
CA SER A 67 0.10 -11.92 -6.39
C SER A 67 -0.48 -10.55 -6.74
N ILE A 68 -1.69 -10.55 -7.29
CA ILE A 68 -2.37 -9.31 -7.64
C ILE A 68 -3.12 -8.76 -6.43
N THR A 69 -2.52 -7.78 -5.77
CA THR A 69 -3.10 -7.21 -4.57
C THR A 69 -3.32 -5.71 -4.74
N PRO A 70 -4.55 -5.23 -4.44
CA PRO A 70 -4.85 -3.80 -4.42
C PRO A 70 -3.95 -3.06 -3.42
N THR A 71 -3.41 -1.92 -3.83
CA THR A 71 -2.44 -1.20 -3.02
C THR A 71 -3.01 -0.80 -1.65
N SER A 72 -4.31 -0.55 -1.59
CA SER A 72 -4.96 -0.21 -0.33
C SER A 72 -4.85 -1.37 0.66
N GLU A 73 -4.94 -2.58 0.13
CA GLU A 73 -4.90 -3.78 0.96
C GLU A 73 -3.48 -4.34 1.02
N PHE A 74 -2.57 -3.67 0.33
CA PHE A 74 -1.19 -4.13 0.24
C PHE A 74 -0.36 -3.53 1.36
N VAL A 75 -0.70 -2.31 1.77
CA VAL A 75 0.06 -1.61 2.78
C VAL A 75 -0.39 -2.03 4.19
N TRP A 76 -1.47 -2.81 4.26
CA TRP A 76 -1.96 -3.31 5.54
C TRP A 76 -1.67 -4.81 5.66
N SER A 77 -1.01 -5.18 6.74
CA SER A 77 -0.67 -6.57 6.98
C SER A 77 -1.18 -7.02 8.35
N SER A 78 -2.22 -7.84 8.37
CA SER A 78 -2.76 -8.36 9.61
C SER A 78 -1.75 -9.24 10.32
N VAL A 79 -1.32 -8.81 11.51
CA VAL A 79 -0.32 -9.54 12.28
C VAL A 79 -0.96 -10.22 13.48
N ARG A 80 -2.27 -10.08 13.60
CA ARG A 80 -3.01 -10.70 14.68
C ARG A 80 -4.44 -10.97 14.22
N ASP A 81 -5.32 -11.38 15.12
CA ASP A 81 -6.69 -11.72 14.78
C ASP A 81 -7.38 -10.57 14.04
N ASP A 82 -7.38 -9.40 14.64
CA ASP A 82 -7.99 -8.22 14.01
C ASP A 82 -6.97 -7.10 13.86
N VAL A 83 -5.92 -7.14 14.66
CA VAL A 83 -4.91 -6.11 14.68
C VAL A 83 -4.05 -6.17 13.41
N MET A 84 -3.96 -5.04 12.71
CA MET A 84 -3.22 -4.96 11.47
C MET A 84 -1.98 -4.08 11.64
N ARG A 85 -0.93 -4.43 10.92
CA ARG A 85 0.31 -3.68 10.94
C ARG A 85 0.41 -2.81 9.69
N LEU A 86 0.90 -1.59 9.85
CA LEU A 86 1.14 -0.72 8.70
C LEU A 86 2.46 -1.14 8.07
N GLY A 87 2.40 -1.63 6.84
CA GLY A 87 3.58 -2.08 6.16
C GLY A 87 4.53 -0.96 5.80
N ARG A 88 5.67 -0.91 6.46
CA ARG A 88 6.72 0.01 6.06
C ARG A 88 7.38 -0.45 4.76
N GLU A 89 7.26 -1.75 4.48
CA GLU A 89 7.92 -2.37 3.33
C GLU A 89 7.32 -1.94 1.98
N GLN A 90 6.05 -1.52 2.00
CA GLN A 90 5.36 -1.13 0.77
C GLN A 90 6.09 0.02 0.06
N LEU A 91 6.75 0.86 0.84
CA LEU A 91 7.46 2.04 0.30
C LEU A 91 8.47 1.62 -0.77
N GLN A 92 9.19 0.54 -0.49
CA GLN A 92 10.23 0.07 -1.40
C GLN A 92 9.65 -0.43 -2.72
N ILE A 93 8.47 -1.03 -2.67
CA ILE A 93 7.81 -1.50 -3.87
C ILE A 93 7.17 -0.35 -4.65
N LEU A 94 6.59 0.61 -3.93
CA LEU A 94 5.86 1.70 -4.57
C LEU A 94 6.80 2.66 -5.29
N LEU A 95 8.02 2.83 -4.76
CA LEU A 95 8.99 3.78 -5.32
C LEU A 95 9.33 3.46 -6.77
N GLU A 96 9.14 2.20 -7.18
CA GLU A 96 9.36 1.78 -8.55
C GLU A 96 8.61 2.71 -9.53
N GLN A 97 7.46 3.19 -9.11
CA GLN A 97 6.68 4.12 -9.90
C GLN A 97 6.70 5.49 -9.23
N ASN A 98 6.97 6.53 -10.00
CA ASN A 98 7.16 7.87 -9.42
C ASN A 98 5.91 8.72 -9.53
N ILE A 99 4.86 8.16 -10.13
CA ILE A 99 3.61 8.87 -10.24
C ILE A 99 2.74 8.71 -8.99
N ASN A 100 2.99 9.57 -8.01
CA ASN A 100 2.29 9.52 -6.74
C ASN A 100 0.81 9.77 -6.93
N GLU A 101 0.48 10.67 -7.86
CA GLU A 101 -0.91 11.01 -8.16
C GLU A 101 -1.64 9.79 -8.73
N ARG A 102 -0.94 9.04 -9.57
CA ARG A 102 -1.51 7.88 -10.24
C ARG A 102 -1.63 6.71 -9.26
N LEU A 103 -0.61 6.54 -8.45
CA LEU A 103 -0.60 5.50 -7.43
C LEU A 103 -1.49 5.86 -6.25
N ASN A 104 -1.91 7.13 -6.20
CA ASN A 104 -2.83 7.64 -5.17
C ASN A 104 -2.15 7.76 -3.81
N ILE A 105 -0.83 7.91 -3.83
CA ILE A 105 -0.08 8.11 -2.59
C ILE A 105 -0.54 9.40 -1.91
N GLY A 106 -1.04 9.24 -0.68
CA GLY A 106 -1.57 10.38 0.05
C GLY A 106 -0.50 11.29 0.61
N GLU A 107 -0.92 12.43 1.12
CA GLU A 107 0.00 13.46 1.65
C GLU A 107 0.93 12.89 2.73
N PRO A 108 0.38 12.26 3.79
CA PRO A 108 1.21 11.68 4.85
C PRO A 108 2.04 10.49 4.38
N LEU A 109 1.74 10.01 3.19
CA LEU A 109 2.46 8.88 2.62
C LEU A 109 3.81 9.34 2.07
N LEU A 110 3.88 10.60 1.65
CA LEU A 110 5.14 11.18 1.18
C LEU A 110 6.11 11.34 2.35
N VAL A 111 5.60 11.83 3.48
CA VAL A 111 6.45 12.08 4.64
C VAL A 111 6.85 10.77 5.32
N TYR A 112 5.95 9.79 5.32
CA TYR A 112 6.22 8.47 5.89
C TYR A 112 7.40 7.82 5.18
N LEU A 113 7.48 8.05 3.88
CA LEU A 113 8.54 7.49 3.05
C LEU A 113 9.90 8.01 3.52
N ARG A 114 9.94 9.27 3.92
CA ARG A 114 11.18 9.89 4.37
C ARG A 114 11.54 9.38 5.76
N ARG A 115 10.59 9.46 6.69
CA ARG A 115 10.79 8.91 8.02
C ARG A 115 9.44 8.70 8.70
N GLN A 116 9.42 7.92 9.76
CA GLN A 116 8.17 7.61 10.42
C GLN A 116 8.16 8.13 11.86
N ASP A 117 7.11 8.86 12.21
CA ASP A 117 6.94 9.37 13.57
C ASP A 117 6.81 8.23 14.56
N LEU A 118 5.99 7.26 14.21
CA LEU A 118 5.84 6.06 15.00
C LEU A 118 6.51 4.90 14.27
N PRO A 119 7.65 4.43 14.77
CA PRO A 119 8.43 3.35 14.14
C PRO A 119 7.68 2.02 14.10
N GLU A 120 6.61 1.95 14.86
CA GLU A 120 5.82 0.74 14.92
C GLU A 120 4.33 1.07 14.93
N ILE A 121 3.76 1.16 13.73
CA ILE A 121 2.34 1.45 13.60
C ILE A 121 1.54 0.15 13.52
N THR A 122 0.83 -0.15 14.60
CA THR A 122 -0.03 -1.31 14.65
C THR A 122 -1.39 -0.92 15.23
N ALA A 123 -2.45 -1.12 14.46
CA ALA A 123 -3.76 -0.65 14.86
C ALA A 123 -4.81 -1.75 14.75
N GLN A 124 -5.88 -1.61 15.50
CA GLN A 124 -6.96 -2.58 15.49
C GLN A 124 -8.28 -1.89 15.17
N ARG A 125 -9.19 -2.62 14.55
CA ARG A 125 -10.47 -2.06 14.16
C ARG A 125 -11.39 -1.96 15.37
N GLN A 126 -12.32 -1.02 15.34
CA GLN A 126 -13.24 -0.85 16.44
C GLN A 126 -14.49 -1.69 16.24
N LEU A 127 -14.50 -2.87 16.86
CA LEU A 127 -15.66 -3.74 16.84
C LEU A 127 -16.61 -3.32 17.97
N ARG A 128 -16.01 -2.67 18.96
CA ARG A 128 -16.73 -2.14 20.11
C ARG A 128 -16.15 -0.79 20.47
N MET A 23 8.23 19.39 8.46
CA MET A 23 9.09 18.52 9.30
C MET A 23 8.28 17.88 10.42
N SER A 24 6.97 17.76 10.23
CA SER A 24 6.11 17.20 11.24
C SER A 24 5.40 15.95 10.72
N ILE A 25 5.49 14.87 11.48
CA ILE A 25 4.75 13.66 11.16
C ILE A 25 3.27 13.86 11.53
N THR A 26 2.38 13.31 10.73
CA THR A 26 0.96 13.59 10.87
C THR A 26 0.27 12.61 11.83
N SER A 27 -0.99 12.89 12.12
CA SER A 27 -1.80 12.07 13.01
C SER A 27 -2.26 10.79 12.32
N THR A 28 -3.17 10.08 12.98
CA THR A 28 -3.71 8.79 12.50
C THR A 28 -4.18 8.87 11.05
N ASP A 29 -4.51 10.08 10.61
CA ASP A 29 -4.96 10.34 9.24
C ASP A 29 -3.96 9.82 8.21
N ILE A 30 -2.70 9.64 8.63
CA ILE A 30 -1.67 9.10 7.77
C ILE A 30 -2.08 7.72 7.23
N CYS A 31 -2.72 6.92 8.09
CA CYS A 31 -3.21 5.61 7.71
C CYS A 31 -4.46 5.72 6.84
N GLN A 32 -5.24 6.77 7.09
CA GLN A 32 -6.49 6.99 6.37
C GLN A 32 -6.21 7.32 4.91
N ALA A 33 -5.15 8.10 4.69
CA ALA A 33 -4.75 8.48 3.35
C ALA A 33 -4.19 7.27 2.58
N ALA A 34 -3.74 6.27 3.33
CA ALA A 34 -3.24 5.04 2.73
C ALA A 34 -4.39 4.19 2.20
N ASP A 35 -5.56 4.40 2.77
CA ASP A 35 -6.78 3.72 2.31
C ASP A 35 -7.29 4.38 1.04
N ALA A 36 -6.88 5.63 0.83
CA ALA A 36 -7.33 6.41 -0.33
C ALA A 36 -6.48 6.12 -1.56
N LEU A 37 -5.44 5.31 -1.40
CA LEU A 37 -4.58 4.94 -2.51
C LEU A 37 -5.36 4.11 -3.51
N LYS A 38 -5.30 4.48 -4.78
CA LYS A 38 -6.03 3.76 -5.81
C LYS A 38 -5.07 3.08 -6.79
N GLY A 39 -5.40 1.86 -7.19
CA GLY A 39 -4.55 1.10 -8.06
C GLY A 39 -4.42 -0.33 -7.61
N PHE A 40 -4.28 -1.26 -8.55
CA PHE A 40 -4.21 -2.67 -8.23
C PHE A 40 -2.81 -3.20 -8.49
N VAL A 41 -2.21 -3.79 -7.48
CA VAL A 41 -0.84 -4.28 -7.59
C VAL A 41 -0.84 -5.77 -7.94
N GLY A 42 -0.04 -6.13 -8.92
CA GLY A 42 0.03 -7.52 -9.33
C GLY A 42 1.40 -7.89 -9.87
N PHE A 43 1.66 -9.18 -9.97
CA PHE A 43 2.93 -9.67 -10.46
C PHE A 43 2.81 -10.02 -11.94
N ASN A 44 3.43 -9.23 -12.80
CA ASN A 44 3.32 -9.44 -14.24
C ASN A 44 4.41 -10.38 -14.74
N ARG A 45 3.98 -11.47 -15.37
CA ARG A 45 4.88 -12.50 -15.87
C ARG A 45 5.84 -11.97 -16.94
N LYS A 46 5.46 -10.87 -17.57
CA LYS A 46 6.27 -10.29 -18.64
C LYS A 46 7.62 -9.79 -18.10
N THR A 47 7.57 -8.95 -17.08
CA THR A 47 8.79 -8.40 -16.51
C THR A 47 9.28 -9.24 -15.33
N GLY A 48 8.38 -10.03 -14.75
CA GLY A 48 8.74 -10.83 -13.60
C GLY A 48 8.92 -9.97 -12.36
N ARG A 49 8.13 -8.91 -12.27
CA ARG A 49 8.22 -7.96 -11.17
C ARG A 49 6.84 -7.52 -10.74
N TYR A 50 6.78 -6.71 -9.69
CA TYR A 50 5.53 -6.13 -9.24
C TYR A 50 5.18 -4.91 -10.08
N ILE A 51 3.97 -4.87 -10.58
CA ILE A 51 3.49 -3.73 -11.34
C ILE A 51 2.10 -3.34 -10.87
N VAL A 52 1.61 -2.21 -11.35
CA VAL A 52 0.28 -1.75 -10.98
C VAL A 52 -0.58 -1.55 -12.22
N ARG A 53 -1.83 -1.92 -12.11
CA ARG A 53 -2.80 -1.72 -13.17
C ARG A 53 -4.05 -1.10 -12.57
N PHE A 54 -4.82 -0.38 -13.37
CA PHE A 54 -6.04 0.25 -12.85
C PHE A 54 -7.25 -0.56 -13.31
N SER A 55 -6.98 -1.68 -13.97
CA SER A 55 -8.04 -2.54 -14.47
C SER A 55 -7.84 -3.96 -13.96
N GLU A 56 -8.79 -4.44 -13.17
CA GLU A 56 -8.72 -5.77 -12.60
C GLU A 56 -8.89 -6.84 -13.68
N ASP A 57 -9.68 -6.51 -14.69
CA ASP A 57 -10.02 -7.48 -15.74
C ASP A 57 -8.83 -7.74 -16.66
N SER A 58 -7.78 -6.94 -16.52
CA SER A 58 -6.60 -7.08 -17.36
C SER A 58 -5.77 -8.29 -16.95
N PHE A 59 -6.15 -8.90 -15.84
CA PHE A 59 -5.48 -10.11 -15.37
C PHE A 59 -6.50 -11.24 -15.24
N GLY A 60 -6.44 -12.18 -16.17
CA GLY A 60 -7.36 -13.30 -16.13
C GLY A 60 -6.70 -14.53 -15.55
N MET A 61 -5.86 -15.16 -16.36
CA MET A 61 -5.05 -16.26 -15.87
C MET A 61 -3.62 -15.78 -15.69
N ASP A 62 -3.42 -14.49 -15.95
CA ASP A 62 -2.13 -13.85 -15.81
C ASP A 62 -1.71 -13.82 -14.35
N VAL A 63 -2.62 -13.33 -13.53
CA VAL A 63 -2.40 -13.22 -12.10
C VAL A 63 -3.64 -13.74 -11.38
N ALA A 64 -3.44 -14.39 -10.24
CA ALA A 64 -4.56 -14.84 -9.43
C ALA A 64 -5.32 -13.64 -8.89
N ASP A 65 -6.65 -13.71 -8.94
CA ASP A 65 -7.48 -12.60 -8.49
C ASP A 65 -7.28 -12.34 -7.00
N ASP A 66 -6.88 -13.37 -6.27
CA ASP A 66 -6.56 -13.24 -4.86
C ASP A 66 -5.26 -12.46 -4.69
N SER A 67 -4.38 -12.56 -5.66
CA SER A 67 -3.08 -11.90 -5.61
C SER A 67 -3.18 -10.47 -6.13
N ILE A 68 -4.25 -10.18 -6.87
CA ILE A 68 -4.50 -8.82 -7.32
C ILE A 68 -5.01 -7.99 -6.15
N THR A 69 -4.12 -7.25 -5.51
CA THR A 69 -4.47 -6.49 -4.33
C THR A 69 -4.38 -4.99 -4.59
N PRO A 70 -5.47 -4.26 -4.34
CA PRO A 70 -5.46 -2.79 -4.38
C PRO A 70 -4.44 -2.22 -3.41
N THR A 71 -3.75 -1.17 -3.80
CA THR A 71 -2.70 -0.58 -2.96
C THR A 71 -3.28 -0.01 -1.66
N SER A 72 -4.60 0.13 -1.61
CA SER A 72 -5.29 0.57 -0.40
C SER A 72 -5.19 -0.49 0.69
N GLU A 73 -5.11 -1.75 0.26
CA GLU A 73 -5.02 -2.88 1.19
C GLU A 73 -3.59 -3.42 1.20
N PHE A 74 -2.90 -3.23 0.09
CA PHE A 74 -1.55 -3.76 -0.10
C PHE A 74 -0.60 -3.25 0.98
N VAL A 75 -0.79 -2.00 1.41
CA VAL A 75 0.09 -1.39 2.40
C VAL A 75 -0.18 -1.92 3.82
N TRP A 76 -1.25 -2.70 3.96
CA TRP A 76 -1.62 -3.23 5.26
C TRP A 76 -1.24 -4.71 5.37
N SER A 77 -0.46 -5.02 6.39
CA SER A 77 -0.11 -6.40 6.68
C SER A 77 -0.82 -6.85 7.95
N SER A 78 -1.77 -7.77 7.81
CA SER A 78 -2.49 -8.29 8.96
C SER A 78 -1.55 -9.10 9.84
N VAL A 79 -1.31 -8.63 11.05
CA VAL A 79 -0.35 -9.28 11.93
C VAL A 79 -1.03 -10.03 13.06
N ARG A 80 -2.22 -9.59 13.45
CA ARG A 80 -2.94 -10.23 14.55
C ARG A 80 -4.42 -9.91 14.53
N ASP A 81 -5.22 -10.92 14.18
CA ASP A 81 -6.68 -10.83 14.17
C ASP A 81 -7.20 -9.68 13.30
N ASP A 82 -7.42 -8.52 13.92
CA ASP A 82 -7.94 -7.35 13.20
C ASP A 82 -6.85 -6.27 13.12
N VAL A 83 -5.80 -6.48 13.89
CA VAL A 83 -4.71 -5.51 13.97
C VAL A 83 -3.89 -5.54 12.68
N MET A 84 -4.00 -4.48 11.91
CA MET A 84 -3.27 -4.38 10.66
C MET A 84 -2.04 -3.50 10.84
N ARG A 85 -0.91 -3.99 10.37
CA ARG A 85 0.34 -3.26 10.42
C ARG A 85 0.57 -2.51 9.12
N LEU A 86 0.68 -1.19 9.21
CA LEU A 86 1.02 -0.39 8.05
C LEU A 86 2.48 -0.66 7.68
N GLY A 87 2.69 -1.30 6.55
CA GLY A 87 4.02 -1.67 6.14
C GLY A 87 4.65 -0.63 5.24
N ARG A 88 5.60 0.11 5.77
CA ARG A 88 6.32 1.08 4.95
C ARG A 88 7.20 0.39 3.92
N GLU A 89 7.47 -0.90 4.15
CA GLU A 89 8.21 -1.71 3.20
C GLU A 89 7.54 -1.69 1.83
N GLN A 90 6.22 -1.55 1.87
CA GLN A 90 5.38 -1.58 0.68
C GLN A 90 5.66 -0.38 -0.22
N LEU A 91 6.03 0.74 0.40
CA LEU A 91 6.30 1.96 -0.36
C LEU A 91 7.49 1.78 -1.29
N GLN A 92 8.40 0.89 -0.92
CA GLN A 92 9.56 0.60 -1.75
C GLN A 92 9.15 -0.10 -3.04
N ILE A 93 8.07 -0.87 -2.97
CA ILE A 93 7.54 -1.56 -4.15
C ILE A 93 6.84 -0.57 -5.07
N LEU A 94 6.19 0.42 -4.48
CA LEU A 94 5.55 1.48 -5.24
C LEU A 94 6.61 2.43 -5.80
N LEU A 95 7.71 2.54 -5.08
CA LEU A 95 8.81 3.42 -5.44
C LEU A 95 9.51 2.96 -6.72
N GLU A 96 9.66 1.65 -6.89
CA GLU A 96 10.29 1.11 -8.08
C GLU A 96 9.39 1.31 -9.29
N GLN A 97 8.09 1.34 -9.04
CA GLN A 97 7.11 1.63 -10.07
C GLN A 97 7.24 3.10 -10.47
N ASN A 98 7.33 3.95 -9.44
CA ASN A 98 7.67 5.37 -9.60
C ASN A 98 6.61 6.14 -10.38
N ILE A 99 5.36 5.73 -10.25
CA ILE A 99 4.25 6.45 -10.86
C ILE A 99 3.29 6.98 -9.80
N ASN A 100 3.86 7.73 -8.85
CA ASN A 100 3.10 8.28 -7.73
C ASN A 100 1.90 9.09 -8.22
N GLU A 101 2.09 9.78 -9.34
CA GLU A 101 1.05 10.62 -9.91
C GLU A 101 -0.20 9.81 -10.26
N ARG A 102 -0.01 8.56 -10.66
CA ARG A 102 -1.13 7.73 -11.08
C ARG A 102 -1.87 7.16 -9.89
N LEU A 103 -1.15 6.49 -9.00
CA LEU A 103 -1.75 5.85 -7.85
C LEU A 103 -2.26 6.87 -6.85
N ASN A 104 -1.63 8.05 -6.87
CA ASN A 104 -1.92 9.12 -5.91
C ASN A 104 -1.56 8.66 -4.51
N ILE A 105 -0.29 8.79 -4.16
CA ILE A 105 0.16 8.46 -2.82
C ILE A 105 -0.15 9.64 -1.89
N GLY A 106 -0.81 9.33 -0.79
CA GLY A 106 -1.24 10.34 0.15
C GLY A 106 -0.09 11.22 0.63
N GLU A 107 -0.40 12.48 0.85
CA GLU A 107 0.60 13.46 1.29
C GLU A 107 1.30 13.02 2.58
N PRO A 108 0.55 12.57 3.63
CA PRO A 108 1.16 12.04 4.85
C PRO A 108 2.06 10.82 4.58
N LEU A 109 1.75 10.10 3.50
CA LEU A 109 2.52 8.93 3.12
C LEU A 109 3.91 9.36 2.64
N LEU A 110 3.98 10.51 1.98
CA LEU A 110 5.25 11.08 1.59
C LEU A 110 6.07 11.43 2.83
N VAL A 111 5.41 12.02 3.82
CA VAL A 111 6.05 12.41 5.06
C VAL A 111 6.57 11.16 5.79
N TYR A 112 5.82 10.08 5.67
CA TYR A 112 6.18 8.80 6.25
C TYR A 112 7.46 8.26 5.60
N LEU A 113 7.61 8.55 4.31
CA LEU A 113 8.80 8.14 3.56
C LEU A 113 10.00 8.97 3.98
N ARG A 114 9.76 10.23 4.36
CA ARG A 114 10.81 11.11 4.86
C ARG A 114 11.44 10.52 6.11
N ARG A 115 10.63 10.31 7.13
CA ARG A 115 11.08 9.63 8.33
C ARG A 115 9.93 8.86 8.98
N GLN A 116 10.17 7.61 9.32
CA GLN A 116 9.18 6.81 10.01
C GLN A 116 9.23 7.09 11.51
N ASP A 117 8.31 7.91 11.97
CA ASP A 117 8.21 8.18 13.39
C ASP A 117 7.73 6.93 14.12
N LEU A 118 6.78 6.24 13.50
CA LEU A 118 6.33 4.95 13.98
C LEU A 118 6.62 3.89 12.92
N PRO A 119 7.67 3.09 13.12
CA PRO A 119 8.06 2.03 12.18
C PRO A 119 6.92 1.03 11.94
N GLU A 120 6.26 0.64 13.02
CA GLU A 120 5.14 -0.28 12.93
C GLU A 120 3.86 0.39 13.38
N ILE A 121 3.13 0.97 12.45
CA ILE A 121 1.85 1.56 12.78
C ILE A 121 0.79 0.47 12.76
N THR A 122 0.36 0.05 13.93
CA THR A 122 -0.65 -0.99 14.05
C THR A 122 -2.00 -0.39 14.35
N ALA A 123 -2.96 -0.68 13.51
CA ALA A 123 -4.30 -0.13 13.64
C ALA A 123 -5.34 -1.23 13.52
N GLN A 124 -6.34 -1.18 14.39
CA GLN A 124 -7.44 -2.13 14.35
C GLN A 124 -8.75 -1.40 14.61
N ARG A 125 -9.82 -1.91 14.04
CA ARG A 125 -11.13 -1.30 14.22
C ARG A 125 -11.80 -1.91 15.45
N GLN A 126 -11.61 -3.20 15.63
CA GLN A 126 -12.14 -3.89 16.79
C GLN A 126 -11.17 -4.98 17.23
N LEU A 127 -11.34 -5.47 18.46
CA LEU A 127 -10.50 -6.54 18.96
C LEU A 127 -11.35 -7.76 19.26
N ARG A 128 -12.65 -7.54 19.41
CA ARG A 128 -13.60 -8.60 19.64
C ARG A 128 -14.90 -8.30 18.91
N MET A 23 7.43 17.31 8.44
CA MET A 23 8.54 16.37 8.69
C MET A 23 8.15 15.34 9.75
N SER A 24 7.36 15.77 10.72
CA SER A 24 6.92 14.90 11.79
C SER A 24 5.68 14.11 11.35
N ILE A 25 5.40 13.02 12.05
CA ILE A 25 4.26 12.18 11.73
C ILE A 25 2.96 12.92 12.02
N THR A 26 1.99 12.72 11.14
CA THR A 26 0.75 13.47 11.20
C THR A 26 -0.30 12.76 12.05
N SER A 27 -1.50 13.32 12.08
CA SER A 27 -2.59 12.78 12.88
C SER A 27 -3.23 11.57 12.19
N THR A 28 -4.36 11.12 12.72
CA THR A 28 -5.06 9.92 12.26
C THR A 28 -5.28 9.92 10.74
N ASP A 29 -5.29 11.11 10.15
CA ASP A 29 -5.46 11.26 8.70
C ASP A 29 -4.46 10.40 7.92
N ILE A 30 -3.29 10.18 8.51
CA ILE A 30 -2.25 9.38 7.85
C ILE A 30 -2.71 7.94 7.65
N CYS A 31 -3.50 7.44 8.59
CA CYS A 31 -4.00 6.07 8.53
C CYS A 31 -5.11 5.96 7.49
N GLN A 32 -5.96 6.97 7.44
CA GLN A 32 -7.10 6.97 6.54
C GLN A 32 -6.68 7.21 5.10
N ALA A 33 -5.67 8.07 4.92
CA ALA A 33 -5.15 8.39 3.60
C ALA A 33 -4.60 7.14 2.92
N ALA A 34 -4.06 6.22 3.72
CA ALA A 34 -3.46 4.99 3.20
C ALA A 34 -4.52 4.08 2.57
N ASP A 35 -5.76 4.22 3.02
CA ASP A 35 -6.86 3.41 2.52
C ASP A 35 -7.45 4.06 1.26
N ALA A 36 -7.16 5.34 1.08
CA ALA A 36 -7.74 6.13 -0.01
C ALA A 36 -6.92 6.00 -1.30
N LEU A 37 -5.87 5.20 -1.27
CA LEU A 37 -5.03 4.96 -2.46
C LEU A 37 -5.82 4.21 -3.53
N LYS A 38 -5.26 4.13 -4.73
CA LYS A 38 -5.92 3.45 -5.83
C LYS A 38 -4.92 2.67 -6.66
N GLY A 39 -5.40 1.66 -7.38
CA GLY A 39 -4.51 0.89 -8.23
C GLY A 39 -4.28 -0.50 -7.68
N PHE A 40 -3.96 -1.41 -8.58
CA PHE A 40 -3.73 -2.79 -8.20
C PHE A 40 -2.31 -3.19 -8.55
N VAL A 41 -1.57 -3.64 -7.56
CA VAL A 41 -0.16 -3.92 -7.72
C VAL A 41 0.12 -5.43 -7.56
N GLY A 42 0.91 -5.98 -8.47
CA GLY A 42 1.16 -7.40 -8.46
C GLY A 42 2.52 -7.75 -9.03
N PHE A 43 2.88 -9.02 -8.98
CA PHE A 43 4.18 -9.47 -9.46
C PHE A 43 4.06 -10.09 -10.85
N ASN A 44 4.82 -9.54 -11.79
CA ASN A 44 4.86 -10.07 -13.15
C ASN A 44 6.01 -11.05 -13.29
N ARG A 45 5.70 -12.32 -13.52
CA ARG A 45 6.70 -13.38 -13.53
C ARG A 45 7.62 -13.31 -14.76
N LYS A 46 7.19 -12.65 -15.81
CA LYS A 46 8.00 -12.55 -17.02
C LYS A 46 9.12 -11.53 -16.83
N THR A 47 8.76 -10.34 -16.35
CA THR A 47 9.75 -9.29 -16.15
C THR A 47 10.49 -9.49 -14.81
N GLY A 48 9.83 -10.18 -13.88
CA GLY A 48 10.47 -10.52 -12.63
C GLY A 48 10.54 -9.34 -11.67
N ARG A 49 9.48 -8.56 -11.61
CA ARG A 49 9.43 -7.43 -10.69
C ARG A 49 7.98 -7.08 -10.33
N TYR A 50 7.83 -6.24 -9.33
CA TYR A 50 6.52 -5.90 -8.79
C TYR A 50 6.03 -4.59 -9.41
N ILE A 51 4.89 -4.65 -10.09
CA ILE A 51 4.38 -3.50 -10.83
C ILE A 51 2.92 -3.22 -10.51
N VAL A 52 2.48 -1.99 -10.78
CA VAL A 52 1.11 -1.58 -10.49
C VAL A 52 0.36 -1.24 -11.78
N ARG A 53 -0.93 -1.54 -11.81
CA ARG A 53 -1.79 -1.16 -12.91
C ARG A 53 -3.13 -0.65 -12.37
N PHE A 54 -3.73 0.29 -13.08
CA PHE A 54 -4.97 0.91 -12.63
C PHE A 54 -6.15 -0.03 -12.78
N SER A 55 -6.20 -0.76 -13.89
CA SER A 55 -7.33 -1.64 -14.17
C SER A 55 -6.97 -3.10 -13.86
N GLU A 56 -7.88 -3.80 -13.18
CA GLU A 56 -7.67 -5.18 -12.76
C GLU A 56 -7.59 -6.11 -13.96
N ASP A 57 -8.52 -5.93 -14.89
CA ASP A 57 -8.63 -6.79 -16.07
C ASP A 57 -7.37 -6.75 -16.94
N SER A 58 -6.56 -5.72 -16.74
CA SER A 58 -5.38 -5.52 -17.56
C SER A 58 -4.20 -6.35 -17.07
N PHE A 59 -4.49 -7.46 -16.40
CA PHE A 59 -3.47 -8.35 -15.92
C PHE A 59 -3.15 -9.41 -16.97
N GLY A 60 -1.91 -9.86 -17.00
CA GLY A 60 -1.55 -10.93 -17.90
C GLY A 60 -1.43 -12.25 -17.18
N MET A 61 -1.16 -13.32 -17.91
CA MET A 61 -1.06 -14.65 -17.32
C MET A 61 0.20 -14.77 -16.46
N ASP A 62 0.97 -13.68 -16.40
CA ASP A 62 2.14 -13.61 -15.55
C ASP A 62 1.73 -13.25 -14.13
N VAL A 63 0.48 -12.85 -13.97
CA VAL A 63 -0.04 -12.45 -12.68
C VAL A 63 -1.36 -13.18 -12.41
N ALA A 64 -1.41 -13.89 -11.30
CA ALA A 64 -2.65 -14.55 -10.90
C ALA A 64 -3.65 -13.51 -10.41
N ASP A 65 -4.92 -13.71 -10.72
CA ASP A 65 -5.96 -12.74 -10.35
C ASP A 65 -6.11 -12.64 -8.83
N ASP A 66 -5.76 -13.72 -8.12
CA ASP A 66 -5.73 -13.71 -6.66
C ASP A 66 -4.57 -12.89 -6.15
N SER A 67 -3.50 -12.84 -6.94
CA SER A 67 -2.28 -12.14 -6.56
C SER A 67 -2.39 -10.64 -6.86
N ILE A 68 -3.48 -10.25 -7.51
CA ILE A 68 -3.73 -8.84 -7.76
C ILE A 68 -4.09 -8.15 -6.45
N THR A 69 -3.12 -7.43 -5.89
CA THR A 69 -3.29 -6.80 -4.59
C THR A 69 -3.59 -5.32 -4.73
N PRO A 70 -4.78 -4.90 -4.27
CA PRO A 70 -5.12 -3.48 -4.18
C PRO A 70 -4.16 -2.78 -3.24
N THR A 71 -3.60 -1.65 -3.67
CA THR A 71 -2.63 -0.93 -2.86
C THR A 71 -3.23 -0.48 -1.52
N SER A 72 -4.55 -0.31 -1.48
CA SER A 72 -5.24 0.07 -0.26
C SER A 72 -5.23 -1.08 0.75
N GLU A 73 -4.94 -2.28 0.28
CA GLU A 73 -4.85 -3.46 1.13
C GLU A 73 -3.43 -3.99 1.13
N PHE A 74 -2.54 -3.29 0.44
CA PHE A 74 -1.15 -3.70 0.32
C PHE A 74 -0.30 -3.05 1.41
N VAL A 75 -0.52 -1.76 1.63
CA VAL A 75 0.27 -1.03 2.62
C VAL A 75 -0.09 -1.50 4.03
N TRP A 76 -1.27 -2.09 4.18
CA TRP A 76 -1.67 -2.68 5.44
C TRP A 76 -1.18 -4.12 5.47
N SER A 77 -0.27 -4.40 6.40
CA SER A 77 0.29 -5.72 6.54
C SER A 77 -0.41 -6.48 7.65
N SER A 78 -1.16 -7.50 7.27
CA SER A 78 -1.83 -8.33 8.25
C SER A 78 -0.80 -9.25 8.92
N VAL A 79 -0.61 -9.03 10.21
CA VAL A 79 0.30 -9.86 10.99
C VAL A 79 -0.48 -10.70 11.98
N ARG A 80 -1.78 -10.46 12.01
CA ARG A 80 -2.70 -11.15 12.88
C ARG A 80 -4.06 -11.17 12.19
N ASP A 81 -4.98 -11.99 12.69
CA ASP A 81 -6.29 -12.14 12.06
C ASP A 81 -7.06 -10.83 12.07
N ASP A 82 -7.16 -10.22 13.24
CA ASP A 82 -7.90 -8.97 13.40
C ASP A 82 -6.96 -7.76 13.37
N VAL A 83 -5.75 -7.96 13.87
CA VAL A 83 -4.79 -6.86 14.02
C VAL A 83 -3.90 -6.72 12.78
N MET A 84 -4.04 -5.59 12.10
CA MET A 84 -3.18 -5.27 10.96
C MET A 84 -2.22 -4.15 11.34
N ARG A 85 -1.11 -4.04 10.62
CA ARG A 85 -0.16 -2.97 10.86
C ARG A 85 0.20 -2.27 9.56
N LEU A 86 0.40 -0.97 9.61
CA LEU A 86 0.84 -0.22 8.45
C LEU A 86 2.31 -0.53 8.19
N GLY A 87 2.60 -1.08 7.03
CA GLY A 87 3.97 -1.43 6.71
C GLY A 87 4.63 -0.41 5.82
N ARG A 88 5.62 0.30 6.34
CA ARG A 88 6.34 1.28 5.55
C ARG A 88 7.23 0.62 4.50
N GLU A 89 7.53 -0.66 4.68
CA GLU A 89 8.34 -1.41 3.72
C GLU A 89 7.64 -1.50 2.37
N GLN A 90 6.33 -1.36 2.39
CA GLN A 90 5.51 -1.45 1.19
C GLN A 90 5.81 -0.26 0.27
N LEU A 91 6.08 0.88 0.90
CA LEU A 91 6.32 2.12 0.17
C LEU A 91 7.62 2.05 -0.61
N GLN A 92 8.57 1.25 -0.13
CA GLN A 92 9.86 1.10 -0.80
C GLN A 92 9.69 0.53 -2.20
N ILE A 93 8.70 -0.33 -2.37
CA ILE A 93 8.41 -0.93 -3.66
C ILE A 93 7.86 0.13 -4.61
N LEU A 94 7.02 1.00 -4.09
CA LEU A 94 6.44 2.09 -4.85
C LEU A 94 7.48 3.17 -5.11
N LEU A 95 8.47 3.23 -4.24
CA LEU A 95 9.49 4.28 -4.27
C LEU A 95 10.40 4.15 -5.49
N GLU A 96 10.57 2.94 -6.00
CA GLU A 96 11.45 2.73 -7.15
C GLU A 96 10.71 3.06 -8.45
N GLN A 97 9.39 3.01 -8.39
CA GLN A 97 8.55 3.35 -9.52
C GLN A 97 7.84 4.68 -9.26
N ASN A 98 8.48 5.77 -9.63
CA ASN A 98 7.94 7.10 -9.35
C ASN A 98 6.75 7.42 -10.25
N ILE A 99 5.59 6.96 -9.83
CA ILE A 99 4.34 7.28 -10.52
C ILE A 99 3.26 7.67 -9.52
N ASN A 100 3.56 8.67 -8.71
CA ASN A 100 2.62 9.18 -7.70
C ASN A 100 1.32 9.61 -8.35
N GLU A 101 1.42 10.15 -9.56
CA GLU A 101 0.24 10.56 -10.31
C GLU A 101 -0.60 9.35 -10.76
N ARG A 102 0.05 8.21 -10.92
CA ARG A 102 -0.63 7.02 -11.41
C ARG A 102 -1.32 6.26 -10.27
N LEU A 103 -0.55 5.97 -9.22
CA LEU A 103 -1.05 5.15 -8.11
C LEU A 103 -1.78 6.03 -7.09
N ASN A 104 -1.42 7.30 -7.04
CA ASN A 104 -1.97 8.24 -6.06
C ASN A 104 -1.54 7.85 -4.64
N ILE A 105 -0.26 8.06 -4.35
CA ILE A 105 0.25 7.82 -3.02
C ILE A 105 -0.16 8.97 -2.10
N GLY A 106 -0.83 8.62 -1.01
CA GLY A 106 -1.31 9.62 -0.07
C GLY A 106 -0.22 10.54 0.43
N GLU A 107 -0.55 11.81 0.58
CA GLU A 107 0.40 12.83 0.98
C GLU A 107 1.04 12.51 2.34
N PRO A 108 0.24 12.16 3.38
CA PRO A 108 0.78 11.79 4.70
C PRO A 108 1.62 10.51 4.64
N LEU A 109 1.47 9.77 3.55
CA LEU A 109 2.22 8.52 3.37
C LEU A 109 3.69 8.83 3.07
N LEU A 110 3.93 9.95 2.40
CA LEU A 110 5.30 10.41 2.17
C LEU A 110 5.96 10.74 3.50
N VAL A 111 5.15 11.18 4.45
CA VAL A 111 5.63 11.47 5.80
C VAL A 111 6.03 10.18 6.51
N TYR A 112 5.21 9.16 6.35
CA TYR A 112 5.47 7.86 6.95
C TYR A 112 6.72 7.24 6.32
N LEU A 113 6.96 7.58 5.06
CA LEU A 113 8.14 7.14 4.35
C LEU A 113 9.40 7.81 4.91
N ARG A 114 9.26 9.07 5.31
CA ARG A 114 10.37 9.82 5.88
C ARG A 114 10.90 9.11 7.13
N ARG A 115 10.03 8.92 8.10
CA ARG A 115 10.40 8.27 9.35
C ARG A 115 9.25 7.44 9.87
N GLN A 116 9.54 6.20 10.25
CA GLN A 116 8.53 5.39 10.91
C GLN A 116 8.57 5.66 12.41
N ASP A 117 8.28 6.91 12.77
CA ASP A 117 8.24 7.34 14.16
C ASP A 117 7.31 6.42 14.94
N LEU A 118 6.15 6.15 14.34
CA LEU A 118 5.30 5.08 14.80
C LEU A 118 5.60 3.85 13.96
N PRO A 119 6.38 2.91 14.51
CA PRO A 119 6.90 1.77 13.73
C PRO A 119 5.80 0.79 13.33
N GLU A 120 4.68 0.87 14.01
CA GLU A 120 3.56 -0.01 13.72
C GLU A 120 2.23 0.65 14.03
N ILE A 121 1.64 1.30 13.04
CA ILE A 121 0.27 1.75 13.16
C ILE A 121 -0.64 0.55 13.04
N THR A 122 -1.18 0.10 14.16
CA THR A 122 -1.97 -1.11 14.18
C THR A 122 -3.47 -0.79 14.15
N ALA A 123 -4.20 -1.55 13.36
CA ALA A 123 -5.62 -1.40 13.26
C ALA A 123 -6.30 -2.70 13.66
N GLN A 124 -7.14 -2.61 14.68
CA GLN A 124 -7.83 -3.77 15.20
C GLN A 124 -9.25 -3.38 15.61
N ARG A 125 -10.17 -4.33 15.53
CA ARG A 125 -11.56 -4.07 15.87
C ARG A 125 -11.73 -4.06 17.39
N GLN A 126 -11.18 -3.04 18.01
CA GLN A 126 -11.24 -2.89 19.45
C GLN A 126 -12.56 -2.25 19.86
N LEU A 127 -13.25 -2.92 20.77
CA LEU A 127 -14.53 -2.44 21.26
C LEU A 127 -14.40 -1.99 22.70
N ARG A 128 -13.15 -1.82 23.14
CA ARG A 128 -12.86 -1.33 24.48
C ARG A 128 -11.46 -0.74 24.52
N MET A 23 9.33 19.91 8.77
CA MET A 23 8.97 18.55 8.30
C MET A 23 8.74 17.63 9.50
N SER A 24 7.48 17.49 9.87
CA SER A 24 7.12 16.65 11.00
C SER A 24 6.09 15.60 10.59
N ILE A 25 5.85 14.64 11.46
CA ILE A 25 4.82 13.65 11.24
C ILE A 25 3.50 14.18 11.76
N THR A 26 2.44 13.98 11.01
CA THR A 26 1.17 14.60 11.32
C THR A 26 0.31 13.71 12.20
N SER A 27 -0.91 14.18 12.45
CA SER A 27 -1.87 13.51 13.32
C SER A 27 -2.40 12.21 12.71
N THR A 28 -3.46 11.67 13.33
CA THR A 28 -4.06 10.39 12.94
C THR A 28 -4.33 10.30 11.44
N ASP A 29 -4.46 11.46 10.79
CA ASP A 29 -4.70 11.53 9.35
C ASP A 29 -3.67 10.73 8.55
N ILE A 30 -2.48 10.52 9.13
CA ILE A 30 -1.45 9.72 8.48
C ILE A 30 -1.91 8.27 8.28
N CYS A 31 -2.70 7.77 9.23
CA CYS A 31 -3.27 6.43 9.14
C CYS A 31 -4.41 6.42 8.12
N GLN A 32 -5.16 7.52 8.08
CA GLN A 32 -6.31 7.63 7.20
C GLN A 32 -5.89 7.78 5.74
N ALA A 33 -4.76 8.46 5.54
CA ALA A 33 -4.23 8.69 4.20
C ALA A 33 -3.88 7.36 3.52
N ALA A 34 -3.44 6.38 4.31
CA ALA A 34 -3.10 5.06 3.78
C ALA A 34 -4.34 4.35 3.27
N ASP A 35 -5.50 4.80 3.74
CA ASP A 35 -6.77 4.23 3.32
C ASP A 35 -7.25 4.90 2.03
N ALA A 36 -6.58 5.99 1.66
CA ALA A 36 -6.96 6.76 0.49
C ALA A 36 -6.21 6.29 -0.76
N LEU A 37 -5.32 5.32 -0.59
CA LEU A 37 -4.62 4.73 -1.73
C LEU A 37 -5.58 3.88 -2.55
N LYS A 38 -5.60 4.12 -3.86
CA LYS A 38 -6.56 3.46 -4.73
C LYS A 38 -5.85 2.84 -5.92
N GLY A 39 -6.34 1.69 -6.34
CA GLY A 39 -5.71 0.94 -7.40
C GLY A 39 -5.26 -0.43 -6.94
N PHE A 40 -4.93 -1.29 -7.88
CA PHE A 40 -4.50 -2.64 -7.56
C PHE A 40 -3.02 -2.81 -7.91
N VAL A 41 -2.27 -3.39 -6.98
CA VAL A 41 -0.87 -3.68 -7.21
C VAL A 41 -0.71 -5.16 -7.52
N GLY A 42 0.01 -5.48 -8.58
CA GLY A 42 0.18 -6.85 -8.97
C GLY A 42 1.57 -7.15 -9.49
N PHE A 43 1.92 -8.41 -9.54
CA PHE A 43 3.22 -8.83 -10.03
C PHE A 43 3.05 -9.55 -11.38
N ASN A 44 3.59 -8.95 -12.42
CA ASN A 44 3.53 -9.55 -13.75
C ASN A 44 4.75 -10.43 -13.95
N ARG A 45 4.55 -11.74 -13.80
CA ARG A 45 5.67 -12.69 -13.85
C ARG A 45 6.26 -12.80 -15.25
N LYS A 46 5.49 -12.41 -16.26
CA LYS A 46 5.97 -12.40 -17.64
C LYS A 46 7.27 -11.61 -17.75
N THR A 47 7.29 -10.43 -17.13
CA THR A 47 8.46 -9.57 -17.15
C THR A 47 9.18 -9.61 -15.80
N GLY A 48 8.51 -10.17 -14.80
CA GLY A 48 9.10 -10.32 -13.49
C GLY A 48 9.27 -9.00 -12.76
N ARG A 49 8.21 -8.21 -12.71
CA ARG A 49 8.26 -6.91 -12.06
C ARG A 49 6.89 -6.53 -11.50
N TYR A 50 6.88 -5.56 -10.59
CA TYR A 50 5.63 -5.08 -10.02
C TYR A 50 5.02 -3.98 -10.87
N ILE A 51 3.71 -4.03 -11.04
CA ILE A 51 2.98 -3.04 -11.80
C ILE A 51 1.75 -2.56 -11.03
N VAL A 52 1.24 -1.40 -11.42
CA VAL A 52 0.04 -0.86 -10.80
C VAL A 52 -1.07 -0.72 -11.85
N ARG A 53 -2.23 -1.26 -11.54
CA ARG A 53 -3.35 -1.23 -12.48
C ARG A 53 -4.63 -0.84 -11.78
N PHE A 54 -5.64 -0.48 -12.55
CA PHE A 54 -6.93 -0.12 -12.01
C PHE A 54 -7.96 -1.16 -12.37
N SER A 55 -7.67 -1.90 -13.43
CA SER A 55 -8.49 -3.01 -13.83
C SER A 55 -7.80 -4.32 -13.50
N GLU A 56 -8.37 -5.07 -12.56
CA GLU A 56 -7.85 -6.38 -12.23
C GLU A 56 -8.12 -7.35 -13.37
N ASP A 57 -9.05 -6.95 -14.22
CA ASP A 57 -9.42 -7.71 -15.40
C ASP A 57 -8.39 -7.53 -16.51
N SER A 58 -7.52 -6.53 -16.35
CA SER A 58 -6.55 -6.16 -17.37
C SER A 58 -5.56 -7.30 -17.63
N PHE A 59 -5.25 -8.06 -16.58
CA PHE A 59 -4.34 -9.19 -16.71
C PHE A 59 -5.11 -10.50 -16.65
N GLY A 60 -4.48 -11.58 -17.10
CA GLY A 60 -5.15 -12.85 -17.15
C GLY A 60 -4.31 -13.98 -16.58
N MET A 61 -4.23 -15.06 -17.35
CA MET A 61 -3.63 -16.32 -16.90
C MET A 61 -2.16 -16.20 -16.48
N ASP A 62 -1.47 -15.15 -16.93
CA ASP A 62 -0.06 -14.98 -16.58
C ASP A 62 0.08 -14.52 -15.13
N VAL A 63 -0.90 -13.78 -14.65
CA VAL A 63 -0.85 -13.22 -13.30
C VAL A 63 -1.90 -13.87 -12.41
N ALA A 64 -1.45 -14.38 -11.26
CA ALA A 64 -2.37 -14.93 -10.28
C ALA A 64 -3.29 -13.83 -9.75
N ASP A 65 -4.59 -14.02 -9.94
CA ASP A 65 -5.57 -12.99 -9.58
C ASP A 65 -5.64 -12.78 -8.07
N ASP A 66 -5.14 -13.74 -7.31
CA ASP A 66 -5.06 -13.61 -5.86
C ASP A 66 -3.94 -12.66 -5.46
N SER A 67 -2.98 -12.48 -6.35
CA SER A 67 -1.84 -11.61 -6.08
C SER A 67 -2.23 -10.14 -6.33
N ILE A 68 -3.29 -9.94 -7.10
CA ILE A 68 -3.78 -8.60 -7.38
C ILE A 68 -4.45 -8.03 -6.13
N THR A 69 -3.72 -7.21 -5.40
CA THR A 69 -4.17 -6.74 -4.11
C THR A 69 -4.36 -5.23 -4.12
N PRO A 70 -5.48 -4.74 -3.57
CA PRO A 70 -5.73 -3.31 -3.38
C PRO A 70 -4.57 -2.65 -2.64
N THR A 71 -4.03 -1.59 -3.24
CA THR A 71 -2.82 -0.96 -2.73
C THR A 71 -3.02 -0.39 -1.32
N SER A 72 -4.26 -0.06 -0.97
CA SER A 72 -4.56 0.48 0.36
C SER A 72 -4.27 -0.56 1.44
N GLU A 73 -4.68 -1.80 1.20
CA GLU A 73 -4.49 -2.87 2.19
C GLU A 73 -3.12 -3.51 2.02
N PHE A 74 -2.49 -3.24 0.88
CA PHE A 74 -1.17 -3.78 0.56
C PHE A 74 -0.11 -3.21 1.50
N VAL A 75 -0.37 -2.03 2.03
CA VAL A 75 0.61 -1.34 2.87
C VAL A 75 0.47 -1.77 4.33
N TRP A 76 -0.51 -2.59 4.62
CA TRP A 76 -0.75 -3.04 5.98
C TRP A 76 -0.17 -4.44 6.20
N SER A 77 0.78 -4.53 7.11
CA SER A 77 1.41 -5.80 7.44
C SER A 77 0.65 -6.47 8.59
N SER A 78 0.01 -7.59 8.29
CA SER A 78 -0.74 -8.35 9.28
C SER A 78 0.21 -8.91 10.35
N VAL A 79 -0.06 -8.59 11.61
CA VAL A 79 0.80 -9.02 12.69
C VAL A 79 0.10 -9.99 13.65
N ARG A 80 -1.10 -10.42 13.28
CA ARG A 80 -1.84 -11.37 14.12
C ARG A 80 -3.02 -11.96 13.34
N ASP A 81 -4.09 -11.17 13.21
CA ASP A 81 -5.29 -11.60 12.52
C ASP A 81 -5.79 -10.49 11.61
N ASP A 82 -6.59 -9.60 12.17
CA ASP A 82 -7.07 -8.42 11.45
C ASP A 82 -6.19 -7.23 11.76
N VAL A 83 -5.50 -7.28 12.90
CA VAL A 83 -4.62 -6.20 13.29
C VAL A 83 -3.39 -6.14 12.39
N MET A 84 -3.24 -5.01 11.73
CA MET A 84 -2.14 -4.81 10.80
C MET A 84 -1.39 -3.54 11.18
N ARG A 85 -0.10 -3.51 10.90
CA ARG A 85 0.69 -2.31 11.13
C ARG A 85 1.12 -1.72 9.79
N LEU A 86 1.21 -0.40 9.74
CA LEU A 86 1.65 0.27 8.54
C LEU A 86 3.09 -0.13 8.24
N GLY A 87 3.26 -0.89 7.18
CA GLY A 87 4.58 -1.36 6.81
C GLY A 87 5.29 -0.36 5.93
N ARG A 88 6.42 0.14 6.38
CA ARG A 88 7.20 1.04 5.55
C ARG A 88 7.84 0.29 4.38
N GLU A 89 7.82 -1.03 4.44
CA GLU A 89 8.42 -1.87 3.41
C GLU A 89 7.71 -1.72 2.05
N GLN A 90 6.43 -1.38 2.06
CA GLN A 90 5.69 -1.12 0.82
C GLN A 90 6.25 0.12 0.11
N LEU A 91 6.77 1.06 0.89
CA LEU A 91 7.33 2.29 0.36
C LEU A 91 8.50 2.00 -0.57
N GLN A 92 9.22 0.92 -0.28
CA GLN A 92 10.35 0.51 -1.11
C GLN A 92 9.86 0.02 -2.47
N ILE A 93 8.69 -0.61 -2.48
CA ILE A 93 8.10 -1.11 -3.71
C ILE A 93 7.55 0.03 -4.55
N LEU A 94 6.80 0.91 -3.90
CA LEU A 94 6.23 2.09 -4.56
C LEU A 94 7.33 3.04 -5.02
N LEU A 95 8.44 2.99 -4.32
CA LEU A 95 9.59 3.85 -4.61
C LEU A 95 10.07 3.69 -6.05
N GLU A 96 9.88 2.52 -6.62
CA GLU A 96 10.30 2.27 -8.00
C GLU A 96 9.26 2.80 -8.99
N GLN A 97 8.08 3.11 -8.50
CA GLN A 97 7.00 3.61 -9.33
C GLN A 97 6.53 4.98 -8.84
N ASN A 98 7.14 6.03 -9.38
CA ASN A 98 6.88 7.40 -8.93
C ASN A 98 5.58 7.95 -9.52
N ILE A 99 4.60 7.08 -9.68
CA ILE A 99 3.32 7.46 -10.25
C ILE A 99 2.30 7.82 -9.16
N ASN A 100 2.70 8.73 -8.27
CA ASN A 100 1.86 9.15 -7.16
C ASN A 100 0.54 9.72 -7.65
N GLU A 101 0.55 10.34 -8.82
CA GLU A 101 -0.66 10.88 -9.43
C GLU A 101 -1.60 9.76 -9.85
N ARG A 102 -1.02 8.62 -10.18
CA ARG A 102 -1.77 7.49 -10.69
C ARG A 102 -2.42 6.70 -9.55
N LEU A 103 -1.60 6.36 -8.57
CA LEU A 103 -2.02 5.48 -7.47
C LEU A 103 -2.61 6.29 -6.31
N ASN A 104 -2.22 7.56 -6.25
CA ASN A 104 -2.63 8.47 -5.17
C ASN A 104 -2.09 8.01 -3.83
N ILE A 105 -0.86 8.42 -3.54
CA ILE A 105 -0.23 8.12 -2.27
C ILE A 105 -0.57 9.21 -1.26
N GLY A 106 -0.99 8.81 -0.07
CA GLY A 106 -1.41 9.76 0.95
C GLY A 106 -0.34 10.77 1.30
N GLU A 107 -0.78 11.98 1.63
CA GLU A 107 0.12 13.08 1.95
C GLU A 107 1.12 12.73 3.07
N PRO A 108 0.65 12.29 4.26
CA PRO A 108 1.54 11.98 5.38
C PRO A 108 2.35 10.69 5.17
N LEU A 109 2.12 10.02 4.05
CA LEU A 109 2.88 8.83 3.72
C LEU A 109 4.28 9.20 3.28
N LEU A 110 4.42 10.40 2.72
CA LEU A 110 5.70 10.90 2.27
C LEU A 110 6.63 11.14 3.47
N VAL A 111 6.10 11.78 4.50
CA VAL A 111 6.89 12.05 5.69
C VAL A 111 7.16 10.76 6.48
N TYR A 112 6.19 9.85 6.47
CA TYR A 112 6.35 8.54 7.10
C TYR A 112 7.53 7.81 6.46
N LEU A 113 7.70 8.00 5.15
CA LEU A 113 8.81 7.43 4.41
C LEU A 113 10.13 8.06 4.85
N ARG A 114 10.14 9.40 4.86
CA ARG A 114 11.33 10.16 5.24
C ARG A 114 11.83 9.74 6.63
N ARG A 115 10.94 9.77 7.60
CA ARG A 115 11.25 9.30 8.94
C ARG A 115 9.98 9.16 9.75
N GLN A 116 9.66 7.94 10.11
CA GLN A 116 8.44 7.65 10.85
C GLN A 116 8.61 7.98 12.32
N ASP A 117 7.78 8.89 12.81
CA ASP A 117 7.79 9.23 14.22
C ASP A 117 7.12 8.12 15.02
N LEU A 118 6.22 7.42 14.34
CA LEU A 118 5.61 6.22 14.87
C LEU A 118 6.31 5.01 14.29
N PRO A 119 6.85 4.11 15.14
CA PRO A 119 7.55 2.91 14.68
C PRO A 119 6.66 2.01 13.83
N GLU A 120 5.37 2.05 14.12
CA GLU A 120 4.38 1.32 13.35
C GLU A 120 2.98 1.80 13.70
N ILE A 121 2.26 2.25 12.69
CA ILE A 121 0.87 2.62 12.86
C ILE A 121 0.01 1.37 12.92
N THR A 122 -0.58 1.11 14.06
CA THR A 122 -1.36 -0.09 14.25
C THR A 122 -2.83 0.15 13.99
N ALA A 123 -3.41 -0.68 13.14
CA ALA A 123 -4.81 -0.57 12.79
C ALA A 123 -5.49 -1.93 12.91
N GLN A 124 -6.58 -1.97 13.65
CA GLN A 124 -7.38 -3.17 13.78
C GLN A 124 -8.85 -2.81 13.95
N ARG A 125 -9.72 -3.55 13.30
CA ARG A 125 -11.14 -3.30 13.41
C ARG A 125 -11.75 -4.22 14.46
N GLN A 126 -13.05 -4.12 14.62
CA GLN A 126 -13.78 -5.01 15.50
C GLN A 126 -15.07 -5.44 14.83
N LEU A 127 -15.79 -6.35 15.46
CA LEU A 127 -17.06 -6.81 14.92
C LEU A 127 -18.21 -6.03 15.56
N ARG A 128 -17.87 -4.87 16.07
CA ARG A 128 -18.83 -3.99 16.73
C ARG A 128 -18.88 -2.66 16.00
N MET A 23 6.02 16.94 4.68
CA MET A 23 7.30 16.65 5.37
C MET A 23 7.05 16.26 6.82
N SER A 24 6.23 17.05 7.50
CA SER A 24 5.91 16.79 8.90
C SER A 24 5.03 15.54 9.03
N ILE A 25 5.27 14.76 10.08
CA ILE A 25 4.48 13.55 10.32
C ILE A 25 3.07 13.93 10.75
N THR A 26 2.09 13.18 10.28
CA THR A 26 0.69 13.52 10.52
C THR A 26 0.10 12.73 11.68
N SER A 27 -1.14 13.08 12.02
CA SER A 27 -1.93 12.37 13.02
C SER A 27 -2.55 11.11 12.41
N THR A 28 -3.53 10.54 13.10
CA THR A 28 -4.22 9.32 12.68
C THR A 28 -4.64 9.35 11.19
N ASP A 29 -4.74 10.55 10.62
CA ASP A 29 -5.02 10.73 9.20
C ASP A 29 -4.10 9.86 8.34
N ILE A 30 -2.89 9.63 8.83
CA ILE A 30 -1.90 8.82 8.14
C ILE A 30 -2.43 7.41 7.86
N CYS A 31 -3.23 6.90 8.80
CA CYS A 31 -3.81 5.57 8.67
C CYS A 31 -4.94 5.57 7.65
N GLN A 32 -5.73 6.63 7.65
CA GLN A 32 -6.89 6.73 6.77
C GLN A 32 -6.46 6.99 5.33
N ALA A 33 -5.42 7.80 5.17
CA ALA A 33 -4.92 8.16 3.84
C ALA A 33 -4.38 6.94 3.10
N ALA A 34 -4.08 5.89 3.84
CA ALA A 34 -3.59 4.65 3.25
C ALA A 34 -4.69 3.93 2.48
N ASP A 35 -5.94 4.31 2.74
CA ASP A 35 -7.08 3.70 2.06
C ASP A 35 -7.46 4.54 0.84
N ALA A 36 -6.86 5.72 0.74
CA ALA A 36 -7.13 6.63 -0.37
C ALA A 36 -6.33 6.22 -1.60
N LEU A 37 -5.43 5.26 -1.43
CA LEU A 37 -4.65 4.71 -2.53
C LEU A 37 -5.59 3.94 -3.45
N LYS A 38 -5.45 4.13 -4.75
CA LYS A 38 -6.32 3.43 -5.70
C LYS A 38 -5.53 2.79 -6.83
N GLY A 39 -5.84 1.55 -7.12
CA GLY A 39 -5.13 0.82 -8.14
C GLY A 39 -4.71 -0.55 -7.65
N PHE A 40 -4.31 -1.40 -8.56
CA PHE A 40 -3.92 -2.76 -8.21
C PHE A 40 -2.43 -2.95 -8.46
N VAL A 41 -1.76 -3.61 -7.53
CA VAL A 41 -0.37 -3.94 -7.71
C VAL A 41 -0.26 -5.43 -8.01
N GLY A 42 0.38 -5.76 -9.13
CA GLY A 42 0.43 -7.13 -9.55
C GLY A 42 1.75 -7.52 -10.17
N PHE A 43 1.99 -8.81 -10.28
CA PHE A 43 3.23 -9.31 -10.84
C PHE A 43 3.06 -9.67 -12.30
N ASN A 44 3.77 -8.96 -13.16
CA ASN A 44 3.76 -9.26 -14.59
C ASN A 44 4.87 -10.25 -14.91
N ARG A 45 4.51 -11.41 -15.43
CA ARG A 45 5.46 -12.49 -15.62
C ARG A 45 6.32 -12.26 -16.86
N LYS A 46 5.87 -11.36 -17.73
CA LYS A 46 6.60 -11.08 -18.96
C LYS A 46 7.87 -10.28 -18.65
N THR A 47 7.70 -9.15 -17.98
CA THR A 47 8.84 -8.33 -17.58
C THR A 47 9.42 -8.85 -16.26
N GLY A 48 8.65 -9.69 -15.57
CA GLY A 48 9.11 -10.29 -14.34
C GLY A 48 9.19 -9.30 -13.20
N ARG A 49 8.45 -8.21 -13.32
CA ARG A 49 8.51 -7.14 -12.33
C ARG A 49 7.18 -7.02 -11.59
N TYR A 50 7.23 -6.46 -10.40
CA TYR A 50 6.03 -6.24 -9.60
C TYR A 50 5.57 -4.80 -9.82
N ILE A 51 4.51 -4.64 -10.60
CA ILE A 51 4.14 -3.33 -11.11
C ILE A 51 2.72 -2.94 -10.71
N VAL A 52 2.32 -1.75 -11.11
CA VAL A 52 1.00 -1.23 -10.80
C VAL A 52 0.12 -1.22 -12.04
N ARG A 53 -1.17 -1.40 -11.83
CA ARG A 53 -2.14 -1.41 -12.90
C ARG A 53 -3.49 -0.95 -12.35
N PHE A 54 -4.15 -0.04 -13.04
CA PHE A 54 -5.45 0.44 -12.59
C PHE A 54 -6.54 -0.48 -13.13
N SER A 55 -6.28 -1.06 -14.29
CA SER A 55 -7.22 -1.96 -14.93
C SER A 55 -7.13 -3.35 -14.32
N GLU A 56 -8.19 -3.76 -13.63
CA GLU A 56 -8.26 -5.10 -13.05
C GLU A 56 -8.38 -6.13 -14.17
N ASP A 57 -8.98 -5.71 -15.28
CA ASP A 57 -9.21 -6.57 -16.44
C ASP A 57 -7.89 -7.05 -17.05
N SER A 58 -6.79 -6.45 -16.64
CA SER A 58 -5.47 -6.78 -17.16
C SER A 58 -4.95 -8.08 -16.53
N PHE A 59 -5.71 -9.15 -16.65
CA PHE A 59 -5.30 -10.45 -16.15
C PHE A 59 -5.86 -11.54 -17.06
N GLY A 60 -5.59 -12.79 -16.71
CA GLY A 60 -6.06 -13.90 -17.52
C GLY A 60 -5.42 -15.20 -17.12
N MET A 61 -4.73 -15.84 -18.06
CA MET A 61 -4.04 -17.08 -17.79
C MET A 61 -2.59 -16.82 -17.43
N ASP A 62 -2.05 -15.70 -17.89
CA ASP A 62 -0.68 -15.33 -17.60
C ASP A 62 -0.60 -14.52 -16.31
N VAL A 63 -1.75 -14.07 -15.83
CA VAL A 63 -1.79 -13.27 -14.62
C VAL A 63 -2.62 -13.96 -13.55
N ALA A 64 -1.95 -14.44 -12.51
CA ALA A 64 -2.62 -15.08 -11.39
C ALA A 64 -3.40 -14.07 -10.58
N ASP A 65 -4.64 -14.42 -10.22
CA ASP A 65 -5.54 -13.51 -9.51
C ASP A 65 -5.03 -13.21 -8.09
N ASP A 66 -4.34 -14.18 -7.50
CA ASP A 66 -3.82 -14.02 -6.15
C ASP A 66 -2.71 -12.98 -6.13
N SER A 67 -2.09 -12.80 -7.28
CA SER A 67 -0.93 -11.93 -7.40
C SER A 67 -1.37 -10.50 -7.75
N ILE A 68 -2.67 -10.26 -7.64
CA ILE A 68 -3.21 -8.92 -7.82
C ILE A 68 -3.70 -8.39 -6.48
N THR A 69 -2.97 -7.44 -5.92
CA THR A 69 -3.33 -6.87 -4.64
C THR A 69 -3.58 -5.37 -4.77
N PRO A 70 -4.81 -4.92 -4.49
CA PRO A 70 -5.15 -3.49 -4.49
C PRO A 70 -4.23 -2.72 -3.55
N THR A 71 -3.69 -1.60 -4.03
CA THR A 71 -2.73 -0.83 -3.25
C THR A 71 -3.36 -0.29 -1.96
N SER A 72 -4.68 -0.23 -1.93
CA SER A 72 -5.42 0.21 -0.75
C SER A 72 -5.23 -0.78 0.40
N GLU A 73 -4.91 -2.03 0.05
CA GLU A 73 -4.74 -3.09 1.03
C GLU A 73 -3.30 -3.60 1.02
N PHE A 74 -2.58 -3.30 -0.06
CA PHE A 74 -1.21 -3.76 -0.23
C PHE A 74 -0.30 -3.26 0.89
N VAL A 75 -0.51 -2.02 1.30
CA VAL A 75 0.34 -1.42 2.33
C VAL A 75 0.02 -1.99 3.71
N TRP A 76 -1.08 -2.73 3.81
CA TRP A 76 -1.49 -3.31 5.07
C TRP A 76 -1.10 -4.78 5.15
N SER A 77 -0.24 -5.09 6.10
CA SER A 77 0.14 -6.46 6.36
C SER A 77 -0.86 -7.08 7.33
N SER A 78 -1.56 -8.11 6.87
CA SER A 78 -2.56 -8.76 7.67
C SER A 78 -1.92 -9.74 8.66
N VAL A 79 -2.05 -9.43 9.94
CA VAL A 79 -1.50 -10.28 10.98
C VAL A 79 -2.61 -11.05 11.70
N ARG A 80 -3.83 -10.58 11.50
CA ARG A 80 -5.01 -11.22 12.08
C ARG A 80 -6.19 -11.08 11.14
N ASP A 81 -6.72 -9.87 11.11
CA ASP A 81 -7.90 -9.50 10.34
C ASP A 81 -8.44 -8.20 10.88
N ASP A 82 -8.66 -8.20 12.19
CA ASP A 82 -9.07 -7.00 12.91
C ASP A 82 -7.86 -6.09 13.07
N VAL A 83 -6.71 -6.71 13.30
CA VAL A 83 -5.46 -6.00 13.45
C VAL A 83 -4.67 -6.02 12.15
N MET A 84 -4.28 -4.85 11.66
CA MET A 84 -3.45 -4.74 10.47
C MET A 84 -2.30 -3.78 10.74
N ARG A 85 -1.14 -4.05 10.15
CA ARG A 85 0.01 -3.18 10.33
C ARG A 85 0.42 -2.54 9.02
N LEU A 86 0.87 -1.29 9.09
CA LEU A 86 1.29 -0.56 7.91
C LEU A 86 2.75 -0.85 7.61
N GLY A 87 3.01 -1.46 6.47
CA GLY A 87 4.37 -1.78 6.09
C GLY A 87 4.98 -0.69 5.24
N ARG A 88 6.09 -0.13 5.69
CA ARG A 88 6.75 0.94 4.94
C ARG A 88 7.41 0.39 3.69
N GLU A 89 7.96 -0.82 3.80
CA GLU A 89 8.68 -1.47 2.72
C GLU A 89 7.80 -1.60 1.47
N GLN A 90 6.50 -1.59 1.71
CA GLN A 90 5.51 -1.68 0.64
C GLN A 90 5.63 -0.46 -0.27
N LEU A 91 5.81 0.70 0.34
CA LEU A 91 5.94 1.95 -0.39
C LEU A 91 7.29 2.01 -1.10
N GLN A 92 8.27 1.31 -0.53
CA GLN A 92 9.59 1.23 -1.13
C GLN A 92 9.55 0.41 -2.41
N ILE A 93 8.54 -0.44 -2.54
CA ILE A 93 8.30 -1.17 -3.77
C ILE A 93 7.69 -0.23 -4.82
N LEU A 94 6.84 0.67 -4.36
CA LEU A 94 6.09 1.56 -5.25
C LEU A 94 6.97 2.68 -5.79
N LEU A 95 7.96 3.10 -5.01
CA LEU A 95 8.85 4.19 -5.42
C LEU A 95 9.67 3.79 -6.65
N GLU A 96 9.83 2.48 -6.84
CA GLU A 96 10.53 1.96 -8.02
C GLU A 96 9.88 2.45 -9.31
N GLN A 97 8.56 2.60 -9.28
CA GLN A 97 7.83 3.15 -10.42
C GLN A 97 7.79 4.67 -10.32
N ASN A 98 7.64 5.16 -9.08
CA ASN A 98 7.76 6.59 -8.77
C ASN A 98 6.56 7.38 -9.28
N ILE A 99 5.55 6.67 -9.75
CA ILE A 99 4.34 7.30 -10.26
C ILE A 99 3.33 7.61 -9.15
N ASN A 100 3.67 8.59 -8.32
CA ASN A 100 2.84 8.95 -7.18
C ASN A 100 1.45 9.39 -7.62
N GLU A 101 1.37 10.13 -8.72
CA GLU A 101 0.09 10.64 -9.19
C GLU A 101 -0.73 9.54 -9.86
N ARG A 102 -0.04 8.56 -10.42
CA ARG A 102 -0.70 7.45 -11.10
C ARG A 102 -1.43 6.56 -10.10
N LEU A 103 -0.69 6.09 -9.10
CA LEU A 103 -1.24 5.16 -8.12
C LEU A 103 -1.92 5.89 -6.96
N ASN A 104 -1.64 7.20 -6.86
CA ASN A 104 -2.19 8.04 -5.80
C ASN A 104 -1.61 7.68 -4.44
N ILE A 105 -0.29 7.74 -4.32
CA ILE A 105 0.35 7.48 -3.03
C ILE A 105 0.13 8.66 -2.11
N GLY A 106 -0.40 8.38 -0.92
CA GLY A 106 -0.74 9.41 0.03
C GLY A 106 0.47 10.17 0.54
N GLU A 107 0.26 11.43 0.88
CA GLU A 107 1.32 12.28 1.40
C GLU A 107 1.72 11.86 2.83
N PRO A 108 0.76 11.61 3.74
CA PRO A 108 1.07 11.04 5.06
C PRO A 108 1.80 9.70 4.94
N LEU A 109 1.65 9.06 3.79
CA LEU A 109 2.34 7.81 3.52
C LEU A 109 3.79 8.10 3.14
N LEU A 110 4.00 9.19 2.41
CA LEU A 110 5.33 9.61 2.00
C LEU A 110 6.15 10.03 3.22
N VAL A 111 5.52 10.71 4.17
CA VAL A 111 6.21 11.14 5.37
C VAL A 111 6.53 9.94 6.25
N TYR A 112 5.65 8.93 6.23
CA TYR A 112 5.88 7.70 6.96
C TYR A 112 7.10 6.97 6.42
N LEU A 113 7.36 7.18 5.13
CA LEU A 113 8.54 6.62 4.48
C LEU A 113 9.79 7.37 4.93
N ARG A 114 9.63 8.66 5.22
CA ARG A 114 10.72 9.47 5.74
C ARG A 114 11.07 9.00 7.15
N ARG A 115 10.11 9.12 8.05
CA ARG A 115 10.27 8.70 9.43
C ARG A 115 8.94 8.18 9.96
N GLN A 116 8.97 7.54 11.11
CA GLN A 116 7.75 7.01 11.70
C GLN A 116 7.56 7.55 13.10
N ASP A 117 6.37 8.10 13.35
CA ASP A 117 6.04 8.69 14.64
C ASP A 117 5.78 7.59 15.66
N LEU A 118 5.29 6.45 15.17
CA LEU A 118 5.08 5.28 16.00
C LEU A 118 6.05 4.19 15.56
N PRO A 119 6.58 3.39 16.51
CA PRO A 119 7.52 2.30 16.21
C PRO A 119 6.97 1.38 15.12
N GLU A 120 5.70 1.05 15.23
CA GLU A 120 5.00 0.29 14.20
C GLU A 120 3.54 0.72 14.19
N ILE A 121 3.09 1.33 13.10
CA ILE A 121 1.69 1.67 12.99
C ILE A 121 0.88 0.40 12.77
N THR A 122 0.23 -0.04 13.83
CA THR A 122 -0.65 -1.19 13.76
C THR A 122 -2.02 -0.76 14.22
N ALA A 123 -3.00 -0.92 13.36
CA ALA A 123 -4.34 -0.43 13.64
C ALA A 123 -5.32 -1.56 13.68
N GLN A 124 -6.05 -1.65 14.78
CA GLN A 124 -7.05 -2.69 14.94
C GLN A 124 -8.41 -2.06 15.21
N ARG A 125 -9.44 -2.74 14.79
CA ARG A 125 -10.80 -2.25 14.89
C ARG A 125 -11.24 -2.19 16.34
N GLN A 126 -10.88 -3.21 17.11
CA GLN A 126 -11.17 -3.24 18.54
C GLN A 126 -10.10 -2.48 19.31
N LEU A 127 -10.37 -2.19 20.58
CA LEU A 127 -9.43 -1.42 21.39
C LEU A 127 -8.40 -2.32 22.05
N ARG A 128 -8.75 -3.57 22.29
CA ARG A 128 -7.87 -4.52 22.97
C ARG A 128 -7.88 -5.86 22.25
N MET A 23 5.92 18.92 6.29
CA MET A 23 6.85 17.77 6.37
C MET A 23 6.79 17.12 7.75
N SER A 24 5.76 17.45 8.52
CA SER A 24 5.60 16.91 9.85
C SER A 24 4.62 15.73 9.82
N ILE A 25 4.74 14.85 10.80
CA ILE A 25 3.87 13.69 10.89
C ILE A 25 2.45 14.12 11.25
N THR A 26 1.48 13.56 10.54
CA THR A 26 0.09 13.93 10.74
C THR A 26 -0.60 13.01 11.73
N SER A 27 -1.90 13.21 11.89
CA SER A 27 -2.72 12.37 12.75
C SER A 27 -3.05 11.06 12.02
N THR A 28 -3.99 10.30 12.58
CA THR A 28 -4.37 8.98 12.06
C THR A 28 -4.66 9.01 10.56
N ASP A 29 -4.99 10.18 10.03
CA ASP A 29 -5.24 10.38 8.60
C ASP A 29 -4.10 9.83 7.75
N ILE A 30 -2.90 9.75 8.34
CA ILE A 30 -1.72 9.25 7.64
C ILE A 30 -1.92 7.81 7.15
N CYS A 31 -2.36 6.92 8.05
CA CYS A 31 -2.60 5.53 7.66
C CYS A 31 -3.90 5.43 6.87
N GLN A 32 -4.83 6.33 7.18
CA GLN A 32 -6.11 6.38 6.48
C GLN A 32 -5.90 6.68 5.00
N ALA A 33 -4.97 7.57 4.70
CA ALA A 33 -4.65 7.92 3.32
C ALA A 33 -4.04 6.74 2.57
N ALA A 34 -3.33 5.89 3.30
CA ALA A 34 -2.74 4.69 2.71
C ALA A 34 -3.82 3.67 2.39
N ASP A 35 -4.84 3.63 3.23
CA ASP A 35 -5.99 2.76 3.01
C ASP A 35 -6.91 3.33 1.93
N ALA A 36 -6.73 4.62 1.66
CA ALA A 36 -7.55 5.31 0.68
C ALA A 36 -6.87 5.37 -0.69
N LEU A 37 -5.72 4.69 -0.81
CA LEU A 37 -5.01 4.63 -2.08
C LEU A 37 -5.82 3.84 -3.10
N LYS A 38 -5.52 4.02 -4.37
CA LYS A 38 -6.27 3.35 -5.42
C LYS A 38 -5.33 2.65 -6.41
N GLY A 39 -5.74 1.49 -6.89
CA GLY A 39 -4.92 0.74 -7.81
C GLY A 39 -4.69 -0.68 -7.34
N PHE A 40 -4.50 -1.59 -8.28
CA PHE A 40 -4.27 -2.98 -7.96
C PHE A 40 -2.86 -3.38 -8.37
N VAL A 41 -2.04 -3.73 -7.40
CA VAL A 41 -0.64 -4.05 -7.67
C VAL A 41 -0.50 -5.56 -7.83
N GLY A 42 0.05 -5.97 -8.96
CA GLY A 42 0.14 -7.38 -9.27
C GLY A 42 1.44 -7.73 -9.95
N PHE A 43 1.62 -9.00 -10.27
CA PHE A 43 2.85 -9.46 -10.90
C PHE A 43 2.70 -9.52 -12.41
N ASN A 44 3.71 -9.04 -13.11
CA ASN A 44 3.75 -9.13 -14.57
C ASN A 44 4.80 -10.15 -15.00
N ARG A 45 4.36 -11.22 -15.65
CA ARG A 45 5.25 -12.33 -15.98
C ARG A 45 6.29 -11.95 -17.04
N LYS A 46 5.95 -11.03 -17.92
CA LYS A 46 6.86 -10.64 -19.00
C LYS A 46 8.05 -9.86 -18.46
N THR A 47 7.78 -8.85 -17.65
CA THR A 47 8.84 -8.04 -17.08
C THR A 47 9.46 -8.74 -15.86
N GLY A 48 8.71 -9.67 -15.28
CA GLY A 48 9.20 -10.42 -14.15
C GLY A 48 9.23 -9.59 -12.87
N ARG A 49 8.36 -8.60 -12.81
CA ARG A 49 8.35 -7.67 -11.68
C ARG A 49 6.92 -7.41 -11.21
N TYR A 50 6.82 -6.82 -10.03
CA TYR A 50 5.54 -6.51 -9.43
C TYR A 50 5.16 -5.06 -9.72
N ILE A 51 4.08 -4.87 -10.47
CA ILE A 51 3.73 -3.55 -10.99
C ILE A 51 2.29 -3.17 -10.66
N VAL A 52 1.94 -1.92 -10.91
CA VAL A 52 0.60 -1.42 -10.58
C VAL A 52 -0.30 -1.43 -11.81
N ARG A 53 -1.51 -1.95 -11.63
CA ARG A 53 -2.55 -1.92 -12.64
C ARG A 53 -3.78 -1.25 -12.06
N PHE A 54 -4.75 -0.93 -12.90
CA PHE A 54 -6.01 -0.37 -12.42
C PHE A 54 -7.17 -1.28 -12.77
N SER A 55 -6.86 -2.35 -13.50
CA SER A 55 -7.84 -3.39 -13.75
C SER A 55 -7.53 -4.59 -12.87
N GLU A 56 -8.49 -5.00 -12.06
CA GLU A 56 -8.30 -6.11 -11.13
C GLU A 56 -8.08 -7.42 -11.90
N ASP A 57 -8.71 -7.53 -13.06
CA ASP A 57 -8.58 -8.74 -13.88
C ASP A 57 -7.71 -8.46 -15.10
N SER A 58 -6.73 -7.57 -14.94
CA SER A 58 -5.79 -7.25 -16.01
C SER A 58 -5.03 -8.49 -16.43
N PHE A 59 -4.60 -9.28 -15.46
CA PHE A 59 -3.94 -10.54 -15.73
C PHE A 59 -4.93 -11.67 -15.62
N GLY A 60 -5.04 -12.48 -16.65
CA GLY A 60 -6.00 -13.57 -16.65
C GLY A 60 -5.33 -14.90 -16.42
N MET A 61 -5.10 -15.64 -17.50
CA MET A 61 -4.39 -16.90 -17.43
C MET A 61 -2.90 -16.66 -17.21
N ASP A 62 -2.51 -15.40 -17.35
CA ASP A 62 -1.12 -15.00 -17.24
C ASP A 62 -0.67 -15.07 -15.79
N VAL A 63 -1.36 -14.34 -14.93
CA VAL A 63 -1.01 -14.28 -13.53
C VAL A 63 -2.28 -14.40 -12.69
N ALA A 64 -2.18 -15.15 -11.59
CA ALA A 64 -3.32 -15.36 -10.71
C ALA A 64 -3.84 -14.04 -10.15
N ASP A 65 -5.15 -13.89 -10.15
CA ASP A 65 -5.80 -12.71 -9.59
C ASP A 65 -5.50 -12.59 -8.09
N ASP A 66 -5.12 -13.71 -7.49
CA ASP A 66 -4.72 -13.75 -6.09
C ASP A 66 -3.41 -13.00 -5.88
N SER A 67 -2.64 -12.87 -6.94
CA SER A 67 -1.36 -12.16 -6.90
C SER A 67 -1.55 -10.70 -7.30
N ILE A 68 -2.81 -10.29 -7.40
CA ILE A 68 -3.15 -8.91 -7.67
C ILE A 68 -3.82 -8.32 -6.44
N THR A 69 -3.12 -7.41 -5.78
CA THR A 69 -3.58 -6.88 -4.50
C THR A 69 -3.74 -5.37 -4.56
N PRO A 70 -4.93 -4.86 -4.20
CA PRO A 70 -5.18 -3.42 -4.12
C PRO A 70 -4.18 -2.73 -3.20
N THR A 71 -3.59 -1.64 -3.67
CA THR A 71 -2.59 -0.92 -2.90
C THR A 71 -3.18 -0.33 -1.62
N SER A 72 -4.51 -0.26 -1.57
CA SER A 72 -5.22 0.24 -0.40
C SER A 72 -4.96 -0.66 0.81
N GLU A 73 -4.75 -1.95 0.54
CA GLU A 73 -4.55 -2.92 1.59
C GLU A 73 -3.15 -3.53 1.51
N PHE A 74 -2.51 -3.36 0.36
CA PHE A 74 -1.16 -3.86 0.14
C PHE A 74 -0.16 -3.18 1.06
N VAL A 75 -0.51 -2.00 1.53
CA VAL A 75 0.34 -1.23 2.42
C VAL A 75 0.23 -1.75 3.85
N TRP A 76 -0.72 -2.65 4.09
CA TRP A 76 -0.97 -3.16 5.42
C TRP A 76 -0.36 -4.53 5.61
N SER A 77 0.27 -4.72 6.75
CA SER A 77 0.91 -5.98 7.10
C SER A 77 0.24 -6.56 8.34
N SER A 78 -0.45 -7.67 8.18
CA SER A 78 -1.15 -8.31 9.28
C SER A 78 -0.15 -8.92 10.26
N VAL A 79 -0.22 -8.48 11.51
CA VAL A 79 0.69 -8.95 12.55
C VAL A 79 -0.07 -9.72 13.63
N ARG A 80 -1.36 -9.89 13.42
CA ARG A 80 -2.21 -10.62 14.34
C ARG A 80 -3.50 -11.04 13.63
N ASP A 81 -4.43 -11.58 14.39
CA ASP A 81 -5.71 -12.04 13.85
C ASP A 81 -6.44 -10.89 13.16
N ASP A 82 -6.51 -9.75 13.85
CA ASP A 82 -7.24 -8.60 13.34
C ASP A 82 -6.33 -7.37 13.24
N VAL A 83 -5.25 -7.38 14.01
CA VAL A 83 -4.34 -6.23 14.08
C VAL A 83 -3.39 -6.21 12.88
N MET A 84 -3.47 -5.15 12.10
CA MET A 84 -2.56 -4.95 10.98
C MET A 84 -1.68 -3.74 11.23
N ARG A 85 -0.54 -3.68 10.55
CA ARG A 85 0.38 -2.56 10.69
C ARG A 85 0.61 -1.90 9.35
N LEU A 86 0.91 -0.62 9.36
CA LEU A 86 1.29 0.09 8.14
C LEU A 86 2.75 -0.24 7.84
N GLY A 87 2.97 -0.91 6.72
CA GLY A 87 4.30 -1.38 6.38
C GLY A 87 5.07 -0.41 5.52
N ARG A 88 6.31 -0.14 5.90
CA ARG A 88 7.20 0.70 5.10
C ARG A 88 7.63 -0.02 3.82
N GLU A 89 7.46 -1.33 3.79
CA GLU A 89 7.93 -2.16 2.67
C GLU A 89 7.15 -1.88 1.39
N GLN A 90 5.92 -1.37 1.52
CA GLN A 90 5.11 -1.02 0.36
C GLN A 90 5.79 0.08 -0.45
N LEU A 91 6.45 0.99 0.27
CA LEU A 91 7.10 2.14 -0.35
C LEU A 91 8.27 1.69 -1.21
N GLN A 92 8.93 0.61 -0.79
CA GLN A 92 10.08 0.09 -1.51
C GLN A 92 9.68 -0.34 -2.92
N ILE A 93 8.51 -0.94 -3.03
CA ILE A 93 8.00 -1.39 -4.31
C ILE A 93 7.49 -0.21 -5.14
N LEU A 94 6.76 0.70 -4.50
CA LEU A 94 6.15 1.83 -5.20
C LEU A 94 7.20 2.82 -5.71
N LEU A 95 8.31 2.98 -4.97
CA LEU A 95 9.34 3.93 -5.36
C LEU A 95 10.01 3.52 -6.67
N GLU A 96 10.00 2.22 -6.96
CA GLU A 96 10.59 1.71 -8.19
C GLU A 96 9.79 2.16 -9.41
N GLN A 97 8.49 2.38 -9.23
CA GLN A 97 7.66 2.86 -10.31
C GLN A 97 7.73 4.38 -10.38
N ASN A 98 7.78 5.00 -9.21
CA ASN A 98 7.92 6.46 -9.09
C ASN A 98 6.77 7.16 -9.79
N ILE A 99 5.56 6.81 -9.40
CA ILE A 99 4.36 7.32 -10.01
C ILE A 99 3.41 7.82 -8.94
N ASN A 100 3.94 8.62 -8.03
CA ASN A 100 3.22 9.05 -6.83
C ASN A 100 1.86 9.68 -7.14
N GLU A 101 1.79 10.52 -8.16
CA GLU A 101 0.53 11.18 -8.50
C GLU A 101 -0.38 10.23 -9.27
N ARG A 102 0.22 9.30 -10.00
CA ARG A 102 -0.51 8.28 -10.74
C ARG A 102 -1.18 7.29 -9.78
N LEU A 103 -0.42 6.87 -8.77
CA LEU A 103 -0.91 5.89 -7.79
C LEU A 103 -1.71 6.61 -6.70
N ASN A 104 -1.50 7.92 -6.59
CA ASN A 104 -2.21 8.78 -5.62
C ASN A 104 -1.63 8.62 -4.22
N ILE A 105 -0.31 8.41 -4.11
CA ILE A 105 0.34 8.31 -2.80
C ILE A 105 0.13 9.61 -2.02
N GLY A 106 -0.48 9.47 -0.85
CA GLY A 106 -0.82 10.62 -0.03
C GLY A 106 0.38 11.41 0.44
N GLU A 107 0.16 12.68 0.72
CA GLU A 107 1.22 13.57 1.19
C GLU A 107 1.82 13.09 2.52
N PRO A 108 1.01 12.71 3.53
CA PRO A 108 1.51 12.17 4.80
C PRO A 108 2.29 10.86 4.63
N LEU A 109 2.13 10.24 3.47
CA LEU A 109 2.84 9.00 3.16
C LEU A 109 4.31 9.29 2.89
N LEU A 110 4.60 10.48 2.38
CA LEU A 110 5.98 10.89 2.13
C LEU A 110 6.71 11.23 3.42
N VAL A 111 6.04 11.95 4.31
CA VAL A 111 6.65 12.36 5.57
C VAL A 111 6.94 11.14 6.44
N TYR A 112 6.08 10.14 6.32
CA TYR A 112 6.26 8.86 7.00
C TYR A 112 7.62 8.23 6.64
N LEU A 113 8.02 8.38 5.37
CA LEU A 113 9.28 7.84 4.90
C LEU A 113 10.44 8.69 5.44
N ARG A 114 10.21 10.00 5.53
CA ARG A 114 11.21 10.92 6.05
C ARG A 114 11.62 10.55 7.48
N ARG A 115 10.64 10.43 8.36
CA ARG A 115 10.88 10.05 9.73
C ARG A 115 9.58 9.53 10.34
N GLN A 116 9.46 8.21 10.44
CA GLN A 116 8.27 7.61 11.01
C GLN A 116 8.19 7.95 12.50
N ASP A 117 7.02 8.42 12.92
CA ASP A 117 6.82 8.79 14.30
C ASP A 117 6.46 7.56 15.12
N LEU A 118 5.43 6.86 14.67
CA LEU A 118 5.08 5.58 15.26
C LEU A 118 5.83 4.47 14.53
N PRO A 119 6.52 3.60 15.27
CA PRO A 119 7.30 2.50 14.68
C PRO A 119 6.44 1.62 13.79
N GLU A 120 5.31 1.18 14.31
CA GLU A 120 4.36 0.39 13.56
C GLU A 120 2.95 0.92 13.79
N ILE A 121 2.42 1.65 12.82
CA ILE A 121 1.06 2.17 12.92
C ILE A 121 0.06 1.03 12.76
N THR A 122 -0.57 0.66 13.85
CA THR A 122 -1.46 -0.49 13.86
C THR A 122 -2.91 -0.09 13.68
N ALA A 123 -3.61 -0.86 12.85
CA ALA A 123 -5.02 -0.70 12.64
C ALA A 123 -5.74 -1.98 13.01
N GLN A 124 -6.77 -1.85 13.82
CA GLN A 124 -7.51 -2.99 14.33
C GLN A 124 -8.94 -2.56 14.64
N ARG A 125 -9.87 -3.50 14.55
CA ARG A 125 -11.25 -3.23 14.91
C ARG A 125 -11.31 -2.71 16.33
N GLN A 126 -11.73 -1.46 16.48
CA GLN A 126 -11.74 -0.79 17.78
C GLN A 126 -12.62 -1.53 18.78
N LEU A 127 -12.20 -1.53 20.03
CA LEU A 127 -12.88 -2.27 21.08
C LEU A 127 -14.16 -1.56 21.49
N ARG A 128 -14.10 -0.24 21.53
CA ARG A 128 -15.26 0.57 21.86
C ARG A 128 -15.69 1.41 20.66
N MET A 23 9.85 19.39 7.30
CA MET A 23 8.61 18.59 7.17
C MET A 23 8.09 18.21 8.54
N SER A 24 6.81 18.40 8.76
CA SER A 24 6.20 18.10 10.05
C SER A 24 5.37 16.83 9.96
N ILE A 25 5.35 16.07 11.04
CA ILE A 25 4.60 14.82 11.09
C ILE A 25 3.11 15.12 11.23
N THR A 26 2.29 14.28 10.61
CA THR A 26 0.85 14.49 10.62
C THR A 26 0.19 13.73 11.77
N SER A 27 -1.12 13.88 11.85
CA SER A 27 -1.92 13.21 12.86
C SER A 27 -2.34 11.83 12.35
N THR A 28 -3.25 11.18 13.08
CA THR A 28 -3.74 9.84 12.75
C THR A 28 -4.21 9.73 11.30
N ASP A 29 -4.51 10.88 10.68
CA ASP A 29 -4.92 10.95 9.27
C ASP A 29 -3.93 10.21 8.37
N ILE A 30 -2.67 10.15 8.80
CA ILE A 30 -1.63 9.44 8.05
C ILE A 30 -2.02 7.99 7.81
N CYS A 31 -2.68 7.38 8.78
CA CYS A 31 -3.12 6.01 8.69
C CYS A 31 -4.32 5.89 7.75
N GLN A 32 -5.14 6.93 7.73
CA GLN A 32 -6.34 6.94 6.92
C GLN A 32 -6.00 7.11 5.44
N ALA A 33 -5.03 7.96 5.17
CA ALA A 33 -4.60 8.24 3.80
C ALA A 33 -4.00 6.99 3.15
N ALA A 34 -3.39 6.14 3.96
CA ALA A 34 -2.82 4.88 3.47
C ALA A 34 -3.93 3.95 3.00
N ASP A 35 -5.07 4.03 3.66
CA ASP A 35 -6.24 3.23 3.31
C ASP A 35 -6.90 3.80 2.05
N ALA A 36 -6.69 5.10 1.84
CA ALA A 36 -7.34 5.83 0.75
C ALA A 36 -6.53 5.75 -0.55
N LEU A 37 -5.56 4.84 -0.61
CA LEU A 37 -4.79 4.64 -1.84
C LEU A 37 -5.62 3.86 -2.85
N LYS A 38 -5.37 4.07 -4.14
CA LYS A 38 -6.13 3.39 -5.19
C LYS A 38 -5.21 2.65 -6.14
N GLY A 39 -5.70 1.53 -6.66
CA GLY A 39 -4.92 0.75 -7.60
C GLY A 39 -4.77 -0.70 -7.14
N PHE A 40 -4.70 -1.61 -8.10
CA PHE A 40 -4.55 -3.02 -7.81
C PHE A 40 -3.18 -3.48 -8.28
N VAL A 41 -2.36 -3.95 -7.37
CA VAL A 41 -1.00 -4.32 -7.72
C VAL A 41 -0.93 -5.79 -8.05
N GLY A 42 -0.31 -6.11 -9.18
CA GLY A 42 -0.25 -7.49 -9.64
C GLY A 42 1.12 -7.85 -10.17
N PHE A 43 1.41 -9.13 -10.23
CA PHE A 43 2.71 -9.60 -10.68
C PHE A 43 2.69 -9.86 -12.18
N ASN A 44 3.71 -9.38 -12.88
CA ASN A 44 3.85 -9.61 -14.31
C ASN A 44 4.94 -10.64 -14.56
N ARG A 45 4.54 -11.81 -15.03
CA ARG A 45 5.48 -12.93 -15.21
C ARG A 45 6.37 -12.76 -16.44
N LYS A 46 6.06 -11.78 -17.27
CA LYS A 46 6.86 -11.53 -18.47
C LYS A 46 8.12 -10.73 -18.11
N THR A 47 7.94 -9.70 -17.29
CA THR A 47 9.05 -8.87 -16.88
C THR A 47 9.65 -9.37 -15.56
N GLY A 48 8.86 -10.14 -14.83
CA GLY A 48 9.32 -10.69 -13.57
C GLY A 48 9.32 -9.66 -12.47
N ARG A 49 8.36 -8.75 -12.50
CA ARG A 49 8.30 -7.68 -11.51
C ARG A 49 6.86 -7.46 -11.05
N TYR A 50 6.71 -6.65 -10.01
CA TYR A 50 5.42 -6.40 -9.40
C TYR A 50 4.94 -5.01 -9.78
N ILE A 51 3.85 -4.93 -10.54
CA ILE A 51 3.41 -3.66 -11.11
C ILE A 51 1.97 -3.32 -10.70
N VAL A 52 1.62 -2.05 -10.77
CA VAL A 52 0.30 -1.60 -10.38
C VAL A 52 -0.61 -1.47 -11.59
N ARG A 53 -1.76 -2.14 -11.54
CA ARG A 53 -2.75 -2.05 -12.60
C ARG A 53 -4.01 -1.38 -12.07
N PHE A 54 -4.62 -0.54 -12.90
CA PHE A 54 -5.86 0.11 -12.52
C PHE A 54 -7.02 -0.54 -13.25
N SER A 55 -6.73 -1.68 -13.86
CA SER A 55 -7.72 -2.46 -14.56
C SER A 55 -7.55 -3.94 -14.21
N GLU A 56 -8.46 -4.47 -13.40
CA GLU A 56 -8.37 -5.85 -12.93
C GLU A 56 -8.41 -6.83 -14.10
N ASP A 57 -9.11 -6.44 -15.16
CA ASP A 57 -9.35 -7.33 -16.29
C ASP A 57 -8.14 -7.41 -17.22
N SER A 58 -6.98 -6.96 -16.75
CA SER A 58 -5.77 -7.04 -17.56
C SER A 58 -4.97 -8.28 -17.20
N PHE A 59 -5.41 -8.98 -16.17
CA PHE A 59 -4.82 -10.24 -15.75
C PHE A 59 -5.90 -11.20 -15.33
N GLY A 60 -6.01 -12.33 -16.01
CA GLY A 60 -7.01 -13.32 -15.66
C GLY A 60 -6.42 -14.47 -14.87
N MET A 61 -5.99 -15.49 -15.58
CA MET A 61 -5.36 -16.65 -14.94
C MET A 61 -3.86 -16.62 -15.19
N ASP A 62 -3.38 -15.50 -15.70
CA ASP A 62 -1.97 -15.33 -16.00
C ASP A 62 -1.20 -14.90 -14.75
N VAL A 63 -1.87 -14.95 -13.62
CA VAL A 63 -1.27 -14.58 -12.36
C VAL A 63 -2.11 -15.14 -11.21
N ALA A 64 -1.48 -15.39 -10.08
CA ALA A 64 -2.20 -15.84 -8.90
C ALA A 64 -3.09 -14.73 -8.37
N ASP A 65 -4.29 -15.09 -7.93
CA ASP A 65 -5.24 -14.11 -7.40
C ASP A 65 -4.67 -13.42 -6.17
N ASP A 66 -3.86 -14.16 -5.41
CA ASP A 66 -3.20 -13.62 -4.23
C ASP A 66 -2.15 -12.58 -4.62
N SER A 67 -1.77 -12.57 -5.88
CA SER A 67 -0.77 -11.64 -6.37
C SER A 67 -1.42 -10.38 -6.93
N ILE A 68 -2.74 -10.34 -6.93
CA ILE A 68 -3.47 -9.11 -7.23
C ILE A 68 -4.02 -8.53 -5.94
N THR A 69 -3.36 -7.49 -5.46
CA THR A 69 -3.72 -6.89 -4.18
C THR A 69 -3.88 -5.38 -4.31
N PRO A 70 -5.06 -4.86 -3.94
CA PRO A 70 -5.29 -3.41 -3.88
C PRO A 70 -4.28 -2.73 -2.98
N THR A 71 -3.70 -1.63 -3.46
CA THR A 71 -2.65 -0.94 -2.71
C THR A 71 -3.16 -0.40 -1.38
N SER A 72 -4.47 -0.30 -1.24
CA SER A 72 -5.08 0.11 0.01
C SER A 72 -4.75 -0.90 1.12
N GLU A 73 -4.93 -2.18 0.79
CA GLU A 73 -4.65 -3.27 1.73
C GLU A 73 -3.20 -3.71 1.62
N PHE A 74 -2.55 -3.34 0.53
CA PHE A 74 -1.17 -3.72 0.27
C PHE A 74 -0.22 -3.15 1.34
N VAL A 75 -0.63 -2.04 1.93
CA VAL A 75 0.19 -1.38 2.93
C VAL A 75 -0.06 -1.96 4.32
N TRP A 76 -1.04 -2.85 4.42
CA TRP A 76 -1.43 -3.44 5.70
C TRP A 76 -1.09 -4.92 5.74
N SER A 77 -0.25 -5.29 6.69
CA SER A 77 0.08 -6.69 6.90
C SER A 77 -0.72 -7.24 8.08
N SER A 78 -1.62 -8.17 7.80
CA SER A 78 -2.40 -8.82 8.84
C SER A 78 -1.49 -9.68 9.72
N VAL A 79 -1.40 -9.34 10.99
CA VAL A 79 -0.53 -10.06 11.91
C VAL A 79 -1.32 -10.89 12.91
N ARG A 80 -2.64 -10.75 12.87
CA ARG A 80 -3.51 -11.52 13.75
C ARG A 80 -4.95 -11.46 13.24
N ASP A 81 -5.90 -11.57 14.16
CA ASP A 81 -7.32 -11.65 13.84
C ASP A 81 -7.82 -10.46 13.05
N ASP A 82 -7.68 -9.26 13.61
CA ASP A 82 -8.14 -8.06 12.93
C ASP A 82 -7.04 -7.02 12.86
N VAL A 83 -6.05 -7.12 13.74
CA VAL A 83 -4.97 -6.15 13.80
C VAL A 83 -4.02 -6.30 12.61
N MET A 84 -3.86 -5.20 11.89
CA MET A 84 -2.93 -5.14 10.77
C MET A 84 -1.85 -4.12 11.08
N ARG A 85 -0.68 -4.26 10.47
CA ARG A 85 0.42 -3.33 10.69
C ARG A 85 0.84 -2.66 9.39
N LEU A 86 1.28 -1.42 9.48
CA LEU A 86 1.67 -0.64 8.31
C LEU A 86 3.08 -1.02 7.88
N GLY A 87 3.23 -1.44 6.63
CA GLY A 87 4.53 -1.79 6.09
C GLY A 87 5.15 -0.68 5.27
N ARG A 88 6.31 -0.20 5.68
CA ARG A 88 6.99 0.90 5.00
C ARG A 88 7.49 0.47 3.62
N GLU A 89 7.59 -0.83 3.40
CA GLU A 89 8.12 -1.37 2.16
C GLU A 89 7.26 -0.97 0.96
N GLN A 90 5.99 -0.67 1.23
CA GLN A 90 5.07 -0.26 0.16
C GLN A 90 5.61 0.95 -0.60
N LEU A 91 6.21 1.90 0.14
CA LEU A 91 6.74 3.12 -0.47
C LEU A 91 7.90 2.79 -1.40
N GLN A 92 8.70 1.80 -1.01
CA GLN A 92 9.88 1.44 -1.78
C GLN A 92 9.49 0.72 -3.06
N ILE A 93 8.39 -0.01 -3.01
CA ILE A 93 7.89 -0.70 -4.18
C ILE A 93 7.28 0.30 -5.16
N LEU A 94 6.50 1.24 -4.62
CA LEU A 94 5.82 2.22 -5.45
C LEU A 94 6.79 3.18 -6.14
N LEU A 95 7.95 3.42 -5.54
CA LEU A 95 8.92 4.36 -6.11
C LEU A 95 9.47 3.84 -7.43
N GLU A 96 9.47 2.52 -7.60
CA GLU A 96 9.95 1.89 -8.83
C GLU A 96 8.87 1.94 -9.91
N GLN A 97 7.63 2.16 -9.49
CA GLN A 97 6.50 2.19 -10.41
C GLN A 97 6.45 3.55 -11.10
N ASN A 98 6.81 4.59 -10.33
CA ASN A 98 6.91 5.97 -10.84
C ASN A 98 5.57 6.54 -11.26
N ILE A 99 4.49 5.84 -10.94
CA ILE A 99 3.15 6.28 -11.28
C ILE A 99 2.43 6.83 -10.05
N ASN A 100 3.19 7.57 -9.25
CA ASN A 100 2.69 8.15 -8.00
C ASN A 100 1.45 9.01 -8.24
N GLU A 101 1.41 9.66 -9.40
CA GLU A 101 0.28 10.52 -9.75
C GLU A 101 -0.98 9.69 -10.02
N ARG A 102 -0.80 8.48 -10.53
CA ARG A 102 -1.92 7.65 -10.93
C ARG A 102 -2.48 6.87 -9.74
N LEU A 103 -1.57 6.40 -8.89
CA LEU A 103 -1.97 5.64 -7.70
C LEU A 103 -2.53 6.58 -6.64
N ASN A 104 -2.13 7.86 -6.72
CA ASN A 104 -2.55 8.88 -5.76
C ASN A 104 -2.05 8.54 -4.36
N ILE A 105 -0.75 8.69 -4.14
CA ILE A 105 -0.15 8.44 -2.83
C ILE A 105 -0.45 9.62 -1.91
N GLY A 106 -0.92 9.32 -0.71
CA GLY A 106 -1.24 10.35 0.26
C GLY A 106 -0.05 11.19 0.64
N GLU A 107 -0.30 12.45 0.94
CA GLU A 107 0.75 13.40 1.30
C GLU A 107 1.46 12.98 2.60
N PRO A 108 0.70 12.66 3.68
CA PRO A 108 1.30 12.17 4.94
C PRO A 108 2.16 10.92 4.74
N LEU A 109 1.94 10.23 3.63
CA LEU A 109 2.71 9.04 3.30
C LEU A 109 4.14 9.43 2.93
N LEU A 110 4.29 10.57 2.26
CA LEU A 110 5.61 11.11 1.95
C LEU A 110 6.27 11.61 3.21
N VAL A 111 5.46 12.12 4.13
CA VAL A 111 5.95 12.55 5.43
C VAL A 111 6.48 11.35 6.22
N TYR A 112 5.76 10.23 6.11
CA TYR A 112 6.15 8.97 6.74
C TYR A 112 7.51 8.50 6.23
N LEU A 113 7.80 8.82 4.98
CA LEU A 113 9.08 8.48 4.37
C LEU A 113 10.20 9.29 5.00
N ARG A 114 9.86 10.48 5.48
CA ARG A 114 10.81 11.34 6.15
C ARG A 114 11.01 10.91 7.59
N ARG A 115 9.96 11.01 8.38
CA ARG A 115 9.98 10.59 9.78
C ARG A 115 8.63 9.97 10.13
N GLN A 116 8.53 9.40 11.32
CA GLN A 116 7.30 8.77 11.75
C GLN A 116 7.09 8.93 13.24
N ASP A 117 5.95 9.52 13.58
CA ASP A 117 5.57 9.74 14.97
C ASP A 117 5.54 8.42 15.72
N LEU A 118 4.84 7.45 15.13
CA LEU A 118 4.80 6.10 15.66
C LEU A 118 5.35 5.15 14.61
N PRO A 119 6.46 4.46 14.93
CA PRO A 119 7.10 3.53 13.99
C PRO A 119 6.27 2.27 13.79
N GLU A 120 5.47 1.95 14.78
CA GLU A 120 4.66 0.75 14.75
C GLU A 120 3.19 1.11 14.66
N ILE A 121 2.72 1.35 13.44
CA ILE A 121 1.33 1.72 13.22
C ILE A 121 0.47 0.48 13.09
N THR A 122 -0.43 0.30 14.04
CA THR A 122 -1.35 -0.83 14.02
C THR A 122 -2.77 -0.36 13.72
N ALA A 123 -3.53 -1.24 13.08
CA ALA A 123 -4.92 -0.94 12.76
C ALA A 123 -5.81 -2.12 13.11
N GLN A 124 -6.77 -1.88 14.00
CA GLN A 124 -7.72 -2.89 14.39
C GLN A 124 -9.01 -2.22 14.83
N ARG A 125 -10.13 -2.86 14.56
CA ARG A 125 -11.43 -2.27 14.85
C ARG A 125 -11.69 -2.29 16.34
N GLN A 126 -12.43 -1.28 16.80
CA GLN A 126 -12.75 -1.17 18.22
C GLN A 126 -13.72 -2.26 18.67
N LEU A 127 -13.16 -3.32 19.24
CA LEU A 127 -13.97 -4.40 19.78
C LEU A 127 -14.25 -4.13 21.25
N ARG A 128 -13.45 -3.26 21.84
CA ARG A 128 -13.60 -2.90 23.23
C ARG A 128 -14.12 -1.46 23.33
N MET A 23 7.40 18.74 8.19
CA MET A 23 8.73 18.51 8.79
C MET A 23 8.78 17.17 9.51
N SER A 24 7.88 16.99 10.48
CA SER A 24 7.83 15.77 11.26
C SER A 24 6.61 14.94 10.88
N ILE A 25 6.48 13.78 11.51
CA ILE A 25 5.37 12.87 11.23
C ILE A 25 4.07 13.44 11.80
N THR A 26 2.96 13.13 11.15
CA THR A 26 1.68 13.66 11.55
C THR A 26 0.99 12.75 12.55
N SER A 27 -0.23 13.11 12.93
CA SER A 27 -1.02 12.32 13.86
C SER A 27 -1.57 11.05 13.20
N THR A 28 -2.44 10.34 13.92
CA THR A 28 -3.02 9.09 13.46
C THR A 28 -3.64 9.21 12.06
N ASP A 29 -3.99 10.43 11.68
CA ASP A 29 -4.54 10.72 10.35
C ASP A 29 -3.63 10.17 9.23
N ILE A 30 -2.34 10.03 9.53
CA ILE A 30 -1.38 9.47 8.57
C ILE A 30 -1.81 8.05 8.16
N CYS A 31 -2.39 7.32 9.11
CA CYS A 31 -2.82 5.95 8.87
C CYS A 31 -4.10 5.92 8.04
N GLN A 32 -4.97 6.89 8.25
CA GLN A 32 -6.26 6.94 7.55
C GLN A 32 -6.07 7.37 6.10
N ALA A 33 -5.10 8.24 5.87
CA ALA A 33 -4.84 8.76 4.53
C ALA A 33 -4.35 7.66 3.59
N ALA A 34 -3.93 6.53 4.16
CA ALA A 34 -3.51 5.39 3.36
C ALA A 34 -4.71 4.72 2.68
N ASP A 35 -5.90 5.07 3.16
CA ASP A 35 -7.14 4.55 2.58
C ASP A 35 -7.49 5.31 1.31
N ALA A 36 -6.86 6.47 1.14
CA ALA A 36 -7.10 7.32 -0.02
C ALA A 36 -6.38 6.79 -1.26
N LEU A 37 -5.44 5.87 -1.03
CA LEU A 37 -4.73 5.23 -2.13
C LEU A 37 -5.72 4.39 -2.93
N LYS A 38 -5.84 4.69 -4.21
CA LYS A 38 -6.84 4.05 -5.04
C LYS A 38 -6.20 3.22 -6.13
N GLY A 39 -6.82 2.10 -6.46
CA GLY A 39 -6.27 1.21 -7.44
C GLY A 39 -5.66 -0.04 -6.82
N PHE A 40 -5.02 -0.84 -7.65
CA PHE A 40 -4.44 -2.09 -7.19
C PHE A 40 -2.95 -2.12 -7.47
N VAL A 41 -2.21 -2.79 -6.61
CA VAL A 41 -0.81 -3.06 -6.85
C VAL A 41 -0.68 -4.52 -7.24
N GLY A 42 -0.10 -4.78 -8.39
CA GLY A 42 -0.04 -6.13 -8.89
C GLY A 42 1.37 -6.58 -9.19
N PHE A 43 1.70 -7.79 -8.74
CA PHE A 43 2.99 -8.36 -9.04
C PHE A 43 2.97 -8.95 -10.44
N ASN A 44 3.56 -8.23 -11.37
CA ASN A 44 3.54 -8.63 -12.77
C ASN A 44 4.74 -9.50 -13.08
N ARG A 45 4.49 -10.79 -13.30
CA ARG A 45 5.55 -11.76 -13.59
C ARG A 45 6.21 -11.49 -14.93
N LYS A 46 5.58 -10.64 -15.73
CA LYS A 46 6.10 -10.32 -17.05
C LYS A 46 7.29 -9.37 -16.94
N THR A 47 7.22 -8.48 -15.97
CA THR A 47 8.33 -7.57 -15.68
C THR A 47 9.13 -8.07 -14.49
N GLY A 48 8.49 -8.87 -13.65
CA GLY A 48 9.13 -9.41 -12.47
C GLY A 48 9.09 -8.43 -11.32
N ARG A 49 8.19 -7.45 -11.42
CA ARG A 49 8.10 -6.38 -10.44
C ARG A 49 6.64 -6.03 -10.14
N TYR A 50 6.44 -5.30 -9.06
CA TYR A 50 5.12 -4.77 -8.72
C TYR A 50 4.80 -3.56 -9.59
N ILE A 51 3.58 -3.52 -10.10
CA ILE A 51 3.15 -2.40 -10.93
C ILE A 51 1.78 -1.91 -10.48
N VAL A 52 1.44 -0.69 -10.85
CA VAL A 52 0.14 -0.13 -10.54
C VAL A 52 -0.89 -0.59 -11.57
N ARG A 53 -2.06 -1.00 -11.10
CA ARG A 53 -3.10 -1.48 -11.98
C ARG A 53 -4.44 -0.93 -11.53
N PHE A 54 -5.22 -0.40 -12.46
CA PHE A 54 -6.51 0.18 -12.12
C PHE A 54 -7.64 -0.60 -12.79
N SER A 55 -7.28 -1.74 -13.35
CA SER A 55 -8.25 -2.59 -14.02
C SER A 55 -8.33 -3.95 -13.31
N GLU A 56 -9.50 -4.25 -12.77
CA GLU A 56 -9.72 -5.46 -12.00
C GLU A 56 -9.69 -6.69 -12.90
N ASP A 57 -10.05 -6.50 -14.15
CA ASP A 57 -10.12 -7.60 -15.11
C ASP A 57 -8.88 -7.61 -16.00
N SER A 58 -7.87 -6.85 -15.61
CA SER A 58 -6.69 -6.61 -16.43
C SER A 58 -6.01 -7.92 -16.84
N PHE A 59 -5.61 -8.71 -15.86
CA PHE A 59 -4.84 -9.92 -16.14
C PHE A 59 -5.77 -11.11 -16.35
N GLY A 60 -5.45 -11.93 -17.34
CA GLY A 60 -6.24 -13.11 -17.61
C GLY A 60 -5.84 -14.28 -16.75
N MET A 61 -4.96 -15.12 -17.27
CA MET A 61 -4.48 -16.27 -16.51
C MET A 61 -2.96 -16.39 -16.58
N ASP A 62 -2.33 -15.50 -17.35
CA ASP A 62 -0.88 -15.42 -17.41
C ASP A 62 -0.33 -14.99 -16.05
N VAL A 63 -0.95 -13.96 -15.48
CA VAL A 63 -0.58 -13.47 -14.16
C VAL A 63 -1.66 -13.86 -13.15
N ALA A 64 -1.22 -14.33 -11.99
CA ALA A 64 -2.13 -14.78 -10.95
C ALA A 64 -2.93 -13.63 -10.35
N ASP A 65 -4.20 -13.89 -10.05
CA ASP A 65 -5.06 -12.89 -9.43
C ASP A 65 -4.66 -12.70 -7.97
N ASP A 66 -3.95 -13.68 -7.43
CA ASP A 66 -3.42 -13.61 -6.08
C ASP A 66 -2.34 -12.53 -5.99
N SER A 67 -1.85 -12.13 -7.14
CA SER A 67 -0.82 -11.10 -7.22
C SER A 67 -1.45 -9.72 -7.36
N ILE A 68 -2.78 -9.68 -7.37
CA ILE A 68 -3.50 -8.41 -7.40
C ILE A 68 -3.98 -8.05 -5.99
N THR A 69 -3.51 -6.94 -5.48
CA THR A 69 -3.91 -6.49 -4.15
C THR A 69 -4.18 -4.99 -4.16
N PRO A 70 -5.38 -4.57 -3.74
CA PRO A 70 -5.74 -3.15 -3.64
C PRO A 70 -4.71 -2.37 -2.85
N THR A 71 -4.28 -1.23 -3.38
CA THR A 71 -3.18 -0.48 -2.77
C THR A 71 -3.55 0.05 -1.39
N SER A 72 -4.84 0.24 -1.14
CA SER A 72 -5.31 0.68 0.17
C SER A 72 -5.15 -0.44 1.19
N GLU A 73 -5.24 -1.68 0.73
CA GLU A 73 -5.11 -2.85 1.59
C GLU A 73 -3.65 -3.29 1.65
N PHE A 74 -2.95 -3.08 0.54
CA PHE A 74 -1.57 -3.53 0.37
C PHE A 74 -0.65 -2.94 1.43
N VAL A 75 -0.98 -1.74 1.91
CA VAL A 75 -0.15 -1.07 2.89
C VAL A 75 -0.34 -1.65 4.29
N TRP A 76 -1.46 -2.32 4.50
CA TRP A 76 -1.77 -2.90 5.80
C TRP A 76 -1.52 -4.40 5.82
N SER A 77 -0.90 -4.87 6.88
CA SER A 77 -0.71 -6.29 7.08
C SER A 77 -1.51 -6.76 8.29
N SER A 78 -2.61 -7.47 8.03
CA SER A 78 -3.42 -8.03 9.11
C SER A 78 -2.67 -9.19 9.75
N VAL A 79 -2.31 -9.03 11.01
CA VAL A 79 -1.43 -9.99 11.67
C VAL A 79 -2.05 -10.58 12.94
N ARG A 80 -2.90 -9.82 13.61
CA ARG A 80 -3.41 -10.25 14.91
C ARG A 80 -4.83 -9.75 15.14
N ASP A 81 -5.74 -10.68 15.42
CA ASP A 81 -7.14 -10.36 15.70
C ASP A 81 -7.75 -9.49 14.60
N ASP A 82 -7.88 -8.19 14.90
CA ASP A 82 -8.43 -7.23 13.95
C ASP A 82 -7.46 -6.07 13.81
N VAL A 83 -6.21 -6.34 14.16
CA VAL A 83 -5.17 -5.31 14.14
C VAL A 83 -4.29 -5.46 12.92
N MET A 84 -4.28 -4.44 12.07
CA MET A 84 -3.44 -4.42 10.89
C MET A 84 -2.30 -3.46 11.12
N ARG A 85 -1.07 -3.91 10.90
CA ARG A 85 0.06 -3.02 11.06
C ARG A 85 0.51 -2.51 9.71
N LEU A 86 1.01 -1.29 9.69
CA LEU A 86 1.46 -0.67 8.46
C LEU A 86 2.73 -1.36 7.98
N GLY A 87 2.62 -2.04 6.85
CA GLY A 87 3.77 -2.71 6.29
C GLY A 87 4.71 -1.73 5.64
N ARG A 88 5.72 -1.30 6.39
CA ARG A 88 6.67 -0.28 5.92
C ARG A 88 7.35 -0.68 4.61
N GLU A 89 7.24 -1.96 4.27
CA GLU A 89 7.76 -2.48 3.01
C GLU A 89 7.00 -1.89 1.82
N GLN A 90 5.75 -1.47 2.05
CA GLN A 90 4.91 -0.91 0.99
C GLN A 90 5.57 0.32 0.37
N LEU A 91 6.21 1.13 1.19
CA LEU A 91 6.81 2.36 0.71
C LEU A 91 8.08 2.06 -0.07
N GLN A 92 8.78 1.00 0.33
CA GLN A 92 9.98 0.59 -0.37
C GLN A 92 9.63 0.06 -1.75
N ILE A 93 8.48 -0.58 -1.86
CA ILE A 93 7.99 -1.07 -3.14
C ILE A 93 7.45 0.08 -4.01
N LEU A 94 6.64 0.95 -3.40
CA LEU A 94 5.96 2.01 -4.13
C LEU A 94 6.93 3.06 -4.66
N LEU A 95 8.08 3.22 -4.03
CA LEU A 95 9.03 4.23 -4.44
C LEU A 95 9.54 3.97 -5.86
N GLU A 96 9.50 2.72 -6.31
CA GLU A 96 9.89 2.38 -7.67
C GLU A 96 8.80 2.81 -8.65
N GLN A 97 7.60 3.03 -8.13
CA GLN A 97 6.51 3.61 -8.91
C GLN A 97 6.39 5.08 -8.56
N ASN A 98 7.14 5.92 -9.28
CA ASN A 98 7.26 7.34 -8.94
C ASN A 98 5.97 8.10 -9.23
N ILE A 99 5.03 7.44 -9.88
CA ILE A 99 3.77 8.07 -10.25
C ILE A 99 2.79 8.15 -9.07
N ASN A 100 3.14 8.96 -8.08
CA ASN A 100 2.23 9.22 -6.97
C ASN A 100 1.01 9.97 -7.48
N GLU A 101 1.21 10.70 -8.56
CA GLU A 101 0.15 11.39 -9.28
C GLU A 101 -0.90 10.40 -9.79
N ARG A 102 -0.44 9.21 -10.15
CA ARG A 102 -1.29 8.22 -10.81
C ARG A 102 -2.03 7.36 -9.78
N LEU A 103 -1.27 6.76 -8.88
CA LEU A 103 -1.84 5.85 -7.88
C LEU A 103 -2.50 6.63 -6.74
N ASN A 104 -2.10 7.89 -6.62
CA ASN A 104 -2.57 8.78 -5.55
C ASN A 104 -2.15 8.27 -4.18
N ILE A 105 -0.94 8.63 -3.79
CA ILE A 105 -0.44 8.32 -2.46
C ILE A 105 -0.71 9.51 -1.54
N GLY A 106 -1.25 9.22 -0.36
CA GLY A 106 -1.65 10.27 0.57
C GLY A 106 -0.51 11.20 0.93
N GLU A 107 -0.85 12.46 1.18
CA GLU A 107 0.14 13.49 1.50
C GLU A 107 0.98 13.11 2.74
N PRO A 108 0.35 12.76 3.89
CA PRO A 108 1.08 12.33 5.08
C PRO A 108 1.88 11.04 4.84
N LEU A 109 1.55 10.33 3.77
CA LEU A 109 2.31 9.14 3.38
C LEU A 109 3.67 9.58 2.85
N LEU A 110 3.67 10.64 2.06
CA LEU A 110 4.93 11.24 1.59
C LEU A 110 5.71 11.80 2.77
N VAL A 111 4.98 12.25 3.79
CA VAL A 111 5.58 12.71 5.03
C VAL A 111 6.32 11.55 5.72
N TYR A 112 5.78 10.35 5.58
CA TYR A 112 6.45 9.17 6.11
C TYR A 112 7.78 8.94 5.38
N LEU A 113 7.80 9.24 4.08
CA LEU A 113 9.03 9.13 3.28
C LEU A 113 10.08 10.14 3.74
N ARG A 114 9.61 11.22 4.36
CA ARG A 114 10.51 12.24 4.89
C ARG A 114 11.44 11.64 5.93
N ARG A 115 10.87 10.95 6.90
CA ARG A 115 11.64 10.34 7.96
C ARG A 115 10.80 9.30 8.67
N GLN A 116 11.28 8.06 8.71
CA GLN A 116 10.55 6.99 9.39
C GLN A 116 10.75 7.11 10.90
N ASP A 117 10.12 8.12 11.48
CA ASP A 117 10.20 8.38 12.92
C ASP A 117 9.55 7.26 13.71
N LEU A 118 8.34 6.87 13.29
CA LEU A 118 7.65 5.75 13.91
C LEU A 118 7.89 4.49 13.09
N PRO A 119 8.78 3.61 13.57
CA PRO A 119 9.16 2.40 12.85
C PRO A 119 8.05 1.36 12.84
N GLU A 120 7.16 1.43 13.83
CA GLU A 120 6.10 0.46 13.96
C GLU A 120 4.74 1.14 14.09
N ILE A 121 4.05 1.28 12.98
CA ILE A 121 2.67 1.73 12.98
C ILE A 121 1.74 0.53 12.98
N THR A 122 0.91 0.43 14.00
CA THR A 122 -0.05 -0.66 14.08
C THR A 122 -1.43 -0.13 14.46
N ALA A 123 -2.42 -0.38 13.60
CA ALA A 123 -3.76 0.15 13.82
C ALA A 123 -4.81 -0.95 13.74
N GLN A 124 -5.59 -1.09 14.80
CA GLN A 124 -6.64 -2.09 14.83
C GLN A 124 -7.91 -1.54 14.19
N ARG A 125 -8.69 -2.41 13.59
CA ARG A 125 -9.98 -2.01 13.07
C ARG A 125 -11.04 -2.17 14.16
N GLN A 126 -11.70 -1.08 14.49
CA GLN A 126 -12.61 -1.06 15.62
C GLN A 126 -14.06 -1.20 15.17
N LEU A 127 -14.47 -2.44 14.94
CA LEU A 127 -15.86 -2.73 14.59
C LEU A 127 -16.66 -2.97 15.88
N ARG A 128 -16.13 -2.48 16.99
CA ARG A 128 -16.80 -2.59 18.27
C ARG A 128 -17.75 -1.42 18.48
N MET A 23 9.12 20.77 7.84
CA MET A 23 8.11 19.77 7.42
C MET A 23 8.00 18.67 8.45
N SER A 24 6.91 18.67 9.18
CA SER A 24 6.67 17.67 10.21
C SER A 24 5.68 16.61 9.73
N ILE A 25 5.42 15.63 10.57
CA ILE A 25 4.46 14.58 10.24
C ILE A 25 3.04 15.08 10.52
N THR A 26 2.06 14.44 9.92
CA THR A 26 0.67 14.86 10.05
C THR A 26 -0.03 14.13 11.18
N SER A 27 -1.31 14.38 11.32
CA SER A 27 -2.14 13.73 12.33
C SER A 27 -2.43 12.28 11.94
N THR A 28 -3.34 11.63 12.67
CA THR A 28 -3.74 10.26 12.41
C THR A 28 -4.14 10.04 10.96
N ASP A 29 -4.51 11.13 10.28
CA ASP A 29 -4.86 11.10 8.86
C ASP A 29 -3.78 10.43 8.02
N ILE A 30 -2.56 10.35 8.55
CA ILE A 30 -1.46 9.70 7.85
C ILE A 30 -1.82 8.25 7.46
N CYS A 31 -2.37 7.48 8.40
CA CYS A 31 -2.77 6.11 8.11
C CYS A 31 -4.08 6.10 7.32
N GLN A 32 -4.90 7.12 7.55
CA GLN A 32 -6.18 7.27 6.86
C GLN A 32 -5.95 7.44 5.36
N ALA A 33 -4.95 8.22 5.01
CA ALA A 33 -4.60 8.46 3.61
C ALA A 33 -4.14 7.17 2.95
N ALA A 34 -3.46 6.32 3.71
CA ALA A 34 -2.98 5.04 3.20
C ALA A 34 -4.13 4.10 2.88
N ASP A 35 -5.22 4.25 3.62
CA ASP A 35 -6.42 3.46 3.39
C ASP A 35 -7.16 3.94 2.15
N ALA A 36 -7.02 5.22 1.84
CA ALA A 36 -7.73 5.83 0.73
C ALA A 36 -6.95 5.71 -0.58
N LEU A 37 -5.84 4.97 -0.55
CA LEU A 37 -5.01 4.79 -1.74
C LEU A 37 -5.71 3.88 -2.75
N LYS A 38 -5.79 4.35 -3.99
CA LYS A 38 -6.45 3.58 -5.04
C LYS A 38 -5.44 3.15 -6.10
N GLY A 39 -5.66 1.97 -6.67
CA GLY A 39 -4.74 1.43 -7.65
C GLY A 39 -4.42 -0.02 -7.34
N PHE A 40 -4.16 -0.81 -8.37
CA PHE A 40 -3.94 -2.24 -8.18
C PHE A 40 -2.49 -2.61 -8.46
N VAL A 41 -1.89 -3.35 -7.56
CA VAL A 41 -0.52 -3.82 -7.72
C VAL A 41 -0.54 -5.32 -8.00
N GLY A 42 0.33 -5.77 -8.90
CA GLY A 42 0.40 -7.16 -9.24
C GLY A 42 1.79 -7.56 -9.66
N PHE A 43 2.01 -8.84 -9.91
CA PHE A 43 3.31 -9.33 -10.33
C PHE A 43 3.27 -9.80 -11.78
N ASN A 44 3.99 -9.11 -12.65
CA ASN A 44 4.07 -9.49 -14.05
C ASN A 44 5.21 -10.49 -14.23
N ARG A 45 4.86 -11.75 -14.46
CA ARG A 45 5.85 -12.82 -14.48
C ARG A 45 6.66 -12.86 -15.77
N LYS A 46 6.20 -12.14 -16.79
CA LYS A 46 6.95 -12.07 -18.04
C LYS A 46 8.23 -11.27 -17.82
N THR A 47 8.10 -10.14 -17.16
CA THR A 47 9.25 -9.30 -16.85
C THR A 47 9.86 -9.73 -15.52
N GLY A 48 9.04 -10.33 -14.66
CA GLY A 48 9.49 -10.74 -13.35
C GLY A 48 9.54 -9.57 -12.39
N ARG A 49 8.66 -8.59 -12.62
CA ARG A 49 8.66 -7.38 -11.83
C ARG A 49 7.25 -7.07 -11.32
N TYR A 50 7.19 -6.25 -10.27
CA TYR A 50 5.92 -5.78 -9.76
C TYR A 50 5.41 -4.62 -10.62
N ILE A 51 4.10 -4.60 -10.82
CA ILE A 51 3.49 -3.60 -11.69
C ILE A 51 2.33 -2.91 -10.98
N VAL A 52 2.02 -1.71 -11.43
CA VAL A 52 0.85 -1.00 -10.95
C VAL A 52 -0.13 -0.77 -12.08
N ARG A 53 -1.29 -1.38 -11.99
CA ARG A 53 -2.28 -1.32 -13.04
C ARG A 53 -3.59 -0.77 -12.49
N PHE A 54 -4.33 -0.05 -13.31
CA PHE A 54 -5.60 0.52 -12.88
C PHE A 54 -6.75 -0.15 -13.62
N SER A 55 -6.42 -1.22 -14.31
CA SER A 55 -7.39 -1.98 -15.08
C SER A 55 -7.38 -3.44 -14.65
N GLU A 56 -8.50 -3.92 -14.16
CA GLU A 56 -8.63 -5.32 -13.75
C GLU A 56 -8.60 -6.24 -14.96
N ASP A 57 -8.93 -5.69 -16.13
CA ASP A 57 -9.03 -6.47 -17.35
C ASP A 57 -7.66 -6.74 -17.97
N SER A 58 -6.60 -6.45 -17.23
CA SER A 58 -5.25 -6.54 -17.78
C SER A 58 -4.56 -7.84 -17.39
N PHE A 59 -5.21 -8.69 -16.62
CA PHE A 59 -4.60 -9.96 -16.23
C PHE A 59 -5.05 -11.07 -17.18
N GLY A 60 -4.09 -11.85 -17.65
CA GLY A 60 -4.39 -12.92 -18.57
C GLY A 60 -4.26 -14.28 -17.92
N MET A 61 -3.29 -15.06 -18.38
CA MET A 61 -3.05 -16.38 -17.81
C MET A 61 -1.84 -16.34 -16.90
N ASP A 62 -1.10 -15.23 -16.95
CA ASP A 62 0.10 -15.08 -16.15
C ASP A 62 -0.25 -14.63 -14.75
N VAL A 63 -0.88 -13.47 -14.68
CA VAL A 63 -1.24 -12.87 -13.41
C VAL A 63 -2.58 -13.41 -12.91
N ALA A 64 -2.55 -14.13 -11.81
CA ALA A 64 -3.77 -14.55 -11.16
C ALA A 64 -4.33 -13.39 -10.35
N ASP A 65 -5.64 -13.39 -10.13
CA ASP A 65 -6.28 -12.30 -9.39
C ASP A 65 -5.83 -12.29 -7.92
N ASP A 66 -5.21 -13.38 -7.50
CA ASP A 66 -4.66 -13.47 -6.15
C ASP A 66 -3.48 -12.51 -5.99
N SER A 67 -2.81 -12.24 -7.10
CA SER A 67 -1.66 -11.34 -7.09
C SER A 67 -2.12 -9.89 -7.23
N ILE A 68 -3.38 -9.70 -7.62
CA ILE A 68 -3.94 -8.37 -7.78
C ILE A 68 -4.40 -7.83 -6.43
N THR A 69 -3.69 -6.84 -5.93
CA THR A 69 -4.03 -6.25 -4.65
C THR A 69 -3.93 -4.73 -4.72
N PRO A 70 -5.02 -4.04 -4.36
CA PRO A 70 -5.04 -2.57 -4.28
C PRO A 70 -3.97 -2.05 -3.32
N THR A 71 -3.35 -0.93 -3.67
CA THR A 71 -2.25 -0.38 -2.90
C THR A 71 -2.65 -0.03 -1.47
N SER A 72 -3.96 0.17 -1.25
CA SER A 72 -4.47 0.40 0.10
C SER A 72 -4.21 -0.83 0.97
N GLU A 73 -4.70 -1.97 0.53
CA GLU A 73 -4.55 -3.22 1.26
C GLU A 73 -3.13 -3.77 1.12
N PHE A 74 -2.37 -3.18 0.21
CA PHE A 74 -1.01 -3.61 -0.05
C PHE A 74 -0.07 -3.13 1.05
N VAL A 75 -0.25 -1.90 1.52
CA VAL A 75 0.66 -1.32 2.50
C VAL A 75 0.39 -1.82 3.91
N TRP A 76 -0.75 -2.47 4.11
CA TRP A 76 -1.09 -2.98 5.44
C TRP A 76 -0.72 -4.45 5.55
N SER A 77 -0.08 -4.80 6.65
CA SER A 77 0.28 -6.18 6.93
C SER A 77 -0.41 -6.66 8.19
N SER A 78 -1.32 -7.61 8.05
CA SER A 78 -2.05 -8.15 9.18
C SER A 78 -1.17 -9.14 9.96
N VAL A 79 -0.85 -8.78 11.20
CA VAL A 79 0.00 -9.62 12.03
C VAL A 79 -0.83 -10.52 12.93
N ARG A 80 -2.05 -10.10 13.21
CA ARG A 80 -2.95 -10.89 14.04
C ARG A 80 -4.13 -11.36 13.19
N ASP A 81 -5.02 -10.44 12.87
CA ASP A 81 -6.16 -10.71 11.99
C ASP A 81 -6.84 -9.39 11.64
N ASP A 82 -7.40 -8.74 12.66
CA ASP A 82 -7.94 -7.39 12.49
C ASP A 82 -6.82 -6.38 12.64
N VAL A 83 -5.89 -6.71 13.53
CA VAL A 83 -4.74 -5.85 13.80
C VAL A 83 -3.76 -5.87 12.63
N MET A 84 -3.71 -4.76 11.91
CA MET A 84 -2.80 -4.62 10.78
C MET A 84 -1.73 -3.58 11.11
N ARG A 85 -0.52 -3.80 10.63
CA ARG A 85 0.56 -2.84 10.80
C ARG A 85 0.88 -2.20 9.46
N LEU A 86 1.30 -0.94 9.49
CA LEU A 86 1.71 -0.24 8.28
C LEU A 86 3.11 -0.70 7.89
N GLY A 87 3.21 -1.38 6.75
CA GLY A 87 4.49 -1.89 6.30
C GLY A 87 5.19 -0.93 5.37
N ARG A 88 6.24 -0.28 5.87
CA ARG A 88 6.99 0.67 5.04
C ARG A 88 7.77 -0.04 3.93
N GLU A 89 7.97 -1.35 4.09
CA GLU A 89 8.67 -2.15 3.08
C GLU A 89 7.88 -2.17 1.78
N GLN A 90 6.58 -1.95 1.91
CA GLN A 90 5.66 -1.94 0.78
C GLN A 90 5.90 -0.72 -0.08
N LEU A 91 6.11 0.42 0.58
CA LEU A 91 6.34 1.68 -0.10
C LEU A 91 7.64 1.62 -0.90
N GLN A 92 8.59 0.81 -0.42
CA GLN A 92 9.87 0.66 -1.08
C GLN A 92 9.70 0.07 -2.48
N ILE A 93 8.71 -0.81 -2.64
CA ILE A 93 8.42 -1.40 -3.93
C ILE A 93 7.70 -0.39 -4.83
N LEU A 94 6.90 0.47 -4.22
CA LEU A 94 6.11 1.44 -4.95
C LEU A 94 6.97 2.58 -5.49
N LEU A 95 7.88 3.09 -4.65
CA LEU A 95 8.71 4.25 -5.01
C LEU A 95 9.58 3.96 -6.23
N GLU A 96 9.86 2.69 -6.48
CA GLU A 96 10.67 2.30 -7.64
C GLU A 96 9.99 2.76 -8.93
N GLN A 97 8.67 2.77 -8.93
CA GLN A 97 7.90 3.27 -10.06
C GLN A 97 7.48 4.71 -9.74
N ASN A 98 8.24 5.67 -10.23
CA ASN A 98 8.10 7.05 -9.76
C ASN A 98 6.94 7.77 -10.43
N ILE A 99 5.75 7.54 -9.88
CA ILE A 99 4.57 8.31 -10.24
C ILE A 99 3.62 8.42 -9.05
N ASN A 100 3.99 9.29 -8.11
CA ASN A 100 3.28 9.44 -6.84
C ASN A 100 1.79 9.67 -7.04
N GLU A 101 1.44 10.54 -7.99
CA GLU A 101 0.05 10.88 -8.21
C GLU A 101 -0.68 9.76 -8.95
N ARG A 102 0.01 9.12 -9.88
CA ARG A 102 -0.62 8.08 -10.70
C ARG A 102 -0.88 6.83 -9.86
N LEU A 103 0.15 6.38 -9.16
CA LEU A 103 0.04 5.22 -8.28
C LEU A 103 -0.84 5.58 -7.09
N ASN A 104 -0.88 6.88 -6.79
CA ASN A 104 -1.67 7.44 -5.70
C ASN A 104 -1.06 7.07 -4.35
N ILE A 105 0.01 7.76 -4.00
CA ILE A 105 0.59 7.65 -2.68
C ILE A 105 0.22 8.88 -1.88
N GLY A 106 -0.38 8.67 -0.72
CA GLY A 106 -0.83 9.78 0.11
C GLY A 106 0.29 10.71 0.51
N GLU A 107 -0.01 11.97 0.62
CA GLU A 107 0.98 12.97 0.98
C GLU A 107 1.55 12.71 2.38
N PRO A 108 0.72 12.38 3.39
CA PRO A 108 1.21 11.94 4.70
C PRO A 108 2.12 10.71 4.61
N LEU A 109 2.02 9.98 3.49
CA LEU A 109 2.87 8.82 3.27
C LEU A 109 4.25 9.28 2.82
N LEU A 110 4.29 10.42 2.12
CA LEU A 110 5.55 11.01 1.69
C LEU A 110 6.38 11.43 2.90
N VAL A 111 5.74 12.09 3.87
CA VAL A 111 6.44 12.53 5.06
C VAL A 111 6.85 11.33 5.91
N TYR A 112 6.02 10.29 5.89
CA TYR A 112 6.33 9.03 6.56
C TYR A 112 7.57 8.40 5.97
N LEU A 113 7.74 8.56 4.66
CA LEU A 113 8.92 8.05 3.96
C LEU A 113 10.13 8.87 4.35
N ARG A 114 9.94 10.17 4.55
CA ARG A 114 11.00 11.05 5.01
C ARG A 114 11.48 10.58 6.39
N ARG A 115 10.54 10.52 7.33
CA ARG A 115 10.81 10.04 8.67
C ARG A 115 9.52 9.50 9.28
N GLN A 116 9.61 8.37 9.95
CA GLN A 116 8.43 7.77 10.55
C GLN A 116 8.11 8.43 11.89
N ASP A 117 6.85 8.77 12.09
CA ASP A 117 6.41 9.37 13.33
C ASP A 117 6.10 8.30 14.36
N LEU A 118 5.34 7.31 13.93
CA LEU A 118 5.02 6.17 14.77
C LEU A 118 5.44 4.88 14.08
N PRO A 119 6.52 4.26 14.55
CA PRO A 119 7.00 2.96 14.02
C PRO A 119 6.00 1.83 14.25
N GLU A 120 4.92 2.15 14.94
CA GLU A 120 3.92 1.17 15.30
C GLU A 120 2.52 1.64 14.90
N ILE A 121 2.40 2.14 13.67
CA ILE A 121 1.10 2.52 13.15
C ILE A 121 0.27 1.28 12.87
N THR A 122 -0.75 1.08 13.68
CA THR A 122 -1.57 -0.12 13.59
C THR A 122 -3.03 0.25 13.45
N ALA A 123 -3.79 -0.63 12.82
CA ALA A 123 -5.22 -0.49 12.71
C ALA A 123 -5.90 -1.75 13.19
N GLN A 124 -6.80 -1.64 14.14
CA GLN A 124 -7.48 -2.80 14.69
C GLN A 124 -8.93 -2.47 15.02
N ARG A 125 -9.85 -3.03 14.24
CA ARG A 125 -11.27 -2.83 14.49
C ARG A 125 -11.73 -3.70 15.65
N GLN A 126 -11.93 -3.07 16.79
CA GLN A 126 -12.38 -3.77 17.98
C GLN A 126 -13.88 -3.56 18.18
N LEU A 127 -14.51 -4.44 18.94
CA LEU A 127 -15.96 -4.46 19.05
C LEU A 127 -16.42 -3.79 20.34
N ARG A 128 -15.71 -2.77 20.74
CA ARG A 128 -16.12 -1.95 21.86
C ARG A 128 -16.44 -0.54 21.38
N MET A 23 8.39 17.70 7.54
CA MET A 23 9.54 16.95 8.09
C MET A 23 9.07 15.87 9.08
N SER A 24 8.03 16.18 9.83
CA SER A 24 7.51 15.27 10.83
C SER A 24 6.23 14.59 10.34
N ILE A 25 5.90 13.46 10.96
CA ILE A 25 4.70 12.72 10.61
C ILE A 25 3.46 13.49 11.05
N THR A 26 2.43 13.43 10.22
CA THR A 26 1.23 14.21 10.42
C THR A 26 0.18 13.46 11.22
N SER A 27 -0.99 14.06 11.34
CA SER A 27 -2.09 13.53 12.13
C SER A 27 -2.63 12.21 11.57
N THR A 28 -3.75 11.75 12.15
CA THR A 28 -4.37 10.47 11.79
C THR A 28 -4.62 10.33 10.29
N ASP A 29 -4.71 11.47 9.60
CA ASP A 29 -4.92 11.52 8.16
C ASP A 29 -3.91 10.65 7.41
N ILE A 30 -2.72 10.46 7.98
CA ILE A 30 -1.72 9.60 7.37
C ILE A 30 -2.22 8.16 7.24
N CYS A 31 -2.94 7.70 8.26
CA CYS A 31 -3.51 6.36 8.26
C CYS A 31 -4.73 6.30 7.35
N GLN A 32 -5.46 7.40 7.26
CA GLN A 32 -6.67 7.47 6.47
C GLN A 32 -6.37 7.49 4.97
N ALA A 33 -5.31 8.21 4.61
CA ALA A 33 -4.89 8.28 3.21
C ALA A 33 -4.37 6.93 2.73
N ALA A 34 -3.84 6.14 3.66
CA ALA A 34 -3.34 4.80 3.34
C ALA A 34 -4.50 3.86 2.98
N ASP A 35 -5.70 4.26 3.36
CA ASP A 35 -6.90 3.50 3.03
C ASP A 35 -7.47 3.96 1.69
N ALA A 36 -7.15 5.20 1.33
CA ALA A 36 -7.69 5.82 0.13
C ALA A 36 -6.84 5.48 -1.09
N LEU A 37 -5.79 4.68 -0.89
CA LEU A 37 -4.94 4.25 -1.97
C LEU A 37 -5.73 3.37 -2.94
N LYS A 38 -5.73 3.73 -4.21
CA LYS A 38 -6.50 3.00 -5.19
C LYS A 38 -5.58 2.48 -6.30
N GLY A 39 -5.92 1.32 -6.83
CA GLY A 39 -5.08 0.67 -7.82
C GLY A 39 -4.65 -0.70 -7.35
N PHE A 40 -4.46 -1.61 -8.28
CA PHE A 40 -4.08 -2.97 -7.96
C PHE A 40 -2.66 -3.27 -8.41
N VAL A 41 -1.85 -3.79 -7.51
CA VAL A 41 -0.49 -4.19 -7.86
C VAL A 41 -0.40 -5.70 -7.99
N GLY A 42 0.31 -6.14 -9.01
CA GLY A 42 0.52 -7.55 -9.23
C GLY A 42 1.86 -7.83 -9.86
N PHE A 43 2.46 -8.95 -9.49
CA PHE A 43 3.75 -9.32 -10.04
C PHE A 43 3.57 -9.89 -11.44
N ASN A 44 4.07 -9.20 -12.43
CA ASN A 44 3.96 -9.64 -13.81
C ASN A 44 5.13 -10.54 -14.15
N ARG A 45 4.84 -11.79 -14.48
CA ARG A 45 5.86 -12.79 -14.79
C ARG A 45 6.66 -12.42 -16.04
N LYS A 46 6.05 -11.63 -16.93
CA LYS A 46 6.68 -11.27 -18.19
C LYS A 46 7.76 -10.21 -17.98
N THR A 47 7.39 -9.13 -17.33
CA THR A 47 8.34 -8.05 -17.06
C THR A 47 9.22 -8.38 -15.86
N GLY A 48 8.69 -9.20 -14.96
CA GLY A 48 9.44 -9.63 -13.80
C GLY A 48 9.44 -8.59 -12.72
N ARG A 49 8.42 -7.75 -12.70
CA ARG A 49 8.33 -6.67 -11.72
C ARG A 49 6.94 -6.60 -11.11
N TYR A 50 6.84 -5.80 -10.05
CA TYR A 50 5.57 -5.57 -9.37
C TYR A 50 4.95 -4.29 -9.91
N ILE A 51 3.90 -4.42 -10.70
CA ILE A 51 3.34 -3.27 -11.40
C ILE A 51 1.91 -2.98 -10.95
N VAL A 52 1.48 -1.74 -11.18
CA VAL A 52 0.16 -1.30 -10.77
C VAL A 52 -0.77 -1.21 -11.97
N ARG A 53 -2.06 -1.45 -11.74
CA ARG A 53 -3.06 -1.36 -12.78
C ARG A 53 -4.42 -1.08 -12.15
N PHE A 54 -5.27 -0.34 -12.83
CA PHE A 54 -6.58 -0.01 -12.28
C PHE A 54 -7.63 -1.02 -12.75
N SER A 55 -7.23 -1.91 -13.63
CA SER A 55 -8.16 -2.85 -14.23
C SER A 55 -7.78 -4.29 -13.92
N GLU A 56 -8.60 -4.93 -13.09
CA GLU A 56 -8.44 -6.35 -12.79
C GLU A 56 -8.62 -7.18 -14.07
N ASP A 57 -9.45 -6.66 -14.96
CA ASP A 57 -9.74 -7.30 -16.24
C ASP A 57 -8.52 -7.25 -17.17
N SER A 58 -7.48 -6.54 -16.76
CA SER A 58 -6.30 -6.37 -17.59
C SER A 58 -5.28 -7.46 -17.29
N PHE A 59 -5.62 -8.32 -16.33
CA PHE A 59 -4.75 -9.41 -15.94
C PHE A 59 -5.31 -10.73 -16.44
N GLY A 60 -4.51 -11.43 -17.26
CA GLY A 60 -4.92 -12.72 -17.76
C GLY A 60 -4.59 -13.84 -16.79
N MET A 61 -3.80 -14.81 -17.24
CA MET A 61 -3.42 -15.93 -16.37
C MET A 61 -1.97 -15.76 -15.92
N ASP A 62 -1.30 -14.76 -16.47
CA ASP A 62 0.10 -14.48 -16.11
C ASP A 62 0.19 -14.03 -14.66
N VAL A 63 -0.67 -13.09 -14.31
CA VAL A 63 -0.75 -12.60 -12.94
C VAL A 63 -1.91 -13.28 -12.23
N ALA A 64 -1.61 -14.01 -11.16
CA ALA A 64 -2.60 -14.76 -10.42
C ALA A 64 -3.63 -13.83 -9.79
N ASP A 65 -4.88 -14.27 -9.73
CA ASP A 65 -5.95 -13.46 -9.16
C ASP A 65 -5.69 -13.17 -7.69
N ASP A 66 -5.00 -14.09 -7.03
CA ASP A 66 -4.68 -13.93 -5.61
C ASP A 66 -3.49 -13.00 -5.43
N SER A 67 -2.72 -12.81 -6.49
CA SER A 67 -1.56 -11.93 -6.44
C SER A 67 -1.97 -10.50 -6.79
N ILE A 68 -3.20 -10.35 -7.28
CA ILE A 68 -3.75 -9.03 -7.55
C ILE A 68 -4.23 -8.40 -6.25
N THR A 69 -3.44 -7.50 -5.71
CA THR A 69 -3.75 -6.88 -4.44
C THR A 69 -3.79 -5.35 -4.59
N PRO A 70 -4.85 -4.70 -4.11
CA PRO A 70 -4.93 -3.24 -4.08
C PRO A 70 -3.76 -2.66 -3.31
N THR A 71 -3.21 -1.55 -3.80
CA THR A 71 -2.05 -0.92 -3.19
C THR A 71 -2.33 -0.52 -1.74
N SER A 72 -3.60 -0.27 -1.43
CA SER A 72 -4.01 0.03 -0.06
C SER A 72 -3.93 -1.23 0.81
N GLU A 73 -4.39 -2.35 0.26
CA GLU A 73 -4.38 -3.61 0.99
C GLU A 73 -2.95 -4.15 1.08
N PHE A 74 -2.11 -3.72 0.15
CA PHE A 74 -0.72 -4.14 0.10
C PHE A 74 0.07 -3.58 1.28
N VAL A 75 -0.12 -2.29 1.58
CA VAL A 75 0.66 -1.64 2.62
C VAL A 75 0.23 -2.10 4.01
N TRP A 76 -0.97 -2.61 4.12
CA TRP A 76 -1.46 -3.12 5.40
C TRP A 76 -1.15 -4.60 5.53
N SER A 77 -0.40 -4.94 6.57
CA SER A 77 -0.09 -6.32 6.85
C SER A 77 -0.61 -6.70 8.22
N SER A 78 -1.58 -7.59 8.24
CA SER A 78 -2.21 -8.00 9.48
C SER A 78 -1.26 -8.89 10.28
N VAL A 79 -1.05 -8.52 11.53
CA VAL A 79 -0.21 -9.29 12.43
C VAL A 79 -1.07 -10.08 13.41
N ARG A 80 -2.37 -9.92 13.25
CA ARG A 80 -3.33 -10.59 14.11
C ARG A 80 -4.60 -10.86 13.29
N ASP A 81 -5.75 -10.96 13.94
CA ASP A 81 -7.00 -11.18 13.22
C ASP A 81 -7.64 -9.85 12.83
N ASP A 82 -7.52 -8.87 13.72
CA ASP A 82 -8.05 -7.52 13.45
C ASP A 82 -7.00 -6.45 13.64
N VAL A 83 -5.73 -6.86 13.79
CA VAL A 83 -4.65 -5.93 14.03
C VAL A 83 -3.71 -5.86 12.83
N MET A 84 -3.72 -4.73 12.14
CA MET A 84 -2.92 -4.57 10.93
C MET A 84 -1.84 -3.51 11.14
N ARG A 85 -0.65 -3.77 10.62
CA ARG A 85 0.43 -2.80 10.69
C ARG A 85 0.68 -2.20 9.32
N LEU A 86 0.98 -0.91 9.30
CA LEU A 86 1.36 -0.24 8.07
C LEU A 86 2.81 -0.61 7.75
N GLY A 87 3.01 -1.24 6.61
CA GLY A 87 4.33 -1.64 6.21
C GLY A 87 5.06 -0.54 5.47
N ARG A 88 6.04 0.06 6.12
CA ARG A 88 6.84 1.08 5.46
C ARG A 88 7.74 0.48 4.39
N GLU A 89 8.09 -0.78 4.57
CA GLU A 89 8.92 -1.50 3.59
C GLU A 89 8.17 -1.62 2.27
N GLN A 90 6.84 -1.55 2.36
CA GLN A 90 5.97 -1.67 1.21
C GLN A 90 6.10 -0.44 0.33
N LEU A 91 6.18 0.71 0.99
CA LEU A 91 6.31 1.99 0.29
C LEU A 91 7.62 2.06 -0.47
N GLN A 92 8.63 1.35 0.03
CA GLN A 92 9.93 1.31 -0.63
C GLN A 92 9.87 0.45 -1.90
N ILE A 93 8.94 -0.50 -1.92
CA ILE A 93 8.72 -1.30 -3.11
C ILE A 93 8.00 -0.46 -4.16
N LEU A 94 7.10 0.38 -3.68
CA LEU A 94 6.35 1.31 -4.52
C LEU A 94 7.23 2.47 -4.96
N LEU A 95 8.24 2.76 -4.14
CA LEU A 95 9.19 3.85 -4.36
C LEU A 95 9.85 3.78 -5.74
N GLU A 96 9.93 2.59 -6.30
CA GLU A 96 10.51 2.38 -7.63
C GLU A 96 9.66 3.05 -8.70
N GLN A 97 8.41 3.33 -8.38
CA GLN A 97 7.50 4.03 -9.28
C GLN A 97 7.42 5.50 -8.90
N ASN A 98 7.97 6.35 -9.76
CA ASN A 98 8.01 7.79 -9.49
C ASN A 98 6.71 8.47 -9.88
N ILE A 99 5.75 7.70 -10.35
CA ILE A 99 4.45 8.23 -10.69
C ILE A 99 3.52 8.16 -9.48
N ASN A 100 3.74 9.06 -8.53
CA ASN A 100 3.05 9.02 -7.25
C ASN A 100 1.54 9.23 -7.40
N GLU A 101 1.13 9.99 -8.40
CA GLU A 101 -0.28 10.26 -8.60
C GLU A 101 -0.95 9.09 -9.32
N ARG A 102 -0.21 8.47 -10.23
CA ARG A 102 -0.70 7.29 -10.94
C ARG A 102 -0.77 6.12 -9.97
N LEU A 103 0.25 6.02 -9.14
CA LEU A 103 0.33 4.98 -8.12
C LEU A 103 -0.66 5.28 -6.98
N ASN A 104 -1.07 6.55 -6.90
CA ASN A 104 -2.10 6.99 -5.96
C ASN A 104 -1.64 6.94 -4.51
N ILE A 105 -0.34 7.06 -4.29
CA ILE A 105 0.19 7.13 -2.94
C ILE A 105 -0.03 8.51 -2.35
N GLY A 106 -0.67 8.56 -1.18
CA GLY A 106 -1.06 9.81 -0.58
C GLY A 106 0.11 10.67 -0.12
N GLU A 107 -0.17 11.94 0.14
CA GLU A 107 0.85 12.90 0.57
C GLU A 107 1.48 12.49 1.90
N PRO A 108 0.67 12.21 2.96
CA PRO A 108 1.21 11.75 4.24
C PRO A 108 2.00 10.45 4.11
N LEU A 109 1.70 9.69 3.07
CA LEU A 109 2.41 8.46 2.78
C LEU A 109 3.83 8.79 2.32
N LEU A 110 3.95 9.87 1.57
CA LEU A 110 5.25 10.35 1.12
C LEU A 110 6.06 10.85 2.30
N VAL A 111 5.37 11.51 3.24
CA VAL A 111 5.99 11.98 4.47
C VAL A 111 6.48 10.80 5.29
N TYR A 112 5.66 9.76 5.34
CA TYR A 112 5.99 8.53 6.04
C TYR A 112 7.22 7.88 5.40
N LEU A 113 7.33 8.00 4.09
CA LEU A 113 8.46 7.45 3.35
C LEU A 113 9.71 8.29 3.58
N ARG A 114 9.54 9.60 3.68
CA ARG A 114 10.66 10.50 3.98
C ARG A 114 11.25 10.21 5.35
N ARG A 115 10.45 10.40 6.40
CA ARG A 115 10.93 10.20 7.75
C ARG A 115 9.80 9.72 8.64
N GLN A 116 9.72 8.43 8.83
CA GLN A 116 8.65 7.86 9.63
C GLN A 116 9.00 7.92 11.11
N ASP A 117 8.06 8.37 11.90
CA ASP A 117 8.21 8.46 13.35
C ASP A 117 7.84 7.13 13.98
N LEU A 118 6.76 6.56 13.48
CA LEU A 118 6.30 5.27 13.94
C LEU A 118 6.89 4.16 13.07
N PRO A 119 7.61 3.21 13.67
CA PRO A 119 8.14 2.06 12.95
C PRO A 119 7.02 1.17 12.42
N GLU A 120 5.96 1.04 13.22
CA GLU A 120 4.82 0.24 12.85
C GLU A 120 3.52 0.94 13.23
N ILE A 121 2.86 1.55 12.26
CA ILE A 121 1.53 2.08 12.51
C ILE A 121 0.55 0.92 12.58
N THR A 122 0.11 0.60 13.78
CA THR A 122 -0.71 -0.58 13.97
C THR A 122 -2.13 -0.19 14.39
N ALA A 123 -3.10 -0.57 13.57
CA ALA A 123 -4.49 -0.26 13.84
C ALA A 123 -5.29 -1.54 13.97
N GLN A 124 -6.21 -1.56 14.93
CA GLN A 124 -7.01 -2.75 15.16
C GLN A 124 -8.47 -2.37 15.40
N ARG A 125 -9.37 -3.13 14.79
CA ARG A 125 -10.79 -2.89 14.95
C ARG A 125 -11.28 -3.55 16.23
N GLN A 126 -11.21 -2.80 17.32
CA GLN A 126 -11.55 -3.32 18.63
C GLN A 126 -12.95 -2.87 19.07
N LEU A 127 -13.42 -3.41 20.18
CA LEU A 127 -14.76 -3.12 20.66
C LEU A 127 -14.71 -2.56 22.08
N ARG A 128 -13.54 -2.07 22.47
CA ARG A 128 -13.35 -1.55 23.82
C ARG A 128 -13.29 -0.04 23.79
N MET A 23 9.98 18.08 6.39
CA MET A 23 8.71 17.33 6.39
C MET A 23 8.29 16.98 7.81
N SER A 24 7.47 17.83 8.39
CA SER A 24 6.96 17.59 9.73
C SER A 24 5.90 16.49 9.68
N ILE A 25 5.92 15.62 10.68
CA ILE A 25 4.96 14.53 10.73
C ILE A 25 3.57 15.08 10.99
N THR A 26 2.59 14.54 10.28
CA THR A 26 1.26 15.14 10.23
C THR A 26 0.34 14.57 11.29
N SER A 27 -0.89 15.06 11.27
CA SER A 27 -1.93 14.65 12.20
C SER A 27 -2.51 13.30 11.79
N THR A 28 -3.62 12.92 12.44
CA THR A 28 -4.30 11.65 12.20
C THR A 28 -4.58 11.41 10.71
N ASP A 29 -4.62 12.50 9.94
CA ASP A 29 -4.86 12.46 8.49
C ASP A 29 -3.89 11.49 7.81
N ILE A 30 -2.71 11.31 8.39
CA ILE A 30 -1.70 10.41 7.81
C ILE A 30 -2.24 8.98 7.68
N CYS A 31 -3.04 8.57 8.64
CA CYS A 31 -3.64 7.24 8.63
C CYS A 31 -4.78 7.16 7.63
N GLN A 32 -5.51 8.27 7.49
CA GLN A 32 -6.68 8.32 6.62
C GLN A 32 -6.27 8.38 5.16
N ALA A 33 -5.22 9.14 4.88
CA ALA A 33 -4.74 9.35 3.52
C ALA A 33 -4.13 8.07 2.94
N ALA A 34 -3.81 7.12 3.81
CA ALA A 34 -3.28 5.82 3.36
C ALA A 34 -4.34 5.04 2.60
N ASP A 35 -5.60 5.36 2.87
CA ASP A 35 -6.73 4.73 2.21
C ASP A 35 -7.12 5.51 0.95
N ALA A 36 -6.41 6.61 0.71
CA ALA A 36 -6.70 7.47 -0.43
C ALA A 36 -5.87 7.07 -1.64
N LEU A 37 -5.13 5.98 -1.51
CA LEU A 37 -4.33 5.46 -2.61
C LEU A 37 -5.21 4.60 -3.51
N LYS A 38 -5.01 4.72 -4.82
CA LYS A 38 -5.85 4.01 -5.77
C LYS A 38 -5.00 3.12 -6.68
N GLY A 39 -5.61 2.07 -7.19
CA GLY A 39 -4.91 1.14 -8.04
C GLY A 39 -4.62 -0.18 -7.35
N PHE A 40 -4.26 -1.18 -8.13
CA PHE A 40 -3.94 -2.50 -7.59
C PHE A 40 -2.47 -2.80 -7.80
N VAL A 41 -1.89 -3.52 -6.86
CA VAL A 41 -0.50 -3.94 -6.99
C VAL A 41 -0.48 -5.43 -7.31
N GLY A 42 0.25 -5.80 -8.35
CA GLY A 42 0.30 -7.19 -8.75
C GLY A 42 1.66 -7.58 -9.30
N PHE A 43 2.00 -8.84 -9.14
CA PHE A 43 3.26 -9.36 -9.66
C PHE A 43 3.04 -9.96 -11.04
N ASN A 44 3.64 -9.35 -12.05
CA ASN A 44 3.47 -9.83 -13.41
C ASN A 44 4.49 -10.91 -13.73
N ARG A 45 4.05 -11.97 -14.40
CA ARG A 45 4.96 -13.03 -14.80
C ARG A 45 5.43 -12.79 -16.22
N LYS A 46 5.00 -11.67 -16.79
CA LYS A 46 5.43 -11.26 -18.11
C LYS A 46 6.92 -10.90 -18.09
N THR A 47 7.32 -10.17 -17.06
CA THR A 47 8.72 -9.79 -16.93
C THR A 47 9.23 -10.07 -15.52
N GLY A 48 8.32 -10.42 -14.61
CA GLY A 48 8.73 -10.77 -13.26
C GLY A 48 8.96 -9.55 -12.39
N ARG A 49 8.05 -8.60 -12.46
CA ARG A 49 8.18 -7.37 -11.68
C ARG A 49 6.90 -7.11 -10.89
N TYR A 50 7.05 -6.45 -9.75
CA TYR A 50 5.91 -6.10 -8.92
C TYR A 50 5.40 -4.73 -9.36
N ILE A 51 4.29 -4.72 -10.06
CA ILE A 51 3.82 -3.52 -10.72
C ILE A 51 2.47 -3.06 -10.17
N VAL A 52 2.09 -1.84 -10.50
CA VAL A 52 0.80 -1.31 -10.11
C VAL A 52 -0.05 -1.02 -11.33
N ARG A 53 -1.34 -1.30 -11.24
CA ARG A 53 -2.26 -1.07 -12.35
C ARG A 53 -3.69 -1.20 -11.84
N PHE A 54 -4.53 -0.25 -12.21
CA PHE A 54 -5.92 -0.24 -11.75
C PHE A 54 -6.85 -0.92 -12.75
N SER A 55 -6.36 -2.01 -13.32
CA SER A 55 -7.14 -2.78 -14.28
C SER A 55 -6.85 -4.26 -14.09
N GLU A 56 -7.84 -4.99 -13.57
CA GLU A 56 -7.70 -6.41 -13.30
C GLU A 56 -7.57 -7.20 -14.60
N ASP A 57 -8.11 -6.65 -15.68
CA ASP A 57 -8.13 -7.31 -16.98
C ASP A 57 -6.72 -7.36 -17.60
N SER A 58 -5.78 -6.65 -17.00
CA SER A 58 -4.41 -6.60 -17.52
C SER A 58 -3.75 -7.99 -17.50
N PHE A 59 -4.20 -8.85 -16.60
CA PHE A 59 -3.64 -10.19 -16.49
C PHE A 59 -4.64 -11.23 -16.97
N GLY A 60 -5.75 -11.35 -16.27
CA GLY A 60 -6.75 -12.33 -16.63
C GLY A 60 -6.43 -13.70 -16.07
N MET A 61 -6.08 -14.63 -16.94
CA MET A 61 -5.71 -15.97 -16.50
C MET A 61 -4.21 -16.05 -16.26
N ASP A 62 -3.52 -14.95 -16.58
CA ASP A 62 -2.07 -14.88 -16.44
C ASP A 62 -1.67 -14.82 -14.98
N VAL A 63 -2.38 -14.01 -14.21
CA VAL A 63 -2.12 -13.87 -12.78
C VAL A 63 -3.44 -13.89 -12.01
N ALA A 64 -3.51 -14.75 -11.00
CA ALA A 64 -4.70 -14.86 -10.17
C ALA A 64 -4.97 -13.57 -9.42
N ASP A 65 -6.24 -13.25 -9.21
CA ASP A 65 -6.62 -11.97 -8.63
C ASP A 65 -6.35 -11.92 -7.12
N ASP A 66 -5.99 -13.07 -6.54
CA ASP A 66 -5.59 -13.10 -5.13
C ASP A 66 -4.18 -12.56 -4.97
N SER A 67 -3.43 -12.58 -6.07
CA SER A 67 -2.07 -12.04 -6.09
C SER A 67 -2.14 -10.54 -6.31
N ILE A 68 -3.29 -10.08 -6.80
CA ILE A 68 -3.52 -8.66 -7.04
C ILE A 68 -4.14 -8.02 -5.80
N THR A 69 -3.43 -7.09 -5.20
CA THR A 69 -3.87 -6.47 -3.96
C THR A 69 -3.99 -4.95 -4.12
N PRO A 70 -5.17 -4.38 -3.82
CA PRO A 70 -5.39 -2.94 -3.83
C PRO A 70 -4.33 -2.22 -3.02
N THR A 71 -3.73 -1.17 -3.59
CA THR A 71 -2.61 -0.50 -2.96
C THR A 71 -3.00 0.14 -1.62
N SER A 72 -4.29 0.47 -1.46
CA SER A 72 -4.78 1.06 -0.22
C SER A 72 -4.83 0.01 0.89
N GLU A 73 -4.93 -1.26 0.51
CA GLU A 73 -4.92 -2.35 1.47
C GLU A 73 -3.51 -2.93 1.57
N PHE A 74 -2.73 -2.76 0.51
CA PHE A 74 -1.38 -3.28 0.42
C PHE A 74 -0.49 -2.70 1.52
N VAL A 75 -0.71 -1.43 1.84
CA VAL A 75 0.11 -0.76 2.84
C VAL A 75 -0.18 -1.28 4.25
N TRP A 76 -1.33 -1.94 4.41
CA TRP A 76 -1.72 -2.51 5.68
C TRP A 76 -1.39 -3.99 5.72
N SER A 77 -0.50 -4.37 6.60
CA SER A 77 -0.08 -5.75 6.72
C SER A 77 -0.75 -6.40 7.93
N SER A 78 -1.63 -7.36 7.68
CA SER A 78 -2.30 -8.06 8.75
C SER A 78 -1.31 -8.97 9.46
N VAL A 79 -1.07 -8.70 10.73
CA VAL A 79 -0.09 -9.46 11.50
C VAL A 79 -0.75 -10.15 12.69
N ARG A 80 -2.07 -10.13 12.71
CA ARG A 80 -2.82 -10.76 13.78
C ARG A 80 -4.27 -10.93 13.38
N ASP A 81 -5.13 -11.14 14.36
CA ASP A 81 -6.54 -11.43 14.13
C ASP A 81 -7.23 -10.28 13.38
N ASP A 82 -7.29 -9.10 13.98
CA ASP A 82 -7.99 -7.97 13.36
C ASP A 82 -7.12 -6.72 13.28
N VAL A 83 -5.83 -6.85 13.47
CA VAL A 83 -4.96 -5.68 13.45
C VAL A 83 -3.98 -5.72 12.27
N MET A 84 -3.92 -4.63 11.53
CA MET A 84 -3.02 -4.51 10.41
C MET A 84 -2.02 -3.39 10.68
N ARG A 85 -0.75 -3.65 10.41
CA ARG A 85 0.29 -2.67 10.63
C ARG A 85 0.59 -1.91 9.34
N LEU A 86 0.70 -0.60 9.45
CA LEU A 86 1.09 0.22 8.31
C LEU A 86 2.57 0.01 8.03
N GLY A 87 2.86 -0.62 6.91
CA GLY A 87 4.24 -0.89 6.56
C GLY A 87 4.78 0.15 5.61
N ARG A 88 5.75 0.92 6.06
CA ARG A 88 6.37 1.92 5.20
C ARG A 88 7.18 1.27 4.08
N GLU A 89 7.54 0.01 4.27
CA GLU A 89 8.26 -0.76 3.26
C GLU A 89 7.44 -0.88 1.98
N GLN A 90 6.12 -0.76 2.14
CA GLN A 90 5.19 -0.88 1.02
C GLN A 90 5.32 0.35 0.14
N LEU A 91 5.50 1.50 0.77
CA LEU A 91 5.63 2.77 0.06
C LEU A 91 6.93 2.81 -0.72
N GLN A 92 7.93 2.08 -0.24
CA GLN A 92 9.21 1.98 -0.92
C GLN A 92 9.04 1.26 -2.26
N ILE A 93 8.11 0.31 -2.29
CA ILE A 93 7.81 -0.42 -3.51
C ILE A 93 7.09 0.49 -4.51
N LEU A 94 6.14 1.26 -4.00
CA LEU A 94 5.44 2.26 -4.82
C LEU A 94 6.43 3.31 -5.33
N LEU A 95 7.42 3.59 -4.50
CA LEU A 95 8.47 4.54 -4.82
C LEU A 95 9.33 4.02 -5.97
N GLU A 96 9.39 2.70 -6.11
CA GLU A 96 10.10 2.09 -7.23
C GLU A 96 9.32 2.25 -8.52
N GLN A 97 8.00 2.22 -8.42
CA GLN A 97 7.13 2.54 -9.55
C GLN A 97 7.32 4.01 -9.90
N ASN A 98 7.40 4.83 -8.84
CA ASN A 98 7.80 6.24 -8.93
C ASN A 98 6.67 7.13 -9.43
N ILE A 99 5.62 6.51 -9.95
CA ILE A 99 4.48 7.26 -10.46
C ILE A 99 3.55 7.71 -9.32
N ASN A 100 4.02 8.72 -8.59
CA ASN A 100 3.33 9.21 -7.41
C ASN A 100 1.95 9.77 -7.74
N GLU A 101 1.85 10.45 -8.87
CA GLU A 101 0.60 11.08 -9.27
C GLU A 101 -0.38 10.08 -9.88
N ARG A 102 0.17 9.04 -10.50
CA ARG A 102 -0.66 8.01 -11.13
C ARG A 102 -1.30 7.12 -10.06
N LEU A 103 -0.46 6.61 -9.17
CA LEU A 103 -0.91 5.76 -8.07
C LEU A 103 -1.65 6.61 -7.03
N ASN A 104 -1.23 7.87 -6.95
CA ASN A 104 -1.78 8.84 -6.00
C ASN A 104 -1.43 8.46 -4.58
N ILE A 105 -0.20 8.79 -4.19
CA ILE A 105 0.25 8.56 -2.82
C ILE A 105 0.04 9.82 -2.01
N GLY A 106 -0.63 9.68 -0.87
CA GLY A 106 -0.91 10.82 -0.02
C GLY A 106 0.34 11.55 0.44
N GLU A 107 0.22 12.86 0.62
CA GLU A 107 1.35 13.67 1.04
C GLU A 107 1.83 13.33 2.47
N PRO A 108 0.94 13.04 3.45
CA PRO A 108 1.38 12.58 4.77
C PRO A 108 2.05 11.22 4.71
N LEU A 109 1.85 10.52 3.60
CA LEU A 109 2.49 9.24 3.38
C LEU A 109 3.95 9.45 2.99
N LEU A 110 4.19 10.54 2.26
CA LEU A 110 5.54 10.89 1.82
C LEU A 110 6.41 11.27 3.01
N VAL A 111 5.83 11.99 3.97
CA VAL A 111 6.57 12.39 5.16
C VAL A 111 6.83 11.18 6.05
N TYR A 112 5.89 10.23 6.06
CA TYR A 112 6.04 9.00 6.83
C TYR A 112 7.19 8.16 6.28
N LEU A 113 7.34 8.19 4.96
CA LEU A 113 8.42 7.47 4.28
C LEU A 113 9.77 8.05 4.68
N ARG A 114 9.75 9.30 5.12
CA ARG A 114 10.96 9.96 5.56
C ARG A 114 11.20 9.72 7.05
N ARG A 115 10.22 10.08 7.86
CA ARG A 115 10.34 9.93 9.30
C ARG A 115 9.00 9.52 9.91
N GLN A 116 9.06 8.83 11.04
CA GLN A 116 7.87 8.40 11.74
C GLN A 116 8.02 8.68 13.23
N ASP A 117 6.92 9.11 13.86
CA ASP A 117 6.93 9.32 15.31
C ASP A 117 6.37 8.08 15.98
N LEU A 118 5.61 7.29 15.22
CA LEU A 118 5.14 6.00 15.67
C LEU A 118 5.76 4.91 14.81
N PRO A 119 6.59 4.05 15.41
CA PRO A 119 7.30 2.98 14.69
C PRO A 119 6.37 2.15 13.81
N GLU A 120 5.22 1.79 14.37
CA GLU A 120 4.22 1.03 13.63
C GLU A 120 2.84 1.61 13.87
N ILE A 121 2.21 2.08 12.80
CA ILE A 121 0.84 2.54 12.89
C ILE A 121 -0.10 1.36 12.65
N THR A 122 -0.71 0.87 13.72
CA THR A 122 -1.58 -0.28 13.63
C THR A 122 -3.04 0.13 13.65
N ALA A 123 -3.81 -0.44 12.74
CA ALA A 123 -5.24 -0.18 12.67
C ALA A 123 -5.99 -1.50 12.84
N GLN A 124 -6.99 -1.48 13.70
CA GLN A 124 -7.73 -2.69 14.02
C GLN A 124 -9.20 -2.38 14.27
N ARG A 125 -10.06 -3.31 13.86
CA ARG A 125 -11.49 -3.18 14.09
C ARG A 125 -12.01 -4.35 14.91
N GLN A 126 -12.22 -4.12 16.19
CA GLN A 126 -12.73 -5.15 17.08
C GLN A 126 -13.97 -4.65 17.81
N LEU A 127 -14.66 -5.57 18.48
CA LEU A 127 -15.89 -5.24 19.18
C LEU A 127 -15.62 -5.08 20.67
N ARG A 128 -14.36 -5.24 21.06
CA ARG A 128 -13.99 -5.12 22.46
C ARG A 128 -13.61 -3.68 22.79
N MET A 23 6.56 19.47 5.02
CA MET A 23 7.42 18.30 5.28
C MET A 23 7.36 17.91 6.76
N SER A 24 6.50 18.58 7.51
CA SER A 24 6.28 18.23 8.91
C SER A 24 5.31 17.05 9.00
N ILE A 25 5.39 16.31 10.09
CA ILE A 25 4.54 15.15 10.28
C ILE A 25 3.13 15.58 10.70
N THR A 26 2.15 14.87 10.19
CA THR A 26 0.76 15.19 10.45
C THR A 26 0.25 14.43 11.67
N SER A 27 -1.02 14.66 12.01
CA SER A 27 -1.66 13.96 13.10
C SER A 27 -2.07 12.55 12.66
N THR A 28 -2.84 11.86 13.51
CA THR A 28 -3.25 10.47 13.28
C THR A 28 -3.85 10.26 11.87
N ASP A 29 -4.33 11.34 11.26
CA ASP A 29 -4.86 11.31 9.89
C ASP A 29 -3.86 10.68 8.91
N ILE A 30 -2.58 10.68 9.30
CA ILE A 30 -1.52 10.05 8.50
C ILE A 30 -1.81 8.57 8.27
N CYS A 31 -2.34 7.91 9.30
CA CYS A 31 -2.64 6.49 9.23
C CYS A 31 -3.88 6.25 8.36
N GLN A 32 -4.77 7.23 8.36
CA GLN A 32 -6.02 7.13 7.63
C GLN A 32 -5.78 7.29 6.12
N ALA A 33 -4.81 8.12 5.77
CA ALA A 33 -4.49 8.41 4.38
C ALA A 33 -3.97 7.17 3.65
N ALA A 34 -3.49 6.19 4.41
CA ALA A 34 -3.00 4.94 3.85
C ALA A 34 -4.11 4.16 3.17
N ASP A 35 -5.35 4.37 3.62
CA ASP A 35 -6.49 3.69 3.02
C ASP A 35 -7.03 4.49 1.83
N ALA A 36 -6.66 5.76 1.77
CA ALA A 36 -7.14 6.65 0.73
C ALA A 36 -6.47 6.36 -0.62
N LEU A 37 -5.50 5.46 -0.60
CA LEU A 37 -4.80 5.06 -1.81
C LEU A 37 -5.75 4.35 -2.77
N LYS A 38 -5.43 4.36 -4.05
CA LYS A 38 -6.27 3.70 -5.04
C LYS A 38 -5.41 2.99 -6.09
N GLY A 39 -5.92 1.88 -6.60
CA GLY A 39 -5.18 1.12 -7.58
C GLY A 39 -4.79 -0.26 -7.06
N PHE A 40 -4.43 -1.15 -7.96
CA PHE A 40 -4.07 -2.51 -7.59
C PHE A 40 -2.60 -2.77 -7.90
N VAL A 41 -2.03 -3.76 -7.25
CA VAL A 41 -0.68 -4.20 -7.56
C VAL A 41 -0.74 -5.66 -8.00
N GLY A 42 -0.09 -5.97 -9.11
CA GLY A 42 -0.14 -7.30 -9.66
C GLY A 42 1.20 -7.73 -10.23
N PHE A 43 1.48 -9.02 -10.18
CA PHE A 43 2.76 -9.53 -10.65
C PHE A 43 2.67 -9.92 -12.12
N ASN A 44 3.28 -9.10 -12.97
CA ASN A 44 3.35 -9.41 -14.39
C ASN A 44 4.48 -10.41 -14.60
N ARG A 45 4.09 -11.66 -14.88
CA ARG A 45 5.07 -12.74 -15.01
C ARG A 45 5.85 -12.68 -16.31
N LYS A 46 5.36 -11.90 -17.27
CA LYS A 46 6.03 -11.75 -18.56
C LYS A 46 7.38 -11.08 -18.36
N THR A 47 7.37 -9.94 -17.68
CA THR A 47 8.60 -9.24 -17.34
C THR A 47 9.13 -9.74 -16.00
N GLY A 48 8.26 -10.38 -15.23
CA GLY A 48 8.65 -10.94 -13.95
C GLY A 48 8.79 -9.88 -12.88
N ARG A 49 7.84 -8.96 -12.80
CA ARG A 49 7.90 -7.89 -11.82
C ARG A 49 6.55 -7.66 -11.17
N TYR A 50 6.58 -7.21 -9.93
CA TYR A 50 5.37 -6.92 -9.18
C TYR A 50 5.06 -5.43 -9.33
N ILE A 51 4.11 -5.11 -10.20
CA ILE A 51 3.88 -3.73 -10.62
C ILE A 51 2.44 -3.30 -10.43
N VAL A 52 2.15 -2.05 -10.80
CA VAL A 52 0.82 -1.49 -10.60
C VAL A 52 -0.13 -1.88 -11.73
N ARG A 53 -1.37 -2.14 -11.37
CA ARG A 53 -2.41 -2.51 -12.32
C ARG A 53 -3.70 -1.76 -11.99
N PHE A 54 -4.32 -1.18 -13.01
CA PHE A 54 -5.58 -0.49 -12.83
C PHE A 54 -6.69 -1.26 -13.53
N SER A 55 -6.45 -2.56 -13.65
CA SER A 55 -7.38 -3.45 -14.31
C SER A 55 -7.23 -4.85 -13.72
N GLU A 56 -8.26 -5.33 -13.05
CA GLU A 56 -8.28 -6.70 -12.56
C GLU A 56 -8.39 -7.66 -13.73
N ASP A 57 -9.04 -7.19 -14.79
CA ASP A 57 -9.24 -7.97 -16.00
C ASP A 57 -7.91 -8.16 -16.74
N SER A 58 -6.91 -7.40 -16.33
CA SER A 58 -5.59 -7.47 -16.93
C SER A 58 -4.99 -8.87 -16.76
N PHE A 59 -5.32 -9.52 -15.65
CA PHE A 59 -4.83 -10.88 -15.41
C PHE A 59 -5.99 -11.85 -15.33
N GLY A 60 -6.24 -12.53 -16.44
CA GLY A 60 -7.30 -13.53 -16.48
C GLY A 60 -6.78 -14.87 -16.94
N MET A 61 -5.45 -15.00 -16.95
CA MET A 61 -4.80 -16.23 -17.35
C MET A 61 -3.49 -16.41 -16.60
N ASP A 62 -3.25 -17.62 -16.10
CA ASP A 62 -2.01 -17.99 -15.38
C ASP A 62 -1.91 -17.31 -14.02
N VAL A 63 -1.99 -15.99 -14.02
CA VAL A 63 -1.83 -15.21 -12.81
C VAL A 63 -3.10 -15.27 -11.96
N ALA A 64 -2.95 -15.67 -10.70
CA ALA A 64 -4.08 -15.75 -9.79
C ALA A 64 -4.49 -14.35 -9.34
N ASP A 65 -5.78 -14.17 -9.08
CA ASP A 65 -6.31 -12.88 -8.66
C ASP A 65 -5.81 -12.53 -7.25
N ASP A 66 -5.25 -13.52 -6.57
CA ASP A 66 -4.62 -13.31 -5.26
C ASP A 66 -3.34 -12.49 -5.43
N SER A 67 -2.77 -12.53 -6.62
CA SER A 67 -1.57 -11.78 -6.92
C SER A 67 -1.90 -10.32 -7.22
N ILE A 68 -3.19 -10.01 -7.19
CA ILE A 68 -3.68 -8.66 -7.41
C ILE A 68 -4.25 -8.09 -6.11
N THR A 69 -3.48 -7.22 -5.46
CA THR A 69 -3.91 -6.64 -4.20
C THR A 69 -4.00 -5.13 -4.32
N PRO A 70 -5.15 -4.53 -3.94
CA PRO A 70 -5.33 -3.08 -3.92
C PRO A 70 -4.36 -2.42 -2.95
N THR A 71 -3.75 -1.31 -3.38
CA THR A 71 -2.72 -0.66 -2.59
C THR A 71 -3.27 -0.12 -1.26
N SER A 72 -4.58 0.05 -1.18
CA SER A 72 -5.22 0.52 0.05
C SER A 72 -5.03 -0.50 1.18
N GLU A 73 -5.05 -1.78 0.83
CA GLU A 73 -4.88 -2.85 1.79
C GLU A 73 -3.45 -3.36 1.77
N PHE A 74 -2.78 -3.12 0.65
CA PHE A 74 -1.43 -3.63 0.42
C PHE A 74 -0.43 -3.05 1.40
N VAL A 75 -0.73 -1.89 1.97
CA VAL A 75 0.19 -1.23 2.88
C VAL A 75 0.02 -1.75 4.31
N TRP A 76 -0.92 -2.65 4.51
CA TRP A 76 -1.20 -3.20 5.83
C TRP A 76 -0.73 -4.64 5.92
N SER A 77 0.17 -4.90 6.86
CA SER A 77 0.68 -6.24 7.05
C SER A 77 0.21 -6.79 8.40
N SER A 78 -0.36 -7.99 8.38
CA SER A 78 -0.88 -8.61 9.59
C SER A 78 0.24 -9.04 10.52
N VAL A 79 0.30 -8.42 11.70
CA VAL A 79 1.29 -8.78 12.70
C VAL A 79 0.59 -9.40 13.91
N ARG A 80 -0.72 -9.46 13.84
CA ARG A 80 -1.54 -9.99 14.91
C ARG A 80 -2.78 -10.65 14.29
N ASP A 81 -3.82 -10.86 15.09
CA ASP A 81 -5.03 -11.51 14.59
C ASP A 81 -5.74 -10.61 13.57
N ASP A 82 -6.19 -9.44 14.03
CA ASP A 82 -6.82 -8.46 13.15
C ASP A 82 -5.93 -7.22 13.04
N VAL A 83 -5.07 -7.04 14.02
CA VAL A 83 -4.21 -5.88 14.09
C VAL A 83 -3.11 -5.95 13.03
N MET A 84 -3.16 -5.01 12.09
CA MET A 84 -2.16 -4.92 11.04
C MET A 84 -1.35 -3.65 11.19
N ARG A 85 -0.05 -3.72 10.92
CA ARG A 85 0.81 -2.56 11.00
C ARG A 85 1.09 -2.00 9.62
N LEU A 86 1.54 -0.75 9.58
CA LEU A 86 1.93 -0.11 8.34
C LEU A 86 3.17 -0.79 7.79
N GLY A 87 3.01 -1.46 6.66
CA GLY A 87 4.13 -2.13 6.04
C GLY A 87 4.99 -1.16 5.27
N ARG A 88 6.05 -0.68 5.90
CA ARG A 88 6.91 0.34 5.32
C ARG A 88 7.63 -0.19 4.08
N GLU A 89 7.64 -1.51 3.94
CA GLU A 89 8.22 -2.16 2.78
C GLU A 89 7.44 -1.82 1.51
N GLN A 90 6.17 -1.45 1.69
CA GLN A 90 5.30 -1.15 0.55
C GLN A 90 5.89 -0.01 -0.30
N LEU A 91 6.60 0.91 0.34
CA LEU A 91 7.22 2.04 -0.37
C LEU A 91 8.34 1.54 -1.29
N GLN A 92 9.01 0.49 -0.86
CA GLN A 92 10.11 -0.08 -1.64
C GLN A 92 9.58 -0.72 -2.91
N ILE A 93 8.36 -1.22 -2.85
CA ILE A 93 7.72 -1.79 -4.03
C ILE A 93 7.21 -0.69 -4.96
N LEU A 94 6.64 0.37 -4.37
CA LEU A 94 6.05 1.46 -5.15
C LEU A 94 7.08 2.19 -6.00
N LEU A 95 8.32 2.25 -5.52
CA LEU A 95 9.38 3.00 -6.22
C LEU A 95 9.60 2.46 -7.64
N GLU A 96 9.20 1.22 -7.88
CA GLU A 96 9.25 0.63 -9.23
C GLU A 96 8.43 1.46 -10.21
N GLN A 97 7.28 1.94 -9.76
CA GLN A 97 6.41 2.76 -10.59
C GLN A 97 6.19 4.12 -9.93
N ASN A 98 6.99 5.11 -10.33
CA ASN A 98 6.97 6.40 -9.69
C ASN A 98 5.85 7.28 -10.23
N ILE A 99 4.67 7.13 -9.64
CA ILE A 99 3.52 7.94 -10.02
C ILE A 99 2.58 8.17 -8.83
N ASN A 100 2.84 9.25 -8.09
CA ASN A 100 2.08 9.54 -6.87
C ASN A 100 0.67 9.99 -7.21
N GLU A 101 0.53 10.74 -8.30
CA GLU A 101 -0.78 11.25 -8.69
C GLU A 101 -1.63 10.13 -9.26
N ARG A 102 -0.98 9.14 -9.84
CA ARG A 102 -1.67 8.00 -10.43
C ARG A 102 -2.30 7.12 -9.35
N LEU A 103 -1.48 6.72 -8.39
CA LEU A 103 -1.93 5.85 -7.30
C LEU A 103 -2.60 6.64 -6.17
N ASN A 104 -2.42 7.95 -6.20
CA ASN A 104 -2.98 8.84 -5.17
C ASN A 104 -2.34 8.58 -3.81
N ILE A 105 -1.01 8.50 -3.78
CA ILE A 105 -0.30 8.32 -2.52
C ILE A 105 -0.51 9.55 -1.63
N GLY A 106 -0.94 9.30 -0.40
CA GLY A 106 -1.22 10.38 0.52
C GLY A 106 0.01 11.21 0.86
N GLU A 107 -0.20 12.49 1.06
CA GLU A 107 0.88 13.41 1.40
C GLU A 107 1.55 13.05 2.72
N PRO A 108 0.77 12.73 3.79
CA PRO A 108 1.34 12.24 5.06
C PRO A 108 2.20 10.98 4.87
N LEU A 109 1.98 10.28 3.77
CA LEU A 109 2.74 9.07 3.46
C LEU A 109 4.14 9.44 2.98
N LEU A 110 4.26 10.61 2.34
CA LEU A 110 5.55 11.10 1.88
C LEU A 110 6.39 11.59 3.05
N VAL A 111 5.76 12.31 3.97
CA VAL A 111 6.46 12.84 5.14
C VAL A 111 6.86 11.71 6.09
N TYR A 112 6.05 10.66 6.13
CA TYR A 112 6.35 9.48 6.95
C TYR A 112 7.67 8.84 6.50
N LEU A 113 7.99 9.02 5.22
CA LEU A 113 9.24 8.50 4.67
C LEU A 113 10.44 9.27 5.23
N ARG A 114 10.23 10.55 5.52
CA ARG A 114 11.28 11.38 6.10
C ARG A 114 11.67 10.85 7.46
N ARG A 115 10.69 10.72 8.33
CA ARG A 115 10.89 10.13 9.64
C ARG A 115 9.56 9.61 10.17
N GLN A 116 9.61 8.51 10.90
CA GLN A 116 8.38 7.91 11.43
C GLN A 116 8.09 8.43 12.83
N ASP A 117 6.83 8.34 13.23
CA ASP A 117 6.39 8.81 14.53
C ASP A 117 6.34 7.64 15.52
N LEU A 118 5.65 6.58 15.13
CA LEU A 118 5.59 5.37 15.93
C LEU A 118 5.80 4.15 15.05
N PRO A 119 6.43 3.10 15.60
CA PRO A 119 6.56 1.82 14.91
C PRO A 119 5.24 1.05 14.89
N GLU A 120 4.41 1.32 15.90
CA GLU A 120 3.15 0.61 16.05
C GLU A 120 2.00 1.35 15.36
N ILE A 121 2.21 1.76 14.13
CA ILE A 121 1.13 2.29 13.33
C ILE A 121 0.22 1.13 12.96
N THR A 122 -0.91 1.05 13.63
CA THR A 122 -1.74 -0.13 13.56
C THR A 122 -3.17 0.19 13.17
N ALA A 123 -3.72 -0.65 12.31
CA ALA A 123 -5.10 -0.56 11.92
C ALA A 123 -5.82 -1.86 12.25
N GLN A 124 -6.90 -1.75 13.00
CA GLN A 124 -7.71 -2.91 13.35
C GLN A 124 -9.17 -2.50 13.43
N ARG A 125 -10.07 -3.42 13.14
CA ARG A 125 -11.48 -3.11 13.16
C ARG A 125 -12.15 -3.73 14.38
N GLN A 126 -12.59 -2.88 15.27
CA GLN A 126 -13.21 -3.31 16.51
C GLN A 126 -14.58 -3.93 16.24
N LEU A 127 -14.66 -5.24 16.44
CA LEU A 127 -15.88 -5.99 16.11
C LEU A 127 -16.93 -5.88 17.20
N ARG A 128 -16.74 -4.94 18.12
CA ARG A 128 -17.75 -4.65 19.14
C ARG A 128 -18.08 -3.17 19.10
#